data_8SVD
#
_entry.id   8SVD
#
_cell.length_a   68.034
_cell.length_b   155.758
_cell.length_c   117.844
_cell.angle_alpha   90.00
_cell.angle_beta   97.26
_cell.angle_gamma   90.00
#
_symmetry.space_group_name_H-M   'P 1 21 1'
#
loop_
_entity.id
_entity.type
_entity.pdbx_description
1 polymer DarR
2 polymer "DNA (5'-D(P*TP*AP*GP*AP*TP*AP*CP*TP*CP*CP*GP*GP*AP*GP*TP*AP*TP*CP*TP*A)-3')"
#
loop_
_entity_poly.entity_id
_entity_poly.type
_entity_poly.pdbx_seq_one_letter_code
_entity_poly.pdbx_strand_id
1 'polypeptide(L)'
;GSHMSASAELEPDVKGRILDAAADAFMARGFANTTIDDIADEVGATKGLIYYHFRSKFDIFLAVYEDGMRRVRERVEPHS
TAPGTGHQRLEAMSIAHLENLMTELGYHHVVHQGVRHQDSTALKVRQRDALTALNELRRDYERMFRRVIAEGIADGSLRR
VDEALATRTLLSNLNAVDVWYRKIEGQTGEEIRELASQVVDMLIGGLAD
;
A,F,G,T,E,I,J,K
2 'polydeoxyribonucleotide' (DT)(DA)(DG)(DA)(DT)(DA)(DC)(DT)(DC)(DC)(DG)(DG)(DA)(DG)(DT)(DA)(DT)(DC)(DT)(DA) D,B,M,Q
#
# COMPACT_ATOMS: atom_id res chain seq x y z
N ASP A 13 -42.88 -22.94 4.19
CA ASP A 13 -44.18 -22.58 4.73
C ASP A 13 -44.50 -21.12 4.47
N VAL A 14 -44.51 -20.33 5.55
CA VAL A 14 -44.89 -18.92 5.44
C VAL A 14 -43.92 -18.17 4.53
N LYS A 15 -42.62 -18.41 4.71
CA LYS A 15 -41.63 -17.78 3.83
C LYS A 15 -41.81 -18.25 2.39
N GLY A 16 -41.97 -19.56 2.19
CA GLY A 16 -42.16 -20.08 0.85
C GLY A 16 -43.41 -19.54 0.18
N ARG A 17 -44.44 -19.23 0.98
CA ARG A 17 -45.62 -18.58 0.43
C ARG A 17 -45.28 -17.21 -0.14
N ILE A 18 -44.44 -16.44 0.56
CA ILE A 18 -44.05 -15.13 0.08
C ILE A 18 -43.18 -15.23 -1.17
N LEU A 19 -42.23 -16.18 -1.18
CA LEU A 19 -41.33 -16.28 -2.32
C LEU A 19 -42.09 -16.53 -3.62
N ASP A 20 -43.09 -17.41 -3.58
CA ASP A 20 -43.94 -17.63 -4.75
C ASP A 20 -44.69 -16.36 -5.14
N ALA A 21 -45.35 -15.72 -4.17
CA ALA A 21 -46.10 -14.51 -4.46
C ALA A 21 -45.18 -13.39 -4.95
N ALA A 22 -43.94 -13.36 -4.46
CA ALA A 22 -42.98 -12.38 -4.97
C ALA A 22 -42.46 -12.77 -6.35
N ALA A 23 -42.20 -14.07 -6.58
CA ALA A 23 -41.57 -14.51 -7.82
C ALA A 23 -42.43 -14.16 -9.04
N ASP A 24 -43.69 -14.60 -9.04
CA ASP A 24 -44.56 -14.27 -10.17
C ASP A 24 -44.83 -12.78 -10.26
N ALA A 25 -44.85 -12.09 -9.12
CA ALA A 25 -45.06 -10.64 -9.13
C ALA A 25 -43.89 -9.91 -9.78
N PHE A 26 -42.65 -10.34 -9.50
CA PHE A 26 -41.50 -9.76 -10.19
C PHE A 26 -41.57 -10.03 -11.68
N MET A 27 -41.98 -11.23 -12.08
CA MET A 27 -42.17 -11.53 -13.49
C MET A 27 -43.25 -10.65 -14.10
N ALA A 28 -44.40 -10.51 -13.41
CA ALA A 28 -45.56 -9.89 -14.02
C ALA A 28 -45.33 -8.42 -14.33
N ARG A 29 -44.71 -7.69 -13.40
CA ARG A 29 -44.54 -6.24 -13.56
C ARG A 29 -43.09 -5.78 -13.54
N GLY A 30 -42.17 -6.54 -12.97
CA GLY A 30 -40.79 -6.10 -12.91
C GLY A 30 -40.44 -5.53 -11.55
N PHE A 31 -39.20 -5.79 -11.09
CA PHE A 31 -38.75 -5.35 -9.78
C PHE A 31 -38.99 -3.85 -9.56
N ALA A 32 -38.89 -3.05 -10.63
CA ALA A 32 -39.02 -1.61 -10.49
C ALA A 32 -40.44 -1.19 -10.10
N ASN A 33 -41.45 -1.73 -10.79
CA ASN A 33 -42.83 -1.30 -10.59
C ASN A 33 -43.67 -2.36 -9.85
N THR A 34 -43.07 -3.03 -8.88
CA THR A 34 -43.80 -3.97 -8.02
C THR A 34 -43.64 -3.50 -6.58
N THR A 35 -44.62 -2.70 -6.13
CA THR A 35 -44.53 -2.06 -4.82
C THR A 35 -44.57 -3.10 -3.71
N ILE A 36 -43.99 -2.76 -2.56
CA ILE A 36 -43.93 -3.71 -1.45
C ILE A 36 -45.32 -4.16 -1.04
N ASP A 37 -46.25 -3.22 -0.87
CA ASP A 37 -47.62 -3.63 -0.58
C ASP A 37 -48.30 -4.22 -1.80
N ASP A 38 -47.78 -3.98 -3.00
CA ASP A 38 -48.32 -4.62 -4.19
C ASP A 38 -48.07 -6.12 -4.15
N ILE A 39 -46.98 -6.56 -3.53
CA ILE A 39 -46.74 -7.99 -3.30
C ILE A 39 -47.16 -8.43 -1.91
N ALA A 40 -47.76 -7.53 -1.13
CA ALA A 40 -48.23 -7.89 0.21
C ALA A 40 -49.70 -8.29 0.23
N ASP A 41 -50.49 -7.85 -0.74
CA ASP A 41 -51.90 -8.25 -0.80
C ASP A 41 -52.08 -9.60 -1.45
N GLU A 42 -51.07 -10.12 -2.16
CA GLU A 42 -51.17 -11.47 -2.71
C GLU A 42 -51.04 -12.52 -1.61
N VAL A 43 -50.27 -12.24 -0.56
CA VAL A 43 -50.14 -13.18 0.55
C VAL A 43 -51.19 -12.98 1.64
N GLY A 44 -51.87 -11.84 1.66
CA GLY A 44 -52.96 -11.62 2.58
C GLY A 44 -52.60 -10.91 3.87
N ALA A 45 -51.39 -10.38 3.98
CA ALA A 45 -51.04 -9.61 5.17
C ALA A 45 -50.57 -8.22 4.77
N THR A 46 -50.04 -7.50 5.75
CA THR A 46 -49.56 -6.13 5.46
C THR A 46 -48.08 -6.15 5.12
N LYS A 47 -47.48 -5.02 4.74
CA LYS A 47 -46.03 -5.06 4.41
C LYS A 47 -45.21 -5.55 5.60
N GLY A 48 -45.76 -5.43 6.81
CA GLY A 48 -45.07 -5.84 8.04
C GLY A 48 -44.44 -7.21 7.97
N LEU A 49 -45.17 -8.23 7.49
CA LEU A 49 -44.61 -9.60 7.44
C LEU A 49 -43.81 -9.77 6.15
N ILE A 50 -43.93 -8.83 5.22
CA ILE A 50 -43.11 -8.98 3.98
C ILE A 50 -41.73 -8.49 4.38
N TYR A 51 -41.64 -7.46 5.22
CA TYR A 51 -40.31 -6.89 5.56
C TYR A 51 -39.80 -7.60 6.81
N TYR A 52 -40.67 -8.31 7.50
CA TYR A 52 -40.22 -9.02 8.71
C TYR A 52 -39.23 -10.10 8.33
N HIS A 53 -39.52 -10.81 7.23
CA HIS A 53 -38.69 -11.96 6.79
C HIS A 53 -37.50 -11.49 5.95
N PHE A 54 -37.66 -10.41 5.18
CA PHE A 54 -36.58 -10.00 4.30
C PHE A 54 -36.31 -8.52 4.55
N ARG A 55 -35.06 -8.19 4.89
CA ARG A 55 -34.73 -6.83 5.30
C ARG A 55 -34.77 -5.82 4.16
N SER A 56 -34.86 -6.27 2.91
CA SER A 56 -34.87 -5.34 1.78
C SER A 56 -35.67 -5.93 0.64
N LYS A 57 -36.14 -5.03 -0.24
CA LYS A 57 -36.78 -5.48 -1.47
C LYS A 57 -35.78 -6.16 -2.40
N PHE A 58 -34.51 -5.76 -2.34
CA PHE A 58 -33.47 -6.43 -3.10
C PHE A 58 -33.12 -7.79 -2.51
N ASP A 59 -33.31 -7.96 -1.20
CA ASP A 59 -33.02 -9.25 -0.57
C ASP A 59 -34.03 -10.32 -1.00
N ILE A 60 -35.26 -9.91 -1.33
CA ILE A 60 -36.23 -10.87 -1.83
C ILE A 60 -35.81 -11.36 -3.21
N PHE A 61 -35.33 -10.45 -4.05
CA PHE A 61 -34.82 -10.81 -5.37
C PHE A 61 -33.74 -11.88 -5.24
N LEU A 62 -32.79 -11.67 -4.30
CA LEU A 62 -31.73 -12.63 -4.11
C LEU A 62 -32.23 -13.93 -3.48
N ALA A 63 -33.39 -13.92 -2.84
CA ALA A 63 -33.99 -15.14 -2.31
C ALA A 63 -34.80 -15.89 -3.36
N VAL A 64 -35.14 -15.25 -4.47
CA VAL A 64 -35.76 -15.93 -5.61
C VAL A 64 -34.71 -16.39 -6.60
N TYR A 65 -33.72 -15.53 -6.86
CA TYR A 65 -32.63 -15.87 -7.77
C TYR A 65 -31.83 -17.07 -7.26
N GLU A 66 -31.76 -17.25 -5.94
CA GLU A 66 -31.01 -18.36 -5.36
C GLU A 66 -31.82 -19.65 -5.25
N ASP A 67 -33.15 -19.57 -5.26
CA ASP A 67 -33.97 -20.77 -5.33
C ASP A 67 -34.36 -21.11 -6.75
N GLY A 68 -34.65 -20.10 -7.57
CA GLY A 68 -35.03 -20.37 -8.96
C GLY A 68 -33.94 -21.11 -9.72
N MET A 69 -32.68 -20.71 -9.51
CA MET A 69 -31.58 -21.44 -10.12
C MET A 69 -31.27 -22.74 -9.40
N ARG A 70 -31.41 -22.78 -8.08
CA ARG A 70 -31.22 -24.03 -7.37
C ARG A 70 -32.28 -25.06 -7.75
N ARG A 71 -33.40 -24.61 -8.29
CA ARG A 71 -34.45 -25.50 -8.78
C ARG A 71 -34.32 -25.86 -10.25
N VAL A 72 -33.36 -25.26 -10.97
CA VAL A 72 -33.18 -25.59 -12.38
C VAL A 72 -31.94 -26.45 -12.55
N ARG A 73 -30.99 -26.34 -11.62
CA ARG A 73 -29.82 -27.22 -11.62
C ARG A 73 -30.06 -28.51 -10.85
N GLU A 74 -31.29 -28.72 -10.37
CA GLU A 74 -31.66 -29.99 -9.77
C GLU A 74 -32.34 -30.93 -10.76
N ARG A 75 -32.65 -30.47 -11.97
CA ARG A 75 -33.15 -31.30 -13.04
C ARG A 75 -32.12 -31.54 -14.14
N VAL A 76 -31.35 -30.53 -14.50
CA VAL A 76 -30.51 -30.57 -15.68
C VAL A 76 -29.07 -30.99 -15.37
N GLU A 77 -28.65 -30.89 -14.12
CA GLU A 77 -27.38 -31.44 -13.67
C GLU A 77 -27.47 -32.96 -13.53
N PRO A 78 -28.60 -33.53 -13.09
CA PRO A 78 -28.74 -35.00 -13.13
C PRO A 78 -28.54 -35.61 -14.50
N HIS A 79 -28.89 -34.90 -15.58
CA HIS A 79 -28.75 -35.43 -16.93
C HIS A 79 -27.35 -35.23 -17.51
N SER A 80 -26.34 -35.03 -16.65
CA SER A 80 -24.97 -34.87 -17.12
C SER A 80 -24.24 -36.19 -17.28
N THR A 81 -24.65 -37.23 -16.56
CA THR A 81 -24.08 -38.57 -16.68
C THR A 81 -25.26 -39.54 -16.75
N ALA A 82 -25.65 -39.89 -17.98
CA ALA A 82 -26.92 -40.57 -18.22
C ALA A 82 -26.79 -41.39 -19.50
N PRO A 83 -27.77 -42.28 -19.78
CA PRO A 83 -27.73 -43.05 -21.03
C PRO A 83 -28.05 -42.24 -22.27
N GLY A 84 -27.06 -41.57 -22.85
CA GLY A 84 -27.30 -40.83 -24.08
C GLY A 84 -25.99 -40.42 -24.73
N THR A 85 -26.10 -40.11 -26.02
CA THR A 85 -24.99 -39.56 -26.79
C THR A 85 -24.86 -38.07 -26.50
N GLY A 86 -24.11 -37.36 -27.35
CA GLY A 86 -24.02 -35.92 -27.24
C GLY A 86 -25.39 -35.26 -27.27
N HIS A 87 -26.16 -35.53 -28.32
CA HIS A 87 -27.51 -34.95 -28.41
C HIS A 87 -28.46 -35.64 -27.44
N GLN A 88 -28.38 -36.96 -27.31
CA GLN A 88 -29.34 -37.69 -26.49
C GLN A 88 -29.27 -37.31 -25.01
N ARG A 89 -28.13 -36.84 -24.53
CA ARG A 89 -28.07 -36.25 -23.20
C ARG A 89 -28.40 -34.76 -23.23
N LEU A 90 -27.93 -34.05 -24.24
CA LEU A 90 -28.24 -32.63 -24.36
C LEU A 90 -29.73 -32.40 -24.53
N GLU A 91 -30.39 -33.25 -25.34
CA GLU A 91 -31.84 -33.18 -25.44
C GLU A 91 -32.51 -33.49 -24.11
N ALA A 92 -32.04 -34.52 -23.41
CA ALA A 92 -32.59 -34.83 -22.10
C ALA A 92 -32.37 -33.69 -21.13
N MET A 93 -31.22 -33.00 -21.23
CA MET A 93 -30.96 -31.84 -20.40
C MET A 93 -31.92 -30.70 -20.72
N SER A 94 -31.97 -30.30 -21.98
CA SER A 94 -32.74 -29.11 -22.37
C SER A 94 -34.24 -29.30 -22.20
N ILE A 95 -34.72 -30.54 -22.18
CA ILE A 95 -36.13 -30.77 -21.87
C ILE A 95 -36.42 -30.38 -20.42
N ALA A 96 -35.66 -30.97 -19.48
CA ALA A 96 -35.86 -30.68 -18.07
C ALA A 96 -35.50 -29.24 -17.71
N HIS A 97 -34.66 -28.59 -18.52
CA HIS A 97 -34.41 -27.16 -18.34
C HIS A 97 -35.64 -26.36 -18.73
N LEU A 98 -36.06 -26.50 -19.99
CA LEU A 98 -37.26 -25.83 -20.47
C LEU A 98 -38.51 -26.35 -19.79
N GLU A 99 -38.44 -27.49 -19.12
CA GLU A 99 -39.54 -27.97 -18.30
C GLU A 99 -39.83 -27.00 -17.15
N ASN A 100 -38.85 -26.76 -16.29
CA ASN A 100 -39.08 -25.90 -15.13
C ASN A 100 -39.39 -24.48 -15.54
N LEU A 101 -38.80 -24.01 -16.65
CA LEU A 101 -39.20 -22.73 -17.22
C LEU A 101 -40.69 -22.74 -17.55
N MET A 102 -41.21 -23.87 -17.98
CA MET A 102 -42.63 -23.95 -18.32
C MET A 102 -43.52 -24.07 -17.09
N THR A 103 -43.02 -24.67 -16.01
CA THR A 103 -43.83 -24.86 -14.81
C THR A 103 -43.75 -23.65 -13.87
N GLU A 104 -42.55 -23.16 -13.60
CA GLU A 104 -42.37 -22.04 -12.68
C GLU A 104 -41.74 -20.85 -13.39
N LEU A 105 -42.30 -20.49 -14.55
CA LEU A 105 -41.83 -19.34 -15.32
C LEU A 105 -41.75 -18.06 -14.50
N GLY A 106 -42.47 -17.98 -13.37
CA GLY A 106 -42.25 -16.87 -12.45
C GLY A 106 -40.84 -16.87 -11.87
N TYR A 107 -40.42 -18.01 -11.33
CA TYR A 107 -39.06 -18.13 -10.80
C TYR A 107 -38.00 -18.02 -11.88
N HIS A 108 -38.36 -18.31 -13.14
CA HIS A 108 -37.39 -18.26 -14.22
C HIS A 108 -37.08 -16.83 -14.67
N HIS A 109 -38.11 -15.99 -14.81
CA HIS A 109 -37.94 -14.74 -15.52
C HIS A 109 -37.00 -13.77 -14.83
N VAL A 110 -36.65 -14.01 -13.56
CA VAL A 110 -35.80 -13.09 -12.83
C VAL A 110 -34.36 -13.13 -13.37
N VAL A 111 -33.87 -14.32 -13.73
CA VAL A 111 -32.42 -14.50 -13.86
C VAL A 111 -31.89 -13.78 -15.09
N HIS A 112 -32.36 -14.17 -16.28
CA HIS A 112 -31.79 -13.58 -17.50
C HIS A 112 -32.28 -12.16 -17.72
N GLN A 113 -33.42 -11.78 -17.16
CA GLN A 113 -33.82 -10.37 -17.19
C GLN A 113 -32.99 -9.54 -16.22
N GLY A 114 -32.82 -10.04 -14.99
CA GLY A 114 -32.04 -9.36 -13.99
C GLY A 114 -30.55 -9.61 -14.10
N VAL A 115 -29.96 -9.28 -15.25
CA VAL A 115 -28.54 -9.41 -15.48
C VAL A 115 -27.90 -8.04 -15.80
N ARG A 116 -28.51 -7.31 -16.72
CA ARG A 116 -27.91 -6.05 -17.18
C ARG A 116 -27.84 -5.03 -16.06
N HIS A 117 -28.86 -4.98 -15.20
CA HIS A 117 -28.87 -4.08 -14.05
C HIS A 117 -28.17 -4.79 -12.89
N THR A 121 -27.14 0.52 -9.96
CA THR A 121 -28.05 0.84 -8.87
C THR A 121 -27.29 0.83 -7.54
N ALA A 122 -27.87 1.51 -6.56
CA ALA A 122 -27.32 1.49 -5.21
C ALA A 122 -27.35 0.07 -4.64
N LEU A 123 -26.31 -0.28 -3.89
CA LEU A 123 -26.13 -1.66 -3.49
C LEU A 123 -25.20 -1.75 -2.28
N LYS A 124 -25.61 -2.52 -1.28
CA LYS A 124 -24.79 -2.72 -0.09
C LYS A 124 -23.58 -3.60 -0.43
N VAL A 125 -22.61 -3.60 0.48
CA VAL A 125 -21.39 -4.38 0.25
C VAL A 125 -21.72 -5.88 0.24
N ARG A 126 -22.67 -6.30 1.06
CA ARG A 126 -23.08 -7.70 1.16
C ARG A 126 -24.12 -8.06 0.10
N GLN A 127 -24.39 -7.14 -0.83
CA GLN A 127 -25.38 -7.35 -1.88
C GLN A 127 -24.77 -7.42 -3.26
N ARG A 128 -23.79 -6.56 -3.56
CA ARG A 128 -23.14 -6.61 -4.90
C ARG A 128 -22.41 -7.94 -5.06
N ASP A 129 -21.66 -8.35 -4.04
CA ASP A 129 -20.97 -9.64 -4.10
C ASP A 129 -21.97 -10.80 -4.07
N ALA A 130 -23.01 -10.69 -3.23
CA ALA A 130 -24.01 -11.74 -3.18
C ALA A 130 -24.77 -11.86 -4.50
N LEU A 131 -25.01 -10.75 -5.18
CA LEU A 131 -25.55 -10.82 -6.53
C LEU A 131 -24.52 -11.37 -7.51
N THR A 132 -23.25 -10.96 -7.37
CA THR A 132 -22.21 -11.45 -8.25
C THR A 132 -21.90 -12.93 -7.97
N ALA A 133 -21.87 -13.32 -6.69
CA ALA A 133 -21.66 -14.72 -6.36
C ALA A 133 -22.82 -15.60 -6.81
N LEU A 134 -23.95 -15.01 -7.17
CA LEU A 134 -25.05 -15.72 -7.80
C LEU A 134 -25.10 -15.52 -9.30
N ASN A 135 -24.55 -14.42 -9.81
CA ASN A 135 -24.56 -14.14 -11.25
C ASN A 135 -23.46 -14.88 -12.00
N GLU A 136 -22.48 -15.44 -11.30
CA GLU A 136 -21.50 -16.32 -11.92
C GLU A 136 -21.71 -17.78 -11.53
N LEU A 137 -22.56 -18.04 -10.54
CA LEU A 137 -23.10 -19.39 -10.39
C LEU A 137 -23.99 -19.73 -11.58
N ARG A 138 -24.60 -18.70 -12.21
CA ARG A 138 -25.24 -18.89 -13.50
C ARG A 138 -24.21 -19.16 -14.60
N ARG A 139 -22.96 -18.78 -14.39
CA ARG A 139 -21.89 -19.19 -15.29
C ARG A 139 -21.49 -20.65 -15.06
N ASP A 140 -21.72 -21.18 -13.86
CA ASP A 140 -21.51 -22.61 -13.62
C ASP A 140 -22.56 -23.43 -14.37
N TYR A 141 -23.81 -22.96 -14.38
CA TYR A 141 -24.83 -23.58 -15.21
C TYR A 141 -24.44 -23.54 -16.68
N GLU A 142 -23.87 -22.41 -17.12
CA GLU A 142 -23.37 -22.32 -18.49
C GLU A 142 -22.13 -23.18 -18.68
N ARG A 143 -21.36 -23.40 -17.62
CA ARG A 143 -20.13 -24.20 -17.73
C ARG A 143 -20.45 -25.62 -18.16
N MET A 144 -21.49 -26.23 -17.59
CA MET A 144 -21.80 -27.62 -17.90
C MET A 144 -22.33 -27.77 -19.32
N PHE A 145 -23.09 -26.78 -19.81
CA PHE A 145 -23.64 -26.89 -21.15
C PHE A 145 -22.56 -26.77 -22.22
N ARG A 146 -21.51 -26.00 -21.95
CA ARG A 146 -20.34 -26.05 -22.84
C ARG A 146 -19.58 -27.35 -22.68
N ARG A 147 -19.65 -27.97 -21.51
CA ARG A 147 -18.95 -29.22 -21.27
C ARG A 147 -19.58 -30.37 -22.06
N VAL A 148 -20.89 -30.33 -22.27
CA VAL A 148 -21.56 -31.41 -23.00
C VAL A 148 -21.73 -31.09 -24.48
N ILE A 149 -21.39 -29.88 -24.92
CA ILE A 149 -21.30 -29.61 -26.35
C ILE A 149 -19.94 -30.06 -26.88
N ALA A 150 -18.87 -29.86 -26.09
CA ALA A 150 -17.59 -30.47 -26.43
C ALA A 150 -17.68 -31.99 -26.39
N GLU A 151 -18.35 -32.54 -25.38
CA GLU A 151 -18.64 -33.98 -25.38
C GLU A 151 -19.56 -34.36 -26.53
N GLY A 152 -20.42 -33.44 -26.95
CA GLY A 152 -21.28 -33.67 -28.09
C GLY A 152 -20.62 -33.49 -29.43
N ILE A 153 -19.34 -33.12 -29.46
CA ILE A 153 -18.61 -32.97 -30.70
C ILE A 153 -17.51 -34.03 -30.86
N ALA A 154 -16.87 -34.46 -29.77
CA ALA A 154 -15.92 -35.56 -29.85
C ALA A 154 -16.64 -36.86 -30.23
N ASP A 155 -17.70 -37.19 -29.48
CA ASP A 155 -18.64 -38.23 -29.90
C ASP A 155 -19.77 -37.59 -30.70
N GLY A 156 -19.37 -36.94 -31.79
CA GLY A 156 -20.22 -35.99 -32.47
C GLY A 156 -21.50 -36.54 -33.08
N SER A 157 -22.62 -36.23 -32.44
CA SER A 157 -23.93 -36.35 -33.04
C SER A 157 -24.50 -34.99 -33.42
N LEU A 158 -23.73 -33.93 -33.18
CA LEU A 158 -24.12 -32.56 -33.48
C LEU A 158 -23.04 -31.93 -34.35
N ARG A 159 -23.38 -30.80 -34.97
CA ARG A 159 -22.50 -30.18 -35.95
C ARG A 159 -21.27 -29.55 -35.30
N ARG A 160 -20.26 -29.31 -36.13
CA ARG A 160 -18.91 -28.95 -35.69
C ARG A 160 -18.67 -27.45 -35.72
N VAL A 161 -19.67 -26.65 -35.37
CA VAL A 161 -19.57 -25.21 -35.34
C VAL A 161 -18.73 -24.80 -34.13
N ASP A 162 -18.29 -23.55 -34.09
CA ASP A 162 -17.50 -23.04 -32.98
C ASP A 162 -18.23 -23.24 -31.66
N GLU A 163 -17.47 -23.62 -30.62
CA GLU A 163 -18.05 -23.82 -29.30
C GLU A 163 -18.44 -22.49 -28.66
N ALA A 164 -17.46 -21.61 -28.47
CA ALA A 164 -17.58 -20.41 -27.64
C ALA A 164 -18.88 -19.63 -27.83
N LEU A 165 -19.36 -19.56 -29.07
CA LEU A 165 -20.60 -18.83 -29.33
C LEU A 165 -21.81 -19.74 -29.35
N ALA A 166 -21.69 -20.93 -29.95
CA ALA A 166 -22.83 -21.86 -29.99
C ALA A 166 -23.24 -22.32 -28.60
N THR A 167 -22.29 -22.38 -27.66
CA THR A 167 -22.65 -22.69 -26.28
C THR A 167 -23.53 -21.61 -25.67
N ARG A 168 -23.22 -20.34 -25.97
CA ARG A 168 -23.96 -19.23 -25.38
C ARG A 168 -25.24 -18.90 -26.14
N THR A 169 -25.50 -19.53 -27.28
CA THR A 169 -26.71 -19.24 -28.04
C THR A 169 -27.87 -20.15 -27.63
N LEU A 170 -27.67 -21.46 -27.71
CA LEU A 170 -28.77 -22.38 -27.49
C LEU A 170 -29.35 -22.23 -26.09
N LEU A 171 -28.50 -22.06 -25.08
CA LEU A 171 -29.00 -21.78 -23.74
C LEU A 171 -29.74 -20.44 -23.70
N SER A 172 -29.18 -19.42 -24.34
CA SER A 172 -29.88 -18.14 -24.46
C SER A 172 -31.12 -18.27 -25.32
N ASN A 173 -31.04 -19.05 -26.39
CA ASN A 173 -32.20 -19.27 -27.25
C ASN A 173 -33.32 -19.97 -26.48
N LEU A 174 -32.96 -20.74 -25.47
CA LEU A 174 -33.88 -21.59 -24.73
C LEU A 174 -34.24 -21.02 -23.36
N ASN A 175 -33.71 -19.85 -23.00
CA ASN A 175 -34.26 -19.05 -21.91
C ASN A 175 -35.29 -18.06 -22.40
N ALA A 176 -35.19 -17.63 -23.66
CA ALA A 176 -36.15 -16.71 -24.26
C ALA A 176 -37.34 -17.45 -24.86
N VAL A 177 -37.62 -18.66 -24.38
CA VAL A 177 -38.87 -19.32 -24.74
C VAL A 177 -40.05 -18.57 -24.14
N ASP A 178 -39.82 -17.82 -23.05
CA ASP A 178 -40.90 -17.21 -22.28
C ASP A 178 -41.52 -15.99 -22.96
N VAL A 179 -40.87 -15.40 -23.97
CA VAL A 179 -41.41 -14.20 -24.58
C VAL A 179 -42.74 -14.51 -25.26
N TRP A 180 -42.86 -15.69 -25.85
CA TRP A 180 -44.11 -16.12 -26.48
C TRP A 180 -44.88 -17.13 -25.66
N TYR A 181 -44.26 -17.74 -24.65
CA TYR A 181 -44.86 -18.89 -23.98
C TYR A 181 -45.92 -18.43 -22.99
N ARG A 182 -47.14 -18.93 -23.18
CA ARG A 182 -48.26 -18.67 -22.29
C ARG A 182 -48.21 -19.64 -21.11
N LYS A 183 -49.30 -19.73 -20.35
CA LYS A 183 -49.47 -20.78 -19.35
C LYS A 183 -50.73 -21.57 -19.70
N ILE A 184 -50.54 -22.70 -20.39
CA ILE A 184 -51.66 -23.57 -20.75
C ILE A 184 -52.12 -24.28 -19.49
N GLU A 185 -53.19 -23.77 -18.88
CA GLU A 185 -53.61 -24.24 -17.57
C GLU A 185 -54.13 -25.67 -17.63
N GLY A 186 -53.86 -26.42 -16.57
CA GLY A 186 -54.27 -27.81 -16.49
C GLY A 186 -53.21 -28.82 -16.87
N GLN A 187 -51.97 -28.37 -17.09
CA GLN A 187 -50.92 -29.29 -17.51
C GLN A 187 -50.61 -30.29 -16.40
N THR A 188 -50.46 -31.55 -16.79
CA THR A 188 -49.98 -32.58 -15.88
C THR A 188 -48.47 -32.70 -16.04
N GLY A 189 -47.87 -33.67 -15.37
CA GLY A 189 -46.47 -33.99 -15.64
C GLY A 189 -46.27 -34.49 -17.06
N GLU A 190 -47.27 -35.16 -17.62
CA GLU A 190 -47.18 -35.66 -18.98
C GLU A 190 -47.23 -34.53 -20.00
N GLU A 191 -48.13 -33.56 -19.80
CA GLU A 191 -48.23 -32.46 -20.76
C GLU A 191 -46.94 -31.66 -20.82
N ILE A 192 -46.28 -31.46 -19.67
CA ILE A 192 -45.12 -30.57 -19.60
C ILE A 192 -43.96 -31.16 -20.40
N ARG A 193 -43.58 -32.41 -20.09
CA ARG A 193 -42.40 -32.98 -20.73
C ARG A 193 -42.59 -33.14 -22.24
N GLU A 194 -43.81 -33.43 -22.69
CA GLU A 194 -44.08 -33.42 -24.13
C GLU A 194 -44.11 -31.99 -24.67
N LEU A 195 -44.61 -31.03 -23.87
CA LEU A 195 -44.58 -29.64 -24.29
C LEU A 195 -43.14 -29.15 -24.47
N ALA A 196 -42.23 -29.65 -23.63
CA ALA A 196 -40.81 -29.34 -23.77
C ALA A 196 -40.12 -30.21 -24.83
N SER A 197 -40.82 -31.19 -25.40
CA SER A 197 -40.21 -32.08 -26.37
C SER A 197 -40.08 -31.43 -27.75
N GLN A 198 -41.20 -30.98 -28.32
CA GLN A 198 -41.13 -30.46 -29.68
C GLN A 198 -40.39 -29.14 -29.77
N VAL A 199 -40.22 -28.42 -28.65
CA VAL A 199 -39.52 -27.14 -28.71
C VAL A 199 -38.02 -27.34 -28.77
N VAL A 200 -37.49 -28.31 -28.02
CA VAL A 200 -36.06 -28.60 -28.11
C VAL A 200 -35.73 -29.24 -29.46
N ASP A 201 -36.63 -30.08 -29.99
CA ASP A 201 -36.43 -30.61 -31.33
C ASP A 201 -36.57 -29.51 -32.38
N MET A 202 -37.37 -28.48 -32.09
CA MET A 202 -37.29 -27.25 -32.88
C MET A 202 -35.90 -26.64 -32.81
N LEU A 203 -35.30 -26.66 -31.62
CA LEU A 203 -34.15 -25.84 -31.29
C LEU A 203 -32.83 -26.59 -31.41
N ILE A 204 -32.77 -27.83 -30.92
CA ILE A 204 -31.54 -28.61 -31.01
C ILE A 204 -31.38 -29.19 -32.42
N GLY A 205 -32.35 -29.99 -32.86
CA GLY A 205 -32.32 -30.49 -34.22
C GLY A 205 -32.39 -29.38 -35.25
N GLY A 206 -33.07 -28.29 -34.93
CA GLY A 206 -33.14 -27.17 -35.83
C GLY A 206 -34.07 -27.41 -37.00
N LEU A 207 -33.80 -26.70 -38.09
CA LEU A 207 -34.60 -26.76 -39.31
C LEU A 207 -33.74 -27.23 -40.46
N ALA A 208 -34.39 -27.51 -41.59
CA ALA A 208 -33.76 -27.85 -42.88
C ALA A 208 -32.98 -29.16 -42.84
N ASP A 209 -33.01 -29.92 -41.75
CA ASP A 209 -32.28 -31.17 -41.68
C ASP A 209 -33.04 -32.29 -42.39
N ASP B 13 -32.39 14.54 -36.80
CA ASP B 13 -32.60 15.88 -36.24
C ASP B 13 -32.12 15.95 -34.80
N VAL B 14 -32.52 17.02 -34.11
CA VAL B 14 -32.19 17.15 -32.68
C VAL B 14 -32.91 16.09 -31.87
N LYS B 15 -34.15 15.75 -32.26
CA LYS B 15 -34.88 14.69 -31.58
C LYS B 15 -34.09 13.39 -31.57
N GLY B 16 -33.46 13.06 -32.70
CA GLY B 16 -32.66 11.83 -32.77
C GLY B 16 -31.49 11.83 -31.82
N ARG B 17 -30.97 13.02 -31.47
CA ARG B 17 -29.89 13.10 -30.50
C ARG B 17 -30.35 12.58 -29.15
N ILE B 18 -31.57 12.91 -28.74
CA ILE B 18 -32.14 12.32 -27.53
C ILE B 18 -32.51 10.86 -27.77
N LEU B 19 -33.03 10.54 -28.96
CA LEU B 19 -33.38 9.15 -29.28
C LEU B 19 -32.14 8.26 -29.27
N ASP B 20 -31.03 8.74 -29.83
CA ASP B 20 -29.78 8.00 -29.73
C ASP B 20 -29.33 7.90 -28.29
N ALA B 21 -29.52 8.98 -27.52
CA ALA B 21 -29.06 9.00 -26.12
C ALA B 21 -29.88 8.05 -25.25
N ALA B 22 -31.20 8.09 -25.37
CA ALA B 22 -32.06 7.31 -24.49
C ALA B 22 -31.94 5.81 -24.75
N ALA B 23 -31.65 5.42 -25.99
CA ALA B 23 -31.71 4.02 -26.36
C ALA B 23 -30.71 3.18 -25.58
N ASP B 24 -29.43 3.59 -25.56
CA ASP B 24 -28.41 2.81 -24.87
C ASP B 24 -28.66 2.78 -23.37
N ALA B 25 -29.08 3.91 -22.80
CA ALA B 25 -29.41 3.93 -21.38
C ALA B 25 -30.65 3.09 -21.08
N PHE B 26 -31.52 2.87 -22.06
CA PHE B 26 -32.72 2.07 -21.84
C PHE B 26 -32.38 0.59 -21.70
N MET B 27 -31.33 0.13 -22.39
CA MET B 27 -30.88 -1.25 -22.23
C MET B 27 -30.16 -1.44 -20.90
N ALA B 28 -29.28 -0.50 -20.52
CA ALA B 28 -28.43 -0.69 -19.35
C ALA B 28 -29.23 -0.79 -18.07
N ARG B 29 -30.27 0.03 -17.92
CA ARG B 29 -31.00 0.12 -16.66
C ARG B 29 -32.52 -0.04 -16.83
N GLY B 30 -33.00 -0.38 -18.02
CA GLY B 30 -34.43 -0.53 -18.20
C GLY B 30 -35.15 0.80 -18.32
N PHE B 31 -36.45 0.77 -18.01
CA PHE B 31 -37.30 1.94 -18.13
C PHE B 31 -37.36 2.76 -16.85
N ALA B 32 -37.78 2.13 -15.74
CA ALA B 32 -38.03 2.90 -14.52
C ALA B 32 -36.73 3.39 -13.89
N ASN B 33 -35.70 2.55 -13.86
CA ASN B 33 -34.41 3.00 -13.34
C ASN B 33 -33.84 4.13 -14.19
N THR B 34 -34.11 4.12 -15.49
CA THR B 34 -33.73 5.22 -16.36
C THR B 34 -34.57 6.45 -15.99
N THR B 35 -33.93 7.42 -15.35
CA THR B 35 -34.61 8.67 -15.02
C THR B 35 -34.37 9.70 -16.12
N ILE B 36 -35.17 10.76 -16.08
CA ILE B 36 -35.15 11.73 -17.17
C ILE B 36 -33.84 12.53 -17.15
N ASP B 37 -33.33 12.85 -15.96
CA ASP B 37 -32.03 13.49 -15.88
C ASP B 37 -30.88 12.49 -15.98
N ASP B 38 -31.16 11.18 -15.93
CA ASP B 38 -30.16 10.18 -16.29
C ASP B 38 -29.81 10.23 -17.77
N ILE B 39 -30.72 10.74 -18.60
CA ILE B 39 -30.49 10.90 -20.04
C ILE B 39 -30.44 12.37 -20.43
N ALA B 40 -30.46 13.28 -19.46
CA ALA B 40 -30.34 14.71 -19.75
C ALA B 40 -28.88 15.13 -19.86
N ASP B 41 -28.06 14.76 -18.88
CA ASP B 41 -26.63 15.07 -18.97
C ASP B 41 -25.93 14.22 -20.01
N GLU B 42 -26.48 13.04 -20.32
CA GLU B 42 -25.87 12.16 -21.31
C GLU B 42 -25.83 12.84 -22.68
N VAL B 43 -26.93 13.47 -23.08
CA VAL B 43 -26.94 14.22 -24.33
C VAL B 43 -26.32 15.60 -24.13
N GLY B 44 -26.43 16.17 -22.92
CA GLY B 44 -25.87 17.48 -22.65
C GLY B 44 -26.87 18.62 -22.69
N ALA B 45 -27.99 18.47 -22.01
CA ALA B 45 -28.98 19.54 -21.90
C ALA B 45 -29.78 19.34 -20.62
N THR B 46 -30.41 20.42 -20.17
CA THR B 46 -31.26 20.36 -19.00
C THR B 46 -32.56 19.63 -19.35
N LYS B 47 -33.46 19.53 -18.36
CA LYS B 47 -34.70 18.78 -18.55
C LYS B 47 -35.63 19.41 -19.57
N GLY B 48 -35.39 20.66 -19.96
CA GLY B 48 -36.31 21.33 -20.87
C GLY B 48 -36.33 20.75 -22.27
N LEU B 49 -35.15 20.45 -22.84
CA LEU B 49 -35.11 19.92 -24.20
C LEU B 49 -35.83 18.58 -24.29
N ILE B 50 -35.76 17.78 -23.23
CA ILE B 50 -36.52 16.54 -23.17
C ILE B 50 -38.01 16.85 -23.18
N TYR B 51 -38.44 17.85 -22.40
CA TYR B 51 -39.84 18.23 -22.34
C TYR B 51 -40.28 19.21 -23.42
N TYR B 52 -39.37 19.93 -24.06
CA TYR B 52 -39.78 20.66 -25.25
C TYR B 52 -40.16 19.70 -26.37
N HIS B 53 -39.32 18.69 -26.60
CA HIS B 53 -39.49 17.82 -27.76
C HIS B 53 -40.35 16.60 -27.47
N PHE B 54 -40.35 16.12 -26.24
CA PHE B 54 -41.14 14.95 -25.86
C PHE B 54 -41.96 15.28 -24.64
N ARG B 55 -43.29 15.19 -24.79
CA ARG B 55 -44.21 15.66 -23.77
C ARG B 55 -44.17 14.83 -22.49
N SER B 56 -43.68 13.60 -22.56
CA SER B 56 -43.65 12.73 -21.39
C SER B 56 -42.58 11.66 -21.56
N LYS B 57 -42.31 10.96 -20.45
CA LYS B 57 -41.29 9.92 -20.45
C LYS B 57 -41.72 8.71 -21.28
N PHE B 58 -43.03 8.41 -21.31
CA PHE B 58 -43.52 7.34 -22.16
C PHE B 58 -43.35 7.69 -23.65
N ASP B 59 -43.41 8.98 -23.97
CA ASP B 59 -43.29 9.40 -25.38
C ASP B 59 -41.93 9.06 -25.94
N ILE B 60 -40.87 9.19 -25.14
CA ILE B 60 -39.53 8.81 -25.59
C ILE B 60 -39.49 7.33 -25.95
N PHE B 61 -40.14 6.50 -25.14
CA PHE B 61 -40.14 5.07 -25.40
C PHE B 61 -40.84 4.76 -26.73
N LEU B 62 -42.01 5.35 -26.96
CA LEU B 62 -42.75 5.07 -28.18
C LEU B 62 -42.01 5.56 -29.42
N ALA B 63 -41.43 6.77 -29.36
CA ALA B 63 -40.73 7.30 -30.52
C ALA B 63 -39.54 6.43 -30.90
N VAL B 64 -38.81 5.93 -29.90
CA VAL B 64 -37.76 4.96 -30.14
C VAL B 64 -38.34 3.68 -30.70
N TYR B 65 -39.47 3.22 -30.12
CA TYR B 65 -40.19 2.07 -30.68
C TYR B 65 -40.64 2.33 -32.11
N GLU B 66 -41.18 3.52 -32.38
CA GLU B 66 -41.71 3.81 -33.71
C GLU B 66 -40.62 4.01 -34.74
N ASP B 67 -39.37 4.24 -34.32
CA ASP B 67 -38.26 4.39 -35.25
C ASP B 67 -37.56 3.06 -35.49
N GLY B 68 -37.12 2.40 -34.42
CA GLY B 68 -36.38 1.16 -34.57
C GLY B 68 -37.18 0.05 -35.22
N MET B 69 -38.49 0.00 -34.97
CA MET B 69 -39.31 -1.04 -35.56
C MET B 69 -39.49 -0.83 -37.06
N ARG B 70 -39.41 0.41 -37.55
CA ARG B 70 -39.36 0.64 -38.98
C ARG B 70 -37.95 0.43 -39.52
N ARG B 71 -36.94 0.71 -38.71
CA ARG B 71 -35.56 0.38 -39.09
C ARG B 71 -35.42 -1.10 -39.45
N VAL B 72 -35.99 -1.98 -38.62
CA VAL B 72 -35.91 -3.40 -38.91
C VAL B 72 -36.62 -3.73 -40.21
N ARG B 73 -37.88 -3.29 -40.34
CA ARG B 73 -38.66 -3.58 -41.54
C ARG B 73 -37.96 -3.08 -42.81
N GLU B 74 -37.53 -1.82 -42.80
CA GLU B 74 -36.95 -1.21 -43.99
C GLU B 74 -35.67 -1.92 -44.43
N ARG B 75 -35.09 -2.73 -43.55
CA ARG B 75 -33.82 -3.40 -43.79
C ARG B 75 -34.00 -4.89 -44.11
N VAL B 76 -35.21 -5.44 -43.92
CA VAL B 76 -35.45 -6.86 -44.14
C VAL B 76 -36.50 -7.02 -45.24
N GLU B 77 -37.37 -6.02 -45.40
CA GLU B 77 -38.50 -6.13 -46.32
C GLU B 77 -38.11 -6.47 -47.75
N PRO B 78 -37.11 -5.82 -48.38
CA PRO B 78 -36.79 -6.17 -49.77
C PRO B 78 -36.21 -7.57 -49.94
N HIS B 79 -35.89 -8.27 -48.86
CA HIS B 79 -35.43 -9.65 -48.94
C HIS B 79 -36.58 -10.65 -49.02
N SER B 80 -37.82 -10.16 -49.16
CA SER B 80 -39.00 -11.02 -49.21
C SER B 80 -39.50 -11.26 -50.62
N THR B 81 -39.22 -10.37 -51.56
CA THR B 81 -39.57 -10.57 -52.96
C THR B 81 -38.41 -11.14 -53.79
N ALA B 82 -37.19 -11.01 -53.30
CA ALA B 82 -36.05 -11.60 -53.99
C ALA B 82 -36.22 -13.12 -54.04
N PRO B 83 -35.82 -13.76 -55.15
CA PRO B 83 -36.17 -15.17 -55.35
C PRO B 83 -35.26 -16.12 -54.58
N GLY B 84 -35.82 -17.29 -54.30
CA GLY B 84 -35.08 -18.34 -53.63
C GLY B 84 -36.03 -19.25 -52.87
N THR B 85 -35.49 -20.41 -52.47
CA THR B 85 -36.24 -21.31 -51.61
C THR B 85 -36.41 -20.68 -50.23
N GLY B 86 -37.44 -21.14 -49.51
CA GLY B 86 -37.75 -20.56 -48.22
C GLY B 86 -36.66 -20.74 -47.18
N HIS B 87 -35.71 -21.65 -47.41
CA HIS B 87 -34.51 -21.66 -46.58
C HIS B 87 -33.51 -20.64 -47.09
N GLN B 88 -33.30 -20.59 -48.40
CA GLN B 88 -32.38 -19.62 -49.00
C GLN B 88 -32.94 -18.21 -48.89
N ARG B 89 -34.24 -18.04 -49.13
CA ARG B 89 -34.85 -16.72 -49.06
C ARG B 89 -34.89 -16.19 -47.64
N LEU B 90 -35.36 -17.01 -46.69
CA LEU B 90 -35.51 -16.55 -45.31
C LEU B 90 -34.16 -16.37 -44.63
N GLU B 91 -33.20 -17.24 -44.92
CA GLU B 91 -31.87 -17.04 -44.36
C GLU B 91 -31.29 -15.71 -44.81
N ALA B 92 -31.59 -15.31 -46.05
CA ALA B 92 -31.11 -14.03 -46.56
C ALA B 92 -31.63 -12.86 -45.72
N MET B 93 -32.94 -12.86 -45.42
CA MET B 93 -33.49 -11.78 -44.60
C MET B 93 -32.99 -11.87 -43.17
N SER B 94 -33.06 -13.06 -42.56
CA SER B 94 -32.75 -13.19 -41.15
C SER B 94 -31.27 -12.91 -40.84
N ILE B 95 -30.39 -13.08 -41.83
CA ILE B 95 -29.02 -12.59 -41.68
C ILE B 95 -29.03 -11.07 -41.50
N ALA B 96 -29.81 -10.37 -42.33
CA ALA B 96 -29.94 -8.93 -42.21
C ALA B 96 -30.70 -8.50 -40.96
N HIS B 97 -31.35 -9.44 -40.27
CA HIS B 97 -31.99 -9.11 -39.00
C HIS B 97 -30.96 -9.02 -37.88
N LEU B 98 -30.07 -10.01 -37.78
CA LEU B 98 -28.98 -9.91 -36.82
C LEU B 98 -28.06 -8.75 -37.16
N GLU B 99 -27.97 -8.40 -38.45
CA GLU B 99 -27.24 -7.21 -38.85
C GLU B 99 -27.84 -5.96 -38.20
N ASN B 100 -29.17 -5.80 -38.28
CA ASN B 100 -29.81 -4.61 -37.73
C ASN B 100 -29.67 -4.57 -36.21
N LEU B 101 -29.77 -5.73 -35.55
CA LEU B 101 -29.58 -5.79 -34.11
C LEU B 101 -28.19 -5.28 -33.71
N MET B 102 -27.17 -5.64 -34.49
CA MET B 102 -25.80 -5.34 -34.10
C MET B 102 -25.38 -3.92 -34.45
N THR B 103 -25.98 -3.30 -35.46
CA THR B 103 -25.60 -1.94 -35.83
C THR B 103 -26.29 -0.91 -34.94
N GLU B 104 -27.62 -0.85 -35.00
CA GLU B 104 -28.39 0.04 -34.13
C GLU B 104 -28.93 -0.75 -32.94
N LEU B 105 -28.00 -1.14 -32.07
CA LEU B 105 -28.36 -1.96 -30.92
C LEU B 105 -29.38 -1.25 -30.04
N GLY B 106 -29.25 0.08 -29.92
CA GLY B 106 -30.18 0.83 -29.08
C GLY B 106 -31.63 0.66 -29.49
N TYR B 107 -31.90 0.73 -30.78
CA TYR B 107 -33.26 0.62 -31.29
C TYR B 107 -33.75 -0.81 -31.40
N HIS B 108 -32.92 -1.80 -31.08
CA HIS B 108 -33.32 -3.19 -31.24
C HIS B 108 -33.70 -3.88 -29.93
N HIS B 109 -33.14 -3.46 -28.79
CA HIS B 109 -33.58 -4.06 -27.54
C HIS B 109 -34.83 -3.40 -26.98
N VAL B 110 -35.20 -2.22 -27.46
CA VAL B 110 -36.41 -1.58 -26.97
C VAL B 110 -37.64 -2.36 -27.42
N VAL B 111 -37.57 -3.02 -28.57
CA VAL B 111 -38.70 -3.81 -29.07
C VAL B 111 -38.92 -5.09 -28.27
N HIS B 112 -38.04 -5.43 -27.33
CA HIS B 112 -38.35 -6.54 -26.43
C HIS B 112 -39.30 -6.09 -25.32
N GLN B 113 -38.97 -4.97 -24.69
CA GLN B 113 -39.80 -4.38 -23.65
C GLN B 113 -41.02 -3.74 -24.30
N GLY B 114 -41.84 -3.04 -23.52
CA GLY B 114 -43.10 -2.57 -24.04
C GLY B 114 -44.27 -2.77 -23.11
N VAL B 115 -45.20 -3.65 -23.50
CA VAL B 115 -46.47 -3.88 -22.83
C VAL B 115 -46.31 -3.99 -21.31
N ARG B 116 -45.12 -4.36 -20.85
CA ARG B 116 -44.82 -4.30 -19.44
C ARG B 116 -45.05 -2.91 -18.87
N HIS B 117 -44.64 -1.87 -19.61
CA HIS B 117 -44.74 -0.52 -19.11
C HIS B 117 -46.14 0.06 -19.31
N GLN B 118 -46.89 -0.42 -20.29
CA GLN B 118 -48.26 0.04 -20.47
C GLN B 118 -49.13 -0.34 -19.29
N ASP B 119 -48.85 -1.48 -18.66
CA ASP B 119 -49.62 -1.91 -17.50
C ASP B 119 -49.37 -0.98 -16.30
N SER B 120 -48.10 -0.68 -16.02
CA SER B 120 -47.76 0.14 -14.87
C SER B 120 -48.18 1.60 -15.03
N THR B 121 -48.33 2.08 -16.26
CA THR B 121 -48.62 3.48 -16.52
C THR B 121 -50.12 3.70 -16.67
N ALA B 122 -50.59 4.83 -16.15
CA ALA B 122 -51.96 5.29 -16.38
C ALA B 122 -51.93 6.09 -17.67
N LEU B 123 -52.36 5.47 -18.75
CA LEU B 123 -51.99 5.91 -20.08
C LEU B 123 -52.80 7.11 -20.55
N LYS B 124 -52.13 8.01 -21.25
CA LYS B 124 -52.76 9.09 -21.98
C LYS B 124 -53.37 8.55 -23.27
N VAL B 125 -54.19 9.39 -23.91
CA VAL B 125 -54.90 8.95 -25.11
C VAL B 125 -53.94 8.77 -26.27
N ARG B 126 -53.07 9.75 -26.52
CA ARG B 126 -52.22 9.73 -27.71
C ARG B 126 -51.23 8.57 -27.68
N GLN B 127 -50.61 8.30 -26.52
CA GLN B 127 -49.73 7.15 -26.44
C GLN B 127 -50.50 5.85 -26.65
N ARG B 128 -51.71 5.78 -26.11
CA ARG B 128 -52.53 4.58 -26.27
C ARG B 128 -52.90 4.33 -27.72
N ASP B 129 -53.00 5.40 -28.52
CA ASP B 129 -53.23 5.22 -29.95
C ASP B 129 -51.95 4.83 -30.67
N ALA B 130 -50.85 5.54 -30.38
CA ALA B 130 -49.57 5.25 -31.03
C ALA B 130 -49.07 3.85 -30.65
N LEU B 131 -49.25 3.45 -29.40
CA LEU B 131 -48.84 2.12 -28.97
C LEU B 131 -49.61 1.04 -29.72
N THR B 132 -50.90 1.25 -29.95
CA THR B 132 -51.72 0.25 -30.64
C THR B 132 -51.24 0.01 -32.07
N ALA B 133 -50.95 1.09 -32.80
CA ALA B 133 -50.44 0.93 -34.16
C ALA B 133 -49.15 0.13 -34.16
N LEU B 134 -48.23 0.48 -33.25
CA LEU B 134 -47.00 -0.28 -33.11
C LEU B 134 -47.28 -1.70 -32.62
N ASN B 135 -48.38 -1.89 -31.88
CA ASN B 135 -48.68 -3.19 -31.29
C ASN B 135 -48.94 -4.23 -32.36
N GLU B 136 -49.68 -3.88 -33.42
CA GLU B 136 -49.92 -4.82 -34.51
C GLU B 136 -48.92 -4.71 -35.64
N LEU B 137 -48.32 -3.53 -35.85
CA LEU B 137 -47.31 -3.43 -36.90
C LEU B 137 -46.03 -4.18 -36.55
N ARG B 138 -45.86 -4.60 -35.29
CA ARG B 138 -44.90 -5.66 -35.01
C ARG B 138 -45.46 -7.02 -35.39
N ARG B 139 -46.75 -7.25 -35.10
CA ARG B 139 -47.40 -8.49 -35.53
C ARG B 139 -47.31 -8.65 -37.03
N ASP B 140 -47.43 -7.55 -37.77
CA ASP B 140 -47.30 -7.60 -39.22
C ASP B 140 -45.88 -7.99 -39.62
N TYR B 141 -44.88 -7.52 -38.87
CA TYR B 141 -43.52 -8.00 -39.07
C TYR B 141 -43.45 -9.51 -38.83
N GLU B 142 -44.09 -9.99 -37.77
CA GLU B 142 -44.17 -11.43 -37.53
C GLU B 142 -44.82 -12.15 -38.70
N ARG B 143 -45.76 -11.48 -39.38
CA ARG B 143 -46.41 -12.11 -40.53
C ARG B 143 -45.41 -12.39 -41.64
N MET B 144 -44.48 -11.47 -41.88
CA MET B 144 -43.44 -11.68 -42.89
C MET B 144 -42.75 -13.03 -42.67
N PHE B 145 -42.17 -13.22 -41.49
CA PHE B 145 -41.53 -14.49 -41.19
C PHE B 145 -42.58 -15.61 -41.12
N ARG B 146 -43.76 -15.32 -40.60
CA ARG B 146 -44.85 -16.28 -40.68
C ARG B 146 -45.26 -16.56 -42.12
N ARG B 147 -44.98 -15.64 -43.03
CA ARG B 147 -45.28 -15.80 -44.45
C ARG B 147 -44.16 -16.54 -45.18
N VAL B 148 -42.90 -16.24 -44.87
CA VAL B 148 -41.77 -16.72 -45.66
C VAL B 148 -41.11 -17.94 -45.03
N ILE B 149 -41.65 -18.45 -43.92
CA ILE B 149 -41.32 -19.83 -43.55
C ILE B 149 -42.18 -20.79 -44.35
N ALA B 150 -43.39 -20.37 -44.74
CA ALA B 150 -44.28 -21.23 -45.51
C ALA B 150 -43.63 -21.68 -46.81
N GLU B 151 -43.04 -20.74 -47.55
CA GLU B 151 -42.27 -21.11 -48.74
C GLU B 151 -41.09 -22.00 -48.43
N GLY B 152 -40.62 -22.00 -47.18
CA GLY B 152 -39.57 -22.93 -46.79
C GLY B 152 -40.01 -24.37 -46.89
N ILE B 153 -41.21 -24.67 -46.39
CA ILE B 153 -41.79 -26.00 -46.50
C ILE B 153 -42.73 -26.11 -47.69
N ALA B 154 -42.91 -25.03 -48.45
CA ALA B 154 -43.62 -25.12 -49.73
C ALA B 154 -42.66 -25.37 -50.89
N ASP B 155 -41.42 -24.91 -50.77
CA ASP B 155 -40.35 -25.26 -51.70
C ASP B 155 -39.48 -26.38 -51.17
N GLY B 156 -39.95 -27.12 -50.17
CA GLY B 156 -39.29 -28.30 -49.65
C GLY B 156 -37.86 -28.10 -49.21
N SER B 157 -37.63 -27.28 -48.18
CA SER B 157 -36.28 -27.03 -47.71
C SER B 157 -36.14 -27.00 -46.19
N LEU B 158 -37.23 -27.12 -45.42
CA LEU B 158 -37.15 -27.02 -43.97
C LEU B 158 -37.83 -28.21 -43.32
N ARG B 159 -37.41 -28.48 -42.08
CA ARG B 159 -38.01 -29.55 -41.29
C ARG B 159 -39.50 -29.28 -41.11
N ARG B 160 -40.32 -30.30 -41.40
CA ARG B 160 -41.77 -30.16 -41.40
C ARG B 160 -42.27 -30.13 -39.96
N VAL B 161 -42.21 -28.95 -39.37
CA VAL B 161 -42.58 -28.76 -37.97
C VAL B 161 -43.73 -27.77 -37.86
N ASP B 162 -44.17 -27.48 -36.64
CA ASP B 162 -45.37 -26.69 -36.42
C ASP B 162 -45.23 -25.29 -37.04
N GLU B 163 -46.30 -24.85 -37.70
CA GLU B 163 -46.28 -23.56 -38.40
C GLU B 163 -46.20 -22.39 -37.44
N ALA B 164 -46.63 -22.55 -36.20
CA ALA B 164 -46.56 -21.49 -35.21
C ALA B 164 -45.26 -21.52 -34.42
N LEU B 165 -44.87 -22.70 -33.92
CA LEU B 165 -43.66 -22.82 -33.12
C LEU B 165 -42.43 -22.35 -33.89
N ALA B 166 -42.32 -22.78 -35.16
CA ALA B 166 -41.18 -22.35 -35.97
C ALA B 166 -41.14 -20.84 -36.10
N THR B 167 -42.31 -20.19 -36.18
CA THR B 167 -42.35 -18.74 -36.24
C THR B 167 -42.04 -18.12 -34.88
N ARG B 168 -42.76 -18.53 -33.84
CA ARG B 168 -42.66 -17.85 -32.55
C ARG B 168 -41.26 -17.98 -31.96
N THR B 169 -40.69 -19.20 -31.98
CA THR B 169 -39.38 -19.39 -31.37
C THR B 169 -38.27 -18.73 -32.18
N LEU B 170 -38.34 -18.79 -33.51
CA LEU B 170 -37.24 -18.27 -34.32
C LEU B 170 -37.09 -16.76 -34.16
N LEU B 171 -38.20 -16.02 -34.13
CA LEU B 171 -38.12 -14.60 -33.78
C LEU B 171 -37.70 -14.43 -32.32
N SER B 172 -38.20 -15.29 -31.44
CA SER B 172 -37.69 -15.33 -30.07
C SER B 172 -36.22 -15.72 -30.07
N ASN B 173 -35.81 -16.60 -30.99
CA ASN B 173 -34.41 -16.99 -31.12
C ASN B 173 -33.55 -15.82 -31.56
N LEU B 174 -33.97 -15.15 -32.63
CA LEU B 174 -33.12 -14.15 -33.28
C LEU B 174 -32.87 -12.95 -32.37
N ASN B 175 -33.88 -12.57 -31.59
CA ASN B 175 -33.78 -11.38 -30.76
C ASN B 175 -33.03 -11.62 -29.45
N ALA B 176 -32.99 -12.87 -28.98
CA ALA B 176 -32.32 -13.17 -27.70
C ALA B 176 -30.82 -13.02 -27.78
N VAL B 177 -30.26 -12.76 -28.97
CA VAL B 177 -28.83 -12.62 -29.14
C VAL B 177 -28.26 -11.41 -28.40
N ASP B 178 -29.08 -10.41 -28.11
CA ASP B 178 -28.59 -9.22 -27.40
C ASP B 178 -28.43 -9.47 -25.90
N VAL B 179 -28.46 -10.73 -25.46
CA VAL B 179 -28.13 -11.04 -24.07
C VAL B 179 -26.61 -11.09 -23.89
N TRP B 180 -25.90 -11.72 -24.82
CA TRP B 180 -24.45 -11.85 -24.75
C TRP B 180 -23.71 -10.82 -25.59
N TYR B 181 -24.18 -10.55 -26.81
CA TYR B 181 -23.52 -9.58 -27.68
C TYR B 181 -23.51 -8.20 -27.04
N ARG B 182 -22.31 -7.69 -26.77
CA ARG B 182 -22.21 -6.37 -26.18
C ARG B 182 -22.03 -5.29 -27.24
N LYS B 183 -20.89 -5.33 -27.95
CA LYS B 183 -20.57 -4.45 -29.07
C LYS B 183 -19.13 -4.74 -29.51
N ILE B 184 -18.78 -4.16 -30.67
CA ILE B 184 -17.39 -4.03 -31.09
C ILE B 184 -17.04 -2.57 -31.36
N GLU B 185 -17.94 -1.82 -32.00
CA GLU B 185 -17.75 -0.41 -32.33
C GLU B 185 -16.50 -0.21 -33.19
N GLY B 186 -16.62 -0.73 -34.41
CA GLY B 186 -15.49 -0.82 -35.32
C GLY B 186 -15.61 -2.10 -36.14
N GLN B 187 -16.59 -2.93 -35.78
CA GLN B 187 -16.89 -4.13 -36.55
C GLN B 187 -17.39 -3.74 -37.94
N THR B 188 -16.57 -4.01 -38.96
CA THR B 188 -16.94 -3.70 -40.33
C THR B 188 -18.11 -4.57 -40.77
N GLY B 189 -18.74 -4.16 -41.88
CA GLY B 189 -19.86 -4.90 -42.43
C GLY B 189 -19.52 -6.34 -42.75
N GLU B 190 -18.24 -6.62 -42.98
CA GLU B 190 -17.81 -8.00 -43.18
C GLU B 190 -18.03 -8.83 -41.91
N GLU B 191 -17.40 -8.43 -40.81
CA GLU B 191 -17.53 -9.19 -39.57
C GLU B 191 -18.93 -9.09 -38.98
N ILE B 192 -19.72 -8.08 -39.36
CA ILE B 192 -21.11 -8.02 -38.94
C ILE B 192 -21.91 -9.13 -39.61
N ARG B 193 -21.87 -9.20 -40.94
CA ARG B 193 -22.65 -10.20 -41.66
C ARG B 193 -22.05 -11.59 -41.50
N GLU B 194 -20.72 -11.69 -41.34
CA GLU B 194 -20.09 -12.98 -41.13
C GLU B 194 -20.24 -13.50 -39.71
N LEU B 195 -20.51 -12.61 -38.74
CA LEU B 195 -21.03 -13.08 -37.48
C LEU B 195 -22.53 -13.37 -37.59
N ALA B 196 -23.22 -12.67 -38.49
CA ALA B 196 -24.62 -12.99 -38.76
C ALA B 196 -24.76 -14.27 -39.60
N SER B 197 -23.70 -14.69 -40.28
CA SER B 197 -23.77 -15.92 -41.06
C SER B 197 -23.81 -17.15 -40.15
N GLN B 198 -22.94 -17.19 -39.15
CA GLN B 198 -22.83 -18.38 -38.31
C GLN B 198 -23.90 -18.45 -37.23
N VAL B 199 -24.61 -17.36 -36.96
CA VAL B 199 -25.61 -17.39 -35.90
C VAL B 199 -26.99 -17.76 -36.44
N VAL B 200 -27.31 -17.38 -37.67
CA VAL B 200 -28.57 -17.81 -38.25
C VAL B 200 -28.54 -19.31 -38.58
N ASP B 201 -27.42 -19.79 -39.13
CA ASP B 201 -27.33 -21.20 -39.49
C ASP B 201 -27.22 -22.10 -38.27
N MET B 202 -26.78 -21.47 -37.19
CA MET B 202 -26.66 -22.14 -35.88
C MET B 202 -28.10 -22.44 -35.43
N LEU B 203 -29.02 -21.55 -35.79
CA LEU B 203 -30.44 -21.68 -35.41
C LEU B 203 -31.20 -22.37 -36.53
N ILE B 204 -30.94 -21.96 -37.79
CA ILE B 204 -31.60 -22.55 -38.95
C ILE B 204 -31.24 -24.03 -39.05
N GLY B 205 -29.94 -24.34 -39.13
CA GLY B 205 -29.51 -25.72 -39.22
C GLY B 205 -29.61 -26.50 -37.93
N GLY B 206 -29.58 -25.82 -36.78
CA GLY B 206 -29.64 -26.51 -35.51
C GLY B 206 -28.32 -27.18 -35.17
N LEU B 207 -28.41 -28.24 -34.36
CA LEU B 207 -27.27 -29.08 -34.01
C LEU B 207 -27.76 -30.53 -34.04
N ALA B 208 -27.63 -31.17 -35.19
CA ALA B 208 -28.11 -32.54 -35.33
C ALA B 208 -27.46 -33.20 -36.53
N ASP B 209 -27.29 -34.52 -36.43
CA ASP B 209 -26.84 -35.35 -37.53
C ASP B 209 -27.05 -36.83 -37.20
N GLU C 11 -26.23 -19.57 32.42
CA GLU C 11 -25.06 -18.77 32.83
C GLU C 11 -24.94 -17.40 32.13
N PRO C 12 -25.10 -17.32 30.81
CA PRO C 12 -24.84 -16.05 30.12
C PRO C 12 -25.87 -14.99 30.49
N ASP C 13 -25.55 -13.76 30.13
CA ASP C 13 -26.38 -12.60 30.43
C ASP C 13 -27.00 -12.11 29.12
N VAL C 14 -28.33 -12.07 29.07
CA VAL C 14 -29.01 -11.64 27.85
C VAL C 14 -28.73 -10.16 27.58
N LYS C 15 -28.92 -9.31 28.60
CA LYS C 15 -28.80 -7.87 28.39
C LYS C 15 -27.37 -7.46 28.08
N GLY C 16 -26.39 -8.09 28.73
CA GLY C 16 -25.00 -7.79 28.43
C GLY C 16 -24.63 -8.12 26.99
N ARG C 17 -25.10 -9.27 26.49
CA ARG C 17 -24.84 -9.63 25.10
C ARG C 17 -25.47 -8.63 24.13
N ILE C 18 -26.59 -8.01 24.52
CA ILE C 18 -27.20 -6.99 23.68
C ILE C 18 -26.33 -5.74 23.63
N LEU C 19 -25.88 -5.28 24.80
CA LEU C 19 -25.14 -4.01 24.85
C LEU C 19 -23.76 -4.15 24.22
N ASP C 20 -23.07 -5.26 24.45
CA ASP C 20 -21.77 -5.46 23.82
C ASP C 20 -21.88 -5.50 22.30
N ALA C 21 -22.92 -6.17 21.79
CA ALA C 21 -23.13 -6.22 20.35
C ALA C 21 -23.62 -4.88 19.80
N ALA C 22 -24.45 -4.18 20.57
CA ALA C 22 -24.97 -2.89 20.11
C ALA C 22 -23.87 -1.84 20.07
N ALA C 23 -23.00 -1.82 21.10
CA ALA C 23 -21.98 -0.78 21.19
C ALA C 23 -21.03 -0.81 19.99
N ASP C 24 -20.55 -2.01 19.64
CA ASP C 24 -19.68 -2.13 18.48
C ASP C 24 -20.43 -1.82 17.18
N ALA C 25 -21.74 -2.08 17.15
CA ALA C 25 -22.56 -1.70 16.00
C ALA C 25 -22.61 -0.18 15.85
N PHE C 26 -22.77 0.54 16.97
CA PHE C 26 -22.80 2.00 16.90
C PHE C 26 -21.49 2.56 16.37
N MET C 27 -20.37 1.93 16.73
CA MET C 27 -19.07 2.45 16.30
C MET C 27 -18.89 2.33 14.79
N ALA C 28 -19.34 1.22 14.20
CA ALA C 28 -19.03 0.94 12.80
C ALA C 28 -19.96 1.69 11.86
N ARG C 29 -21.27 1.39 11.92
CA ARG C 29 -22.22 2.01 11.00
C ARG C 29 -22.59 3.43 11.41
N GLY C 30 -22.55 3.70 12.72
CA GLY C 30 -22.96 4.99 13.25
C GLY C 30 -24.09 4.83 14.25
N PHE C 31 -24.81 5.90 14.56
CA PHE C 31 -26.00 5.75 15.40
C PHE C 31 -27.26 5.57 14.56
N ALA C 32 -27.33 6.21 13.39
CA ALA C 32 -28.51 6.11 12.55
C ALA C 32 -28.48 4.86 11.66
N ASN C 33 -27.32 4.54 11.08
CA ASN C 33 -27.25 3.44 10.13
C ASN C 33 -27.50 2.08 10.76
N THR C 34 -27.34 1.94 12.08
CA THR C 34 -27.69 0.71 12.78
C THR C 34 -29.16 0.75 13.15
N THR C 35 -29.91 -0.25 12.73
CA THR C 35 -31.33 -0.33 13.01
C THR C 35 -31.56 -1.28 14.20
N ILE C 36 -32.84 -1.45 14.55
CA ILE C 36 -33.17 -2.29 15.70
C ILE C 36 -32.92 -3.77 15.38
N ASP C 37 -33.35 -4.21 14.18
CA ASP C 37 -33.06 -5.57 13.77
C ASP C 37 -31.59 -5.79 13.48
N ASP C 38 -30.84 -4.71 13.22
CA ASP C 38 -29.38 -4.83 13.11
C ASP C 38 -28.79 -5.32 14.43
N ILE C 39 -29.30 -4.81 15.55
CA ILE C 39 -28.85 -5.28 16.86
C ILE C 39 -29.44 -6.66 17.17
N ALA C 40 -30.49 -7.08 16.48
CA ALA C 40 -31.03 -8.41 16.65
C ALA C 40 -30.19 -9.48 15.96
N ASP C 41 -29.30 -9.09 15.04
CA ASP C 41 -28.47 -10.04 14.31
C ASP C 41 -27.16 -10.35 15.01
N GLU C 42 -26.44 -9.30 15.43
CA GLU C 42 -25.16 -9.51 16.12
C GLU C 42 -25.33 -10.35 17.38
N VAL C 43 -26.48 -10.23 18.05
CA VAL C 43 -26.80 -11.08 19.18
C VAL C 43 -27.66 -12.28 18.78
N GLY C 44 -28.14 -12.32 17.53
CA GLY C 44 -28.93 -13.43 17.06
C GLY C 44 -30.25 -13.59 17.79
N ALA C 45 -31.16 -12.65 17.62
CA ALA C 45 -32.42 -12.65 18.34
C ALA C 45 -33.48 -11.96 17.49
N THR C 46 -34.62 -11.70 18.12
CA THR C 46 -35.74 -10.99 17.49
C THR C 46 -35.87 -9.59 18.10
N LYS C 47 -36.63 -8.74 17.41
CA LYS C 47 -36.81 -7.36 17.89
C LYS C 47 -37.49 -7.34 19.25
N GLY C 48 -38.46 -8.23 19.47
CA GLY C 48 -39.20 -8.22 20.72
C GLY C 48 -38.32 -8.40 21.94
N LEU C 49 -37.19 -9.09 21.79
CA LEU C 49 -36.26 -9.22 22.91
C LEU C 49 -35.64 -7.87 23.27
N ILE C 50 -35.30 -7.08 22.25
CA ILE C 50 -34.79 -5.72 22.51
C ILE C 50 -35.85 -4.88 23.22
N TYR C 51 -37.10 -4.98 22.77
CA TYR C 51 -38.14 -4.09 23.26
C TYR C 51 -38.82 -4.60 24.52
N TYR C 52 -38.55 -5.84 24.94
CA TYR C 52 -38.96 -6.27 26.28
C TYR C 52 -37.95 -5.84 27.34
N HIS C 53 -36.74 -5.47 26.93
CA HIS C 53 -35.70 -5.03 27.84
C HIS C 53 -35.38 -3.54 27.76
N PHE C 54 -35.46 -2.95 26.56
CA PHE C 54 -35.12 -1.54 26.37
C PHE C 54 -36.36 -0.82 25.83
N ARG C 55 -36.69 0.31 26.46
CA ARG C 55 -37.94 1.01 26.12
C ARG C 55 -37.88 1.62 24.72
N SER C 56 -36.70 2.06 24.28
CA SER C 56 -36.54 2.65 22.96
C SER C 56 -35.10 2.46 22.49
N LYS C 57 -34.80 2.95 21.30
CA LYS C 57 -33.45 2.82 20.77
C LYS C 57 -32.49 3.82 21.39
N PHE C 58 -33.00 4.96 21.88
CA PHE C 58 -32.16 5.87 22.65
C PHE C 58 -31.76 5.24 23.98
N ASP C 59 -32.58 4.33 24.51
CA ASP C 59 -32.19 3.58 25.70
C ASP C 59 -30.86 2.87 25.48
N ILE C 60 -30.68 2.28 24.30
CA ILE C 60 -29.44 1.58 23.99
C ILE C 60 -28.25 2.51 24.19
N PHE C 61 -28.40 3.75 23.73
CA PHE C 61 -27.26 4.67 23.74
C PHE C 61 -26.92 5.14 25.16
N LEU C 62 -27.93 5.34 26.01
CA LEU C 62 -27.64 5.68 27.40
C LEU C 62 -27.26 4.46 28.23
N ALA C 63 -27.46 3.24 27.73
CA ALA C 63 -27.06 2.05 28.46
C ALA C 63 -25.62 1.66 28.20
N VAL C 64 -25.09 1.98 27.03
CA VAL C 64 -23.67 1.82 26.79
C VAL C 64 -22.90 3.04 27.28
N TYR C 65 -23.49 4.23 27.18
CA TYR C 65 -22.87 5.43 27.70
C TYR C 65 -22.70 5.35 29.21
N GLU C 66 -23.71 4.81 29.90
CA GLU C 66 -23.66 4.63 31.34
C GLU C 66 -22.63 3.57 31.73
N ASP C 67 -22.44 2.56 30.88
CA ASP C 67 -21.44 1.53 31.14
C ASP C 67 -20.07 1.89 30.57
N GLY C 68 -20.04 2.63 29.46
CA GLY C 68 -18.77 3.13 28.97
C GLY C 68 -18.04 3.97 30.00
N MET C 69 -18.78 4.85 30.69
CA MET C 69 -18.21 5.62 31.79
C MET C 69 -17.75 4.72 32.92
N ARG C 70 -18.64 3.85 33.41
CA ARG C 70 -18.30 2.99 34.54
C ARG C 70 -17.09 2.11 34.22
N ARG C 71 -16.85 1.85 32.93
CA ARG C 71 -15.61 1.21 32.50
C ARG C 71 -14.48 2.22 32.38
N VAL C 72 -14.73 3.35 31.71
CA VAL C 72 -13.69 4.34 31.50
C VAL C 72 -13.30 5.01 32.81
N ARG C 73 -14.29 5.46 33.59
CA ARG C 73 -14.01 6.27 34.78
C ARG C 73 -13.33 5.46 35.87
N GLU C 74 -13.59 4.15 35.94
CA GLU C 74 -13.13 3.34 37.06
C GLU C 74 -11.73 2.80 36.83
N ARG C 75 -11.45 2.33 35.62
CA ARG C 75 -10.17 1.72 35.31
C ARG C 75 -9.07 2.73 35.02
N VAL C 76 -9.35 4.02 35.15
CA VAL C 76 -8.34 5.05 35.00
C VAL C 76 -8.19 5.91 36.26
N GLU C 77 -9.19 5.94 37.13
CA GLU C 77 -9.10 6.70 38.37
C GLU C 77 -7.87 6.35 39.22
N PRO C 78 -7.48 5.06 39.40
CA PRO C 78 -6.39 4.75 40.35
C PRO C 78 -5.01 5.23 39.93
N HIS C 79 -4.90 5.96 38.82
CA HIS C 79 -3.65 6.58 38.41
C HIS C 79 -3.63 8.09 38.62
N SER C 80 -4.70 8.68 39.15
CA SER C 80 -4.64 10.03 39.68
C SER C 80 -4.28 10.07 41.16
N THR C 81 -4.35 8.92 41.84
CA THR C 81 -3.97 8.80 43.24
C THR C 81 -2.63 8.10 43.42
N ALA C 82 -2.13 7.44 42.38
CA ALA C 82 -0.87 6.71 42.48
C ALA C 82 0.29 7.67 42.74
N PRO C 83 1.32 7.22 43.46
CA PRO C 83 2.45 8.10 43.75
C PRO C 83 3.20 8.48 42.49
N GLY C 84 3.85 9.63 42.56
CA GLY C 84 4.61 10.18 41.45
C GLY C 84 4.25 11.62 41.17
N THR C 85 5.02 12.24 40.29
CA THR C 85 4.83 13.62 39.93
C THR C 85 3.56 13.77 39.07
N GLY C 86 3.28 15.01 38.66
CA GLY C 86 2.19 15.25 37.75
C GLY C 86 2.41 14.62 36.39
N HIS C 87 3.67 14.41 36.01
CA HIS C 87 3.98 13.68 34.78
C HIS C 87 3.93 12.18 35.01
N GLN C 88 4.47 11.72 36.15
CA GLN C 88 4.44 10.28 36.45
C GLN C 88 3.01 9.77 36.54
N ARG C 89 2.12 10.57 37.15
CA ARG C 89 0.71 10.22 37.18
C ARG C 89 0.13 10.19 35.77
N LEU C 90 0.33 11.27 35.01
CA LEU C 90 -0.36 11.46 33.74
C LEU C 90 0.06 10.41 32.72
N GLU C 91 1.36 10.11 32.65
CA GLU C 91 1.85 9.13 31.68
C GLU C 91 1.23 7.76 31.93
N ALA C 92 1.22 7.32 33.19
CA ALA C 92 0.54 6.07 33.53
C ALA C 92 -0.98 6.23 33.52
N MET C 93 -1.49 7.46 33.71
CA MET C 93 -2.93 7.69 33.64
C MET C 93 -3.44 7.55 32.21
N SER C 94 -2.71 8.09 31.24
CA SER C 94 -3.12 7.98 29.85
C SER C 94 -2.96 6.57 29.31
N ILE C 95 -2.08 5.76 29.91
CA ILE C 95 -1.88 4.39 29.44
C ILE C 95 -3.12 3.55 29.73
N ALA C 96 -3.59 3.55 30.98
CA ALA C 96 -4.78 2.78 31.32
C ALA C 96 -6.03 3.32 30.63
N HIS C 97 -5.96 4.53 30.08
CA HIS C 97 -7.04 5.07 29.26
C HIS C 97 -6.98 4.54 27.84
N LEU C 98 -5.77 4.43 27.28
CA LEU C 98 -5.61 3.89 25.93
C LEU C 98 -5.94 2.40 25.89
N GLU C 99 -5.45 1.69 26.91
CA GLU C 99 -5.75 0.25 27.01
C GLU C 99 -7.27 0.10 27.03
N ASN C 100 -7.94 0.98 27.75
CA ASN C 100 -9.39 0.89 27.90
C ASN C 100 -10.10 1.10 26.57
N LEU C 101 -9.71 2.12 25.82
CA LEU C 101 -10.27 2.32 24.48
C LEU C 101 -10.02 1.12 23.59
N MET C 102 -8.90 0.45 23.77
CA MET C 102 -8.48 -0.58 22.85
C MET C 102 -9.00 -1.95 23.23
N THR C 103 -9.72 -2.05 24.35
CA THR C 103 -10.45 -3.26 24.71
C THR C 103 -11.96 -3.08 24.65
N GLU C 104 -12.43 -1.85 24.51
CA GLU C 104 -13.86 -1.54 24.58
C GLU C 104 -14.23 -0.59 23.45
N LEU C 105 -13.84 -0.97 22.23
CA LEU C 105 -13.90 -0.06 21.08
C LEU C 105 -15.26 0.58 20.92
N GLY C 106 -16.32 -0.24 20.95
CA GLY C 106 -17.66 0.31 20.91
C GLY C 106 -18.01 1.08 22.16
N TYR C 107 -17.64 0.55 23.32
CA TYR C 107 -17.99 1.20 24.59
C TYR C 107 -17.29 2.55 24.74
N HIS C 108 -16.02 2.65 24.37
CA HIS C 108 -15.30 3.91 24.55
C HIS C 108 -15.68 4.94 23.48
N HIS C 109 -15.89 4.49 22.24
CA HIS C 109 -16.21 5.43 21.17
C HIS C 109 -17.53 6.15 21.44
N VAL C 110 -18.42 5.52 22.21
CA VAL C 110 -19.69 6.16 22.58
C VAL C 110 -19.43 7.39 23.43
N VAL C 111 -18.35 7.40 24.20
CA VAL C 111 -18.12 8.46 25.19
C VAL C 111 -17.99 9.82 24.50
N HIS C 112 -17.46 9.87 23.30
CA HIS C 112 -17.31 11.12 22.55
C HIS C 112 -18.18 11.13 21.31
N GLN C 113 -19.43 10.68 21.45
CA GLN C 113 -20.36 10.61 20.34
C GLN C 113 -21.71 11.19 20.73
N GLY C 114 -21.69 12.33 21.41
CA GLY C 114 -22.91 12.98 21.86
C GLY C 114 -23.70 13.64 20.74
N ASP C 119 -28.89 17.01 21.12
CA ASP C 119 -30.08 17.48 21.82
C ASP C 119 -30.89 18.40 20.90
N SER C 120 -30.82 18.14 19.60
CA SER C 120 -31.46 18.99 18.60
C SER C 120 -32.92 18.63 18.31
N THR C 121 -33.47 17.65 19.02
CA THR C 121 -34.86 17.23 18.85
C THR C 121 -35.50 17.04 20.22
N ALA C 122 -36.83 17.11 20.24
CA ALA C 122 -37.57 16.91 21.49
C ALA C 122 -37.44 15.47 21.94
N LEU C 123 -36.91 15.27 23.15
CA LEU C 123 -36.66 13.95 23.71
C LEU C 123 -37.52 13.74 24.95
N LYS C 124 -37.70 12.47 25.30
CA LYS C 124 -38.43 12.12 26.51
C LYS C 124 -37.70 12.70 27.73
N VAL C 125 -38.47 13.36 28.60
CA VAL C 125 -37.86 14.08 29.72
C VAL C 125 -37.12 13.14 30.66
N ARG C 126 -37.75 12.00 31.00
CA ARG C 126 -37.13 11.06 31.92
C ARG C 126 -35.77 10.59 31.41
N GLN C 127 -35.62 10.43 30.10
CA GLN C 127 -34.36 9.99 29.50
C GLN C 127 -33.43 11.14 29.16
N ARG C 128 -33.99 12.28 28.72
CA ARG C 128 -33.17 13.49 28.53
C ARG C 128 -32.46 13.86 29.83
N ASP C 129 -33.17 13.77 30.95
CA ASP C 129 -32.61 14.11 32.25
C ASP C 129 -31.51 13.16 32.69
N ALA C 130 -31.23 12.12 31.91
CA ALA C 130 -30.10 11.24 32.17
C ALA C 130 -28.92 11.47 31.22
N LEU C 131 -29.19 11.87 29.97
CA LEU C 131 -28.11 12.17 29.03
C LEU C 131 -27.35 13.41 29.47
N THR C 132 -28.06 14.49 29.77
CA THR C 132 -27.39 15.71 30.24
C THR C 132 -26.65 15.45 31.54
N ALA C 133 -27.21 14.61 32.40
CA ALA C 133 -26.48 14.16 33.59
C ALA C 133 -25.30 13.28 33.21
N LEU C 134 -25.49 12.37 32.25
CA LEU C 134 -24.40 11.51 31.81
C LEU C 134 -23.28 12.34 31.19
N ASN C 135 -23.63 13.40 30.48
CA ASN C 135 -22.64 14.35 29.98
C ASN C 135 -22.04 15.19 31.10
N GLU C 136 -22.54 15.08 32.33
CA GLU C 136 -21.94 15.74 33.47
C GLU C 136 -20.98 14.84 34.24
N LEU C 137 -21.13 13.52 34.16
CA LEU C 137 -20.04 12.61 34.51
C LEU C 137 -18.93 12.65 33.47
N ARG C 138 -19.17 13.36 32.37
CA ARG C 138 -18.21 13.52 31.28
C ARG C 138 -17.13 14.52 31.63
N ARG C 139 -17.52 15.77 31.88
CA ARG C 139 -16.61 16.78 32.38
C ARG C 139 -16.09 16.39 33.76
N ASP C 140 -16.87 15.63 34.52
CA ASP C 140 -16.38 15.07 35.78
C ASP C 140 -15.15 14.19 35.55
N TYR C 141 -15.05 13.58 34.37
CA TYR C 141 -13.89 12.75 34.04
C TYR C 141 -12.69 13.62 33.66
N GLU C 142 -12.86 14.56 32.73
CA GLU C 142 -11.74 15.43 32.38
C GLU C 142 -11.36 16.37 33.51
N ARG C 143 -12.05 16.31 34.65
CA ARG C 143 -11.59 17.03 35.83
C ARG C 143 -10.25 16.50 36.31
N MET C 144 -10.10 15.17 36.37
CA MET C 144 -8.82 14.59 36.78
C MET C 144 -7.71 15.01 35.82
N PHE C 145 -8.00 15.02 34.53
CA PHE C 145 -7.02 15.53 33.56
C PHE C 145 -6.77 17.01 33.78
N ARG C 146 -7.78 17.74 34.23
CA ARG C 146 -7.61 19.16 34.56
C ARG C 146 -6.63 19.35 35.72
N ARG C 147 -6.73 18.50 36.74
CA ARG C 147 -5.90 18.68 37.93
C ARG C 147 -4.47 18.23 37.68
N VAL C 148 -4.27 16.99 37.26
CA VAL C 148 -2.92 16.44 37.16
C VAL C 148 -2.07 17.25 36.18
N ILE C 149 -2.70 17.86 35.17
CA ILE C 149 -1.98 18.80 34.33
C ILE C 149 -1.65 20.06 35.11
N ALA C 150 -2.65 20.63 35.79
CA ALA C 150 -2.41 21.79 36.64
C ALA C 150 -1.49 21.44 37.79
N GLU C 151 -1.62 20.23 38.34
CA GLU C 151 -0.70 19.71 39.34
C GLU C 151 0.66 19.37 38.76
N GLY C 152 0.88 19.61 37.47
CA GLY C 152 2.17 19.34 36.86
C GLY C 152 2.79 20.50 36.10
N ILE C 153 1.98 21.43 35.61
CA ILE C 153 2.50 22.47 34.73
C ILE C 153 3.47 23.38 35.47
N ALA C 154 3.06 23.86 36.64
CA ALA C 154 3.92 24.68 37.49
C ALA C 154 4.56 23.86 38.62
N ASP C 155 4.21 22.58 38.73
CA ASP C 155 4.97 21.69 39.59
C ASP C 155 6.39 21.51 39.04
N GLY C 156 6.53 21.47 37.71
CA GLY C 156 7.82 21.36 37.05
C GLY C 156 7.91 20.18 36.09
N SER C 157 7.21 19.09 36.40
CA SER C 157 7.28 17.90 35.55
C SER C 157 6.75 18.16 34.15
N LEU C 158 5.72 19.00 34.03
CA LEU C 158 5.24 19.45 32.73
C LEU C 158 5.81 20.85 32.46
N ARG C 159 5.55 21.37 31.26
CA ARG C 159 5.97 22.72 30.92
C ARG C 159 4.85 23.70 31.23
N ARG C 160 5.04 24.95 30.82
CA ARG C 160 3.99 25.97 30.91
C ARG C 160 3.07 25.86 29.69
N VAL C 161 1.79 25.62 29.94
CA VAL C 161 0.78 25.54 28.88
C VAL C 161 -0.54 26.03 29.43
N ASP C 162 -1.43 26.45 28.54
CA ASP C 162 -2.77 26.81 28.97
C ASP C 162 -3.40 25.52 29.46
N GLU C 163 -3.57 25.37 30.78
CA GLU C 163 -4.08 24.11 31.32
C GLU C 163 -5.51 23.83 30.86
N ALA C 164 -6.23 24.82 30.36
CA ALA C 164 -7.48 24.55 29.66
C ALA C 164 -7.22 23.90 28.31
N LEU C 165 -6.35 24.52 27.51
CA LEU C 165 -6.00 23.95 26.21
C LEU C 165 -5.34 22.58 26.38
N ALA C 166 -4.38 22.49 27.31
CA ALA C 166 -3.67 21.24 27.53
C ALA C 166 -4.58 20.11 27.99
N THR C 167 -5.73 20.43 28.58
CA THR C 167 -6.75 19.42 28.85
C THR C 167 -7.65 19.17 27.65
N ARG C 168 -8.11 20.21 26.96
CA ARG C 168 -8.96 19.99 25.78
C ARG C 168 -8.21 19.20 24.72
N THR C 169 -7.02 19.66 24.35
CA THR C 169 -6.31 19.06 23.23
C THR C 169 -5.67 17.73 23.57
N LEU C 170 -5.65 17.33 24.83
CA LEU C 170 -4.99 16.07 25.16
C LEU C 170 -5.94 14.89 25.23
N LEU C 171 -7.09 15.04 25.90
CA LEU C 171 -8.01 13.90 25.95
C LEU C 171 -8.68 13.71 24.59
N SER C 172 -8.94 14.80 23.87
CA SER C 172 -9.41 14.68 22.49
C SER C 172 -8.35 14.03 21.62
N ASN C 173 -7.08 14.17 22.00
CA ASN C 173 -6.01 13.51 21.28
C ASN C 173 -5.88 12.04 21.66
N LEU C 174 -5.93 11.74 22.97
CA LEU C 174 -5.89 10.33 23.40
C LEU C 174 -7.09 9.57 22.85
N ASN C 175 -8.20 10.27 22.60
CA ASN C 175 -9.40 9.69 22.01
C ASN C 175 -9.25 9.51 20.51
N ALA C 176 -8.38 10.28 19.87
CA ALA C 176 -8.26 10.31 18.41
C ALA C 176 -7.68 9.01 17.85
N VAL C 177 -7.38 8.05 18.72
CA VAL C 177 -6.78 6.80 18.28
C VAL C 177 -7.77 5.96 17.49
N ASP C 178 -9.06 6.01 17.85
CA ASP C 178 -10.04 5.18 17.15
C ASP C 178 -10.23 5.57 15.69
N VAL C 179 -9.47 6.54 15.18
CA VAL C 179 -9.47 6.83 13.75
C VAL C 179 -8.84 5.67 12.99
N TRP C 180 -7.68 5.18 13.46
CA TRP C 180 -6.94 4.15 12.75
C TRP C 180 -6.87 2.81 13.47
N TYR C 181 -6.90 2.78 14.80
CA TYR C 181 -6.84 1.51 15.51
C TYR C 181 -8.11 0.72 15.24
N ARG C 182 -7.97 -0.45 14.62
CA ARG C 182 -9.14 -1.29 14.36
C ARG C 182 -9.32 -2.33 15.48
N LYS C 183 -8.39 -3.30 15.55
CA LYS C 183 -8.32 -4.25 16.65
C LYS C 183 -7.14 -5.18 16.39
N ILE C 184 -6.76 -6.03 17.36
CA ILE C 184 -5.86 -7.13 17.08
C ILE C 184 -6.52 -8.44 17.53
N GLU C 185 -6.95 -8.47 18.79
CA GLU C 185 -7.58 -9.63 19.42
C GLU C 185 -6.64 -10.84 19.42
N GLY C 186 -5.35 -10.60 19.21
CA GLY C 186 -4.35 -11.63 19.37
C GLY C 186 -3.41 -11.30 20.50
N GLN C 187 -3.20 -10.02 20.75
CA GLN C 187 -2.36 -9.58 21.85
C GLN C 187 -3.14 -9.59 23.16
N THR C 188 -2.43 -9.29 24.26
CA THR C 188 -3.01 -9.28 25.59
C THR C 188 -2.48 -8.05 26.31
N GLY C 189 -2.65 -7.99 27.63
CA GLY C 189 -2.30 -6.79 28.38
C GLY C 189 -0.85 -6.39 28.20
N GLU C 190 0.06 -7.36 28.15
CA GLU C 190 1.48 -7.03 28.00
C GLU C 190 1.76 -6.38 26.65
N GLU C 191 1.20 -6.93 25.57
CA GLU C 191 1.48 -6.41 24.24
C GLU C 191 0.70 -5.13 23.95
N ILE C 192 -0.54 -5.03 24.44
CA ILE C 192 -1.30 -3.79 24.27
C ILE C 192 -0.63 -2.66 25.05
N ARG C 193 0.09 -3.01 26.12
CA ARG C 193 0.87 -2.02 26.86
C ARG C 193 1.90 -1.36 25.95
N GLU C 194 2.58 -2.16 25.12
CA GLU C 194 3.54 -1.61 24.17
C GLU C 194 2.86 -0.67 23.17
N LEU C 195 1.72 -1.09 22.61
CA LEU C 195 1.08 -0.30 21.57
C LEU C 195 0.61 1.04 22.11
N ALA C 196 0.06 1.06 23.33
CA ALA C 196 -0.29 2.33 23.96
C ALA C 196 0.94 3.12 24.38
N SER C 197 2.02 2.43 24.77
CA SER C 197 3.20 3.12 25.30
C SER C 197 3.82 4.06 24.26
N GLN C 198 3.96 3.58 23.02
CA GLN C 198 4.54 4.42 21.98
C GLN C 198 3.67 5.63 21.68
N VAL C 199 2.36 5.52 21.91
CA VAL C 199 1.45 6.61 21.57
C VAL C 199 1.47 7.70 22.65
N VAL C 200 1.36 7.31 23.92
CA VAL C 200 1.43 8.31 24.98
C VAL C 200 2.82 8.96 24.99
N ASP C 201 3.86 8.19 24.67
CA ASP C 201 5.19 8.75 24.54
C ASP C 201 5.23 9.80 23.43
N MET C 202 4.48 9.56 22.35
CA MET C 202 4.27 10.57 21.31
C MET C 202 3.54 11.79 21.87
N LEU C 203 2.32 11.59 22.38
CA LEU C 203 1.50 12.72 22.80
C LEU C 203 2.16 13.50 23.93
N ILE C 204 2.71 12.80 24.92
CA ILE C 204 3.33 13.48 26.07
C ILE C 204 4.69 14.05 25.70
N GLY C 205 5.56 13.21 25.14
CA GLY C 205 6.91 13.64 24.85
C GLY C 205 7.00 14.71 23.76
N GLY C 206 6.21 14.58 22.71
CA GLY C 206 6.27 15.49 21.60
C GLY C 206 7.10 14.96 20.45
N LEU C 207 7.58 15.89 19.63
CA LEU C 207 8.38 15.57 18.47
C LEU C 207 9.76 16.21 18.47
N ALA C 208 9.84 17.53 18.65
CA ALA C 208 11.08 18.26 18.37
C ALA C 208 12.19 17.98 19.37
N ASP C 209 11.88 17.41 20.54
CA ASP C 209 12.91 17.11 21.52
C ASP C 209 12.49 17.55 22.92
N ASP D 13 -22.12 29.99 -8.91
CA ASP D 13 -21.79 30.32 -7.53
C ASP D 13 -22.78 29.66 -6.55
N VAL D 14 -24.01 29.45 -7.02
CA VAL D 14 -25.06 28.93 -6.15
C VAL D 14 -24.69 27.53 -5.66
N LYS D 15 -24.03 26.74 -6.51
CA LYS D 15 -23.61 25.40 -6.10
C LYS D 15 -22.66 25.47 -4.90
N GLY D 16 -21.75 26.43 -4.91
CA GLY D 16 -20.91 26.64 -3.74
C GLY D 16 -21.72 27.01 -2.51
N ARG D 17 -22.73 27.86 -2.67
CA ARG D 17 -23.61 28.18 -1.57
C ARG D 17 -24.37 26.96 -1.07
N ILE D 18 -24.72 26.04 -1.99
CA ILE D 18 -25.31 24.77 -1.56
C ILE D 18 -24.29 23.96 -0.78
N LEU D 19 -23.06 23.87 -1.29
CA LEU D 19 -22.01 23.17 -0.57
C LEU D 19 -21.69 23.84 0.76
N ASP D 20 -21.69 25.17 0.79
CA ASP D 20 -21.44 25.89 2.04
C ASP D 20 -22.51 25.54 3.07
N ALA D 21 -23.78 25.60 2.68
CA ALA D 21 -24.86 25.22 3.60
C ALA D 21 -24.81 23.74 3.93
N ALA D 22 -24.51 22.89 2.93
CA ALA D 22 -24.41 21.46 3.17
C ALA D 22 -23.29 21.14 4.16
N ALA D 23 -22.11 21.76 3.96
CA ALA D 23 -21.01 21.53 4.87
C ALA D 23 -21.35 22.00 6.28
N ASP D 24 -22.00 23.15 6.41
CA ASP D 24 -22.49 23.59 7.71
C ASP D 24 -23.47 22.57 8.29
N ALA D 25 -24.48 22.18 7.50
CA ALA D 25 -25.47 21.24 7.99
C ALA D 25 -24.87 19.86 8.25
N PHE D 26 -24.08 19.35 7.29
CA PHE D 26 -23.52 18.01 7.44
C PHE D 26 -22.67 17.89 8.70
N MET D 27 -21.90 18.94 9.02
CA MET D 27 -21.11 18.93 10.24
C MET D 27 -22.01 18.88 11.47
N ALA D 28 -23.00 19.77 11.54
CA ALA D 28 -23.74 19.99 12.77
C ALA D 28 -24.62 18.80 13.14
N ARG D 29 -25.27 18.19 12.15
CA ARG D 29 -26.23 17.12 12.42
C ARG D 29 -25.79 15.75 11.90
N GLY D 30 -24.88 15.70 10.94
CA GLY D 30 -24.41 14.45 10.38
C GLY D 30 -24.81 14.27 8.94
N PHE D 31 -24.89 13.01 8.52
CA PHE D 31 -25.40 12.67 7.19
C PHE D 31 -26.89 12.33 7.23
N ALA D 32 -27.31 11.53 8.21
CA ALA D 32 -28.71 11.09 8.26
C ALA D 32 -29.64 12.24 8.62
N ASN D 33 -29.39 12.89 9.77
CA ASN D 33 -30.25 14.00 10.19
C ASN D 33 -30.18 15.18 9.25
N THR D 34 -29.18 15.22 8.36
CA THR D 34 -29.16 16.20 7.28
C THR D 34 -30.06 15.71 6.16
N THR D 35 -31.24 16.30 6.02
CA THR D 35 -32.18 15.94 4.97
C THR D 35 -32.01 16.89 3.78
N ILE D 36 -32.41 16.42 2.60
CA ILE D 36 -32.32 17.24 1.40
C ILE D 36 -33.01 18.58 1.62
N ASP D 37 -34.12 18.57 2.36
CA ASP D 37 -34.86 19.80 2.61
C ASP D 37 -34.06 20.77 3.47
N ASP D 38 -33.24 20.26 4.39
CA ASP D 38 -32.46 21.12 5.28
C ASP D 38 -31.47 21.98 4.49
N ILE D 39 -30.75 21.38 3.54
CA ILE D 39 -29.82 22.15 2.72
C ILE D 39 -30.59 23.18 1.88
N ALA D 40 -31.77 22.80 1.40
CA ALA D 40 -32.58 23.73 0.63
C ALA D 40 -33.01 24.94 1.46
N ASP D 41 -33.34 24.71 2.73
CA ASP D 41 -33.78 25.81 3.58
C ASP D 41 -32.65 26.79 3.88
N GLU D 42 -31.47 26.27 4.22
CA GLU D 42 -30.33 27.13 4.56
C GLU D 42 -29.75 27.86 3.36
N VAL D 43 -30.20 27.55 2.15
CA VAL D 43 -29.77 28.25 0.95
C VAL D 43 -30.87 29.21 0.52
N GLY D 44 -32.13 28.81 0.74
CA GLY D 44 -33.28 29.63 0.40
C GLY D 44 -33.94 29.24 -0.90
N ALA D 45 -34.22 27.96 -1.06
CA ALA D 45 -34.97 27.46 -2.22
C ALA D 45 -35.60 26.14 -1.83
N THR D 46 -36.34 25.55 -2.78
CA THR D 46 -37.04 24.31 -2.52
C THR D 46 -36.12 23.12 -2.77
N LYS D 47 -36.67 21.92 -2.58
CA LYS D 47 -35.91 20.68 -2.76
C LYS D 47 -35.39 20.56 -4.20
N GLY D 48 -36.10 21.15 -5.16
CA GLY D 48 -35.72 20.99 -6.56
C GLY D 48 -34.37 21.57 -6.90
N LEU D 49 -34.06 22.75 -6.36
CA LEU D 49 -32.75 23.36 -6.62
C LEU D 49 -31.61 22.44 -6.20
N ILE D 50 -31.73 21.81 -5.03
CA ILE D 50 -30.68 20.93 -4.55
C ILE D 50 -30.46 19.79 -5.54
N TYR D 51 -31.53 19.26 -6.12
CA TYR D 51 -31.41 18.17 -7.07
C TYR D 51 -31.10 18.64 -8.49
N TYR D 52 -31.28 19.93 -8.77
CA TYR D 52 -30.92 20.44 -10.09
C TYR D 52 -29.41 20.50 -10.30
N HIS D 53 -28.63 20.59 -9.23
CA HIS D 53 -27.18 20.68 -9.34
C HIS D 53 -26.48 19.39 -8.95
N PHE D 54 -27.20 18.38 -8.45
CA PHE D 54 -26.56 17.17 -7.96
C PHE D 54 -27.48 15.97 -8.20
N ARG D 55 -26.88 14.86 -8.64
CA ARG D 55 -27.65 13.68 -8.99
C ARG D 55 -28.28 12.98 -7.78
N SER D 56 -27.74 13.17 -6.58
CA SER D 56 -28.27 12.50 -5.40
C SER D 56 -27.83 13.24 -4.14
N LYS D 57 -28.24 12.70 -2.99
CA LYS D 57 -27.80 13.24 -1.71
C LYS D 57 -26.32 12.96 -1.49
N PHE D 58 -25.88 11.74 -1.81
CA PHE D 58 -24.47 11.40 -1.62
C PHE D 58 -23.58 12.11 -2.63
N ASP D 59 -24.11 12.41 -3.82
CA ASP D 59 -23.30 13.01 -4.87
C ASP D 59 -22.91 14.44 -4.49
N ILE D 60 -23.39 14.93 -3.35
CA ILE D 60 -22.98 16.26 -2.91
C ILE D 60 -21.95 16.04 -1.81
N PHE D 61 -22.05 14.90 -1.12
CA PHE D 61 -21.10 14.57 -0.08
C PHE D 61 -19.71 14.40 -0.67
N LEU D 62 -19.62 13.82 -1.87
CA LEU D 62 -18.36 13.84 -2.61
C LEU D 62 -17.98 15.27 -2.98
N ALA D 63 -18.95 16.08 -3.40
CA ALA D 63 -18.66 17.45 -3.82
C ALA D 63 -18.08 18.27 -2.66
N VAL D 64 -18.65 18.11 -1.47
CA VAL D 64 -18.06 18.75 -0.29
C VAL D 64 -16.70 18.12 0.02
N TYR D 65 -16.62 16.79 -0.04
CA TYR D 65 -15.40 16.09 0.33
C TYR D 65 -14.28 16.36 -0.68
N GLU D 66 -14.60 16.35 -1.97
CA GLU D 66 -13.59 16.60 -2.99
C GLU D 66 -13.11 18.05 -2.94
N ASP D 67 -14.03 19.01 -2.80
CA ASP D 67 -13.63 20.41 -2.76
C ASP D 67 -12.79 20.71 -1.54
N GLY D 68 -13.15 20.14 -0.38
CA GLY D 68 -12.39 20.39 0.83
C GLY D 68 -10.95 19.92 0.74
N MET D 69 -10.71 18.83 -0.01
CA MET D 69 -9.34 18.36 -0.17
C MET D 69 -8.52 19.30 -1.03
N ARG D 70 -9.14 19.94 -2.02
CA ARG D 70 -8.44 20.96 -2.78
C ARG D 70 -8.04 22.13 -1.89
N ARG D 71 -8.96 22.57 -1.01
CA ARG D 71 -8.73 23.79 -0.23
C ARG D 71 -7.47 23.68 0.61
N VAL D 72 -7.31 22.57 1.33
CA VAL D 72 -6.11 22.39 2.15
C VAL D 72 -4.88 22.26 1.26
N ARG D 73 -4.98 21.44 0.21
CA ARG D 73 -3.84 21.20 -0.67
C ARG D 73 -3.41 22.47 -1.39
N GLU D 74 -4.37 23.33 -1.75
CA GLU D 74 -4.00 24.61 -2.37
C GLU D 74 -3.23 25.51 -1.41
N ARG D 75 -3.39 25.31 -0.09
CA ARG D 75 -2.79 26.24 0.88
C ARG D 75 -1.83 25.59 1.86
N VAL D 76 -1.68 24.27 1.85
CA VAL D 76 -0.80 23.61 2.80
C VAL D 76 0.42 23.07 2.06
N GLU D 77 0.25 22.79 0.77
CA GLU D 77 1.34 22.25 -0.06
C GLU D 77 2.60 23.11 -0.07
N PRO D 78 2.54 24.44 -0.23
CA PRO D 78 3.80 25.22 -0.28
C PRO D 78 4.65 25.07 0.97
N HIS D 79 4.04 24.86 2.13
CA HIS D 79 4.79 24.78 3.38
C HIS D 79 5.56 23.46 3.51
N SER D 80 5.29 22.47 2.66
CA SER D 80 6.12 21.28 2.61
C SER D 80 7.33 21.47 1.70
N THR D 81 7.20 22.32 0.68
CA THR D 81 8.27 22.61 -0.27
C THR D 81 9.04 23.86 0.11
N ALA D 82 9.16 24.15 1.40
CA ALA D 82 9.68 25.39 1.92
C ALA D 82 11.00 25.17 2.65
N PRO D 83 11.82 26.21 2.80
CA PRO D 83 13.07 26.05 3.55
C PRO D 83 12.81 25.78 5.02
N GLY D 84 13.79 25.12 5.65
CA GLY D 84 13.71 24.79 7.06
C GLY D 84 13.85 23.32 7.34
N THR D 85 14.13 22.98 8.60
CA THR D 85 14.31 21.59 9.00
C THR D 85 12.96 20.90 9.16
N GLY D 86 13.00 19.62 9.57
CA GLY D 86 11.77 18.88 9.74
C GLY D 86 10.82 19.52 10.73
N HIS D 87 11.37 20.06 11.82
CA HIS D 87 10.58 20.86 12.75
C HIS D 87 10.06 22.12 12.08
N GLN D 88 10.92 22.80 11.32
CA GLN D 88 10.56 24.08 10.69
C GLN D 88 9.53 23.91 9.58
N ARG D 89 9.31 22.69 9.09
CA ARG D 89 8.31 22.45 8.06
C ARG D 89 6.98 21.99 8.62
N LEU D 90 6.99 21.05 9.58
CA LEU D 90 5.76 20.63 10.24
C LEU D 90 5.02 21.83 10.83
N GLU D 91 5.74 22.67 11.57
CA GLU D 91 5.11 23.82 12.22
C GLU D 91 4.51 24.76 11.18
N ALA D 92 5.23 25.01 10.09
CA ALA D 92 4.66 25.83 9.01
C ALA D 92 3.49 25.12 8.34
N MET D 93 3.53 23.79 8.25
CA MET D 93 2.44 23.03 7.64
C MET D 93 1.27 22.86 8.60
N SER D 94 1.55 22.37 9.81
CA SER D 94 0.49 22.03 10.75
C SER D 94 -0.34 23.25 11.13
N ILE D 95 0.29 24.41 11.23
CA ILE D 95 -0.44 25.64 11.54
C ILE D 95 -1.44 25.96 10.43
N ALA D 96 -0.98 25.91 9.18
CA ALA D 96 -1.86 26.17 8.04
C ALA D 96 -2.94 25.10 7.94
N HIS D 97 -2.65 23.88 8.36
CA HIS D 97 -3.67 22.84 8.41
C HIS D 97 -4.77 23.21 9.39
N LEU D 98 -4.39 23.71 10.58
CA LEU D 98 -5.37 24.16 11.55
C LEU D 98 -6.02 25.48 11.15
N GLU D 99 -5.34 26.28 10.33
CA GLU D 99 -5.96 27.50 9.81
C GLU D 99 -7.12 27.19 8.86
N ASN D 100 -7.20 25.96 8.36
CA ASN D 100 -8.33 25.54 7.54
C ASN D 100 -9.48 25.02 8.40
N LEU D 101 -9.16 24.20 9.41
CA LEU D 101 -10.17 23.77 10.37
C LEU D 101 -10.87 24.96 11.03
N MET D 102 -10.09 25.97 11.40
CA MET D 102 -10.64 27.09 12.15
C MET D 102 -11.34 28.12 11.27
N THR D 103 -11.17 28.04 9.95
CA THR D 103 -11.87 28.93 9.03
C THR D 103 -13.07 28.24 8.39
N GLU D 104 -12.83 27.15 7.65
CA GLU D 104 -13.91 26.34 7.10
C GLU D 104 -14.12 25.11 7.98
N LEU D 105 -14.76 25.34 9.13
CA LEU D 105 -15.02 24.27 10.07
C LEU D 105 -15.98 23.23 9.50
N GLY D 106 -16.92 23.65 8.64
CA GLY D 106 -17.87 22.72 8.06
C GLY D 106 -17.23 21.69 7.16
N TYR D 107 -16.43 22.15 6.19
CA TYR D 107 -15.84 21.23 5.21
C TYR D 107 -14.97 20.17 5.88
N HIS D 108 -14.22 20.58 6.91
CA HIS D 108 -13.23 19.70 7.52
C HIS D 108 -13.85 18.53 8.28
N HIS D 109 -15.11 18.64 8.68
CA HIS D 109 -15.75 17.52 9.38
C HIS D 109 -16.09 16.38 8.44
N VAL D 110 -16.31 16.67 7.16
CA VAL D 110 -16.78 15.67 6.21
C VAL D 110 -15.76 14.56 5.99
N VAL D 111 -14.48 14.83 6.23
CA VAL D 111 -13.43 13.87 5.89
C VAL D 111 -13.17 12.93 7.07
N HIS D 112 -14.08 12.89 8.02
CA HIS D 112 -13.99 11.95 9.14
C HIS D 112 -14.90 10.75 8.95
N GLN D 113 -16.21 10.98 8.82
CA GLN D 113 -17.19 9.90 8.76
C GLN D 113 -17.54 9.57 7.31
N GLY D 114 -16.52 9.16 6.55
CA GLY D 114 -16.72 8.83 5.16
C GLY D 114 -16.34 7.40 4.80
N VAL D 115 -15.53 6.76 5.64
CA VAL D 115 -14.98 5.46 5.32
C VAL D 115 -15.67 4.36 6.13
N ARG D 116 -16.13 4.69 7.33
CA ARG D 116 -16.64 3.69 8.26
C ARG D 116 -17.86 2.97 7.69
N HIS D 117 -18.95 3.70 7.47
CA HIS D 117 -20.20 3.10 7.03
C HIS D 117 -20.28 2.92 5.51
N GLN D 118 -19.15 3.01 4.80
CA GLN D 118 -19.16 2.85 3.35
C GLN D 118 -19.64 1.46 2.96
N ASP D 119 -19.16 0.43 3.67
CA ASP D 119 -19.61 -0.92 3.37
C ASP D 119 -21.07 -1.11 3.76
N SER D 120 -21.44 -0.69 4.97
CA SER D 120 -22.76 -1.00 5.52
C SER D 120 -23.90 -0.27 4.80
N THR D 121 -23.60 0.70 3.94
CA THR D 121 -24.63 1.48 3.26
C THR D 121 -24.48 1.36 1.75
N ALA D 122 -25.59 1.52 1.06
CA ALA D 122 -25.63 1.31 -0.39
C ALA D 122 -25.05 2.51 -1.14
N LEU D 123 -24.48 2.23 -2.30
CA LEU D 123 -23.89 3.23 -3.19
C LEU D 123 -23.87 2.67 -4.59
N LYS D 124 -23.97 3.57 -5.58
CA LYS D 124 -23.75 3.15 -6.96
C LYS D 124 -22.26 2.93 -7.20
N VAL D 125 -21.94 2.21 -8.28
CA VAL D 125 -20.55 1.88 -8.57
C VAL D 125 -19.75 3.13 -8.86
N ARG D 126 -20.37 4.12 -9.52
CA ARG D 126 -19.68 5.37 -9.78
C ARG D 126 -19.59 6.26 -8.55
N GLN D 127 -20.25 5.88 -7.45
CA GLN D 127 -20.21 6.63 -6.20
C GLN D 127 -19.29 6.00 -5.16
N ARG D 128 -19.43 4.69 -4.90
CA ARG D 128 -18.53 4.03 -3.95
C ARG D 128 -17.09 4.06 -4.45
N ASP D 129 -16.89 3.91 -5.76
CA ASP D 129 -15.54 4.03 -6.31
C ASP D 129 -15.04 5.47 -6.18
N ALA D 130 -15.91 6.45 -6.45
CA ALA D 130 -15.51 7.85 -6.30
C ALA D 130 -15.17 8.18 -4.86
N LEU D 131 -15.77 7.47 -3.90
CA LEU D 131 -15.40 7.64 -2.50
C LEU D 131 -13.94 7.27 -2.28
N THR D 132 -13.57 6.03 -2.57
CA THR D 132 -12.18 5.61 -2.43
C THR D 132 -11.26 6.27 -3.46
N ALA D 133 -11.82 6.78 -4.55
CA ALA D 133 -11.01 7.61 -5.46
C ALA D 133 -10.58 8.91 -4.80
N LEU D 134 -11.32 9.38 -3.80
CA LEU D 134 -10.89 10.50 -2.98
C LEU D 134 -10.24 10.08 -1.67
N ASN D 135 -10.52 8.86 -1.20
CA ASN D 135 -9.88 8.39 0.03
C ASN D 135 -8.38 8.16 -0.13
N GLU D 136 -7.88 8.02 -1.36
CA GLU D 136 -6.44 8.10 -1.56
C GLU D 136 -5.94 9.52 -1.36
N LEU D 137 -6.74 10.51 -1.76
CA LEU D 137 -6.36 11.90 -1.56
C LEU D 137 -6.18 12.22 -0.08
N ARG D 138 -6.79 11.45 0.82
CA ARG D 138 -6.39 11.54 2.23
C ARG D 138 -5.00 10.95 2.43
N ARG D 139 -4.77 9.75 1.89
CA ARG D 139 -3.48 9.08 2.06
C ARG D 139 -2.40 9.75 1.21
N ASP D 140 -2.76 10.19 0.00
CA ASP D 140 -1.82 10.94 -0.82
C ASP D 140 -1.51 12.31 -0.23
N TYR D 141 -2.33 12.78 0.71
CA TYR D 141 -2.03 13.97 1.50
C TYR D 141 -1.27 13.61 2.77
N GLU D 142 -1.65 12.51 3.44
CA GLU D 142 -0.84 12.01 4.54
C GLU D 142 0.55 11.61 4.07
N ARG D 143 0.73 11.38 2.77
CA ARG D 143 2.06 11.14 2.22
C ARG D 143 2.96 12.35 2.44
N MET D 144 2.41 13.56 2.27
CA MET D 144 3.18 14.78 2.53
C MET D 144 3.65 14.84 3.98
N PHE D 145 2.80 14.41 4.91
CA PHE D 145 3.18 14.45 6.31
C PHE D 145 4.01 13.24 6.72
N ARG D 146 4.03 12.18 5.91
CA ARG D 146 5.02 11.14 6.08
C ARG D 146 6.34 11.54 5.43
N ARG D 147 6.29 12.39 4.40
CA ARG D 147 7.51 12.80 3.70
C ARG D 147 8.33 13.81 4.48
N VAL D 148 7.70 14.61 5.35
CA VAL D 148 8.40 15.66 6.06
C VAL D 148 8.67 15.30 7.52
N ILE D 149 7.76 14.59 8.19
CA ILE D 149 8.13 13.93 9.44
C ILE D 149 9.35 13.04 9.21
N ALA D 150 9.46 12.46 8.01
CA ALA D 150 10.63 11.68 7.64
C ALA D 150 11.90 12.52 7.70
N GLU D 151 11.88 13.67 7.04
CA GLU D 151 13.09 14.46 6.91
C GLU D 151 13.49 15.18 8.19
N GLY D 152 12.83 14.84 9.31
CA GLY D 152 13.27 15.27 10.62
C GLY D 152 13.72 14.14 11.53
N ILE D 153 13.08 12.96 11.41
CA ILE D 153 13.34 11.88 12.35
C ILE D 153 14.79 11.41 12.24
N ALA D 154 15.37 11.48 11.05
CA ALA D 154 16.79 11.19 10.86
C ALA D 154 17.62 12.43 10.63
N ASP D 155 17.04 13.49 10.06
CA ASP D 155 17.78 14.71 9.74
C ASP D 155 17.55 15.77 10.81
N GLY D 156 18.03 15.47 12.02
CA GLY D 156 18.24 16.46 13.04
C GLY D 156 17.12 16.74 14.03
N SER D 157 15.99 17.24 13.55
CA SER D 157 15.04 17.91 14.42
C SER D 157 14.25 16.95 15.30
N LEU D 158 13.43 16.10 14.68
CA LEU D 158 12.40 15.39 15.41
C LEU D 158 12.97 14.19 16.14
N ARG D 159 12.45 13.96 17.35
CA ARG D 159 12.80 12.82 18.18
C ARG D 159 12.77 11.52 17.38
N ARG D 160 13.78 10.69 17.58
CA ARG D 160 13.87 9.40 16.88
C ARG D 160 12.75 8.51 17.39
N VAL D 161 11.70 8.37 16.58
CA VAL D 161 10.53 7.57 16.90
C VAL D 161 9.99 7.05 15.59
N ASP D 162 9.27 5.93 15.64
CA ASP D 162 8.84 5.24 14.43
C ASP D 162 8.07 6.17 13.50
N GLU D 163 8.47 6.14 12.22
CA GLU D 163 7.94 7.04 11.21
C GLU D 163 6.45 6.83 10.98
N ALA D 164 5.96 5.61 11.20
CA ALA D 164 4.58 5.27 10.85
C ALA D 164 3.60 5.79 11.88
N LEU D 165 3.78 5.42 13.15
CA LEU D 165 2.81 5.80 14.18
C LEU D 165 2.86 7.29 14.46
N ALA D 166 4.01 7.93 14.27
CA ALA D 166 4.10 9.38 14.43
C ALA D 166 3.26 10.11 13.39
N THR D 167 3.08 9.52 12.21
CA THR D 167 2.19 10.09 11.21
C THR D 167 0.74 9.75 11.48
N ARG D 168 0.47 8.54 11.98
CA ARG D 168 -0.88 8.23 12.46
C ARG D 168 -1.29 9.19 13.58
N THR D 169 -0.45 9.32 14.60
CA THR D 169 -0.82 10.13 15.76
C THR D 169 -0.97 11.60 15.39
N LEU D 170 0.04 12.20 14.77
CA LEU D 170 -0.01 13.65 14.57
C LEU D 170 -1.22 14.04 13.74
N LEU D 171 -1.43 13.35 12.62
CA LEU D 171 -2.54 13.70 11.74
C LEU D 171 -3.88 13.46 12.43
N SER D 172 -4.03 12.33 13.12
CA SER D 172 -5.28 12.08 13.82
C SER D 172 -5.48 13.04 14.99
N ASN D 173 -4.42 13.68 15.46
CA ASN D 173 -4.49 14.51 16.65
C ASN D 173 -4.54 16.02 16.38
N LEU D 174 -4.04 16.51 15.24
CA LEU D 174 -4.38 17.88 14.89
C LEU D 174 -5.63 17.96 14.05
N ASN D 175 -6.23 16.81 13.73
CA ASN D 175 -7.53 16.75 13.08
C ASN D 175 -8.66 16.55 14.10
N ALA D 176 -8.32 16.21 15.34
CA ALA D 176 -9.29 16.07 16.42
C ALA D 176 -9.54 17.38 17.15
N VAL D 177 -9.29 18.52 16.49
CA VAL D 177 -9.61 19.81 17.08
C VAL D 177 -11.09 20.12 16.95
N ASP D 178 -11.79 19.49 16.00
CA ASP D 178 -13.21 19.70 15.84
C ASP D 178 -14.02 19.24 17.04
N VAL D 179 -13.42 18.44 17.93
CA VAL D 179 -14.12 17.97 19.12
C VAL D 179 -14.52 19.14 20.00
N TRP D 180 -13.63 20.12 20.16
CA TRP D 180 -13.92 21.26 21.02
C TRP D 180 -13.95 22.60 20.29
N TYR D 181 -13.38 22.70 19.09
CA TYR D 181 -13.32 23.99 18.42
C TYR D 181 -14.71 24.52 18.09
N ARG D 182 -14.90 25.82 18.28
CA ARG D 182 -16.17 26.48 18.01
C ARG D 182 -15.85 27.84 17.41
N LYS D 183 -16.33 28.08 16.19
CA LYS D 183 -15.97 29.29 15.45
C LYS D 183 -16.73 30.49 16.00
N ILE D 184 -15.99 31.46 16.52
CA ILE D 184 -16.58 32.73 16.95
C ILE D 184 -16.81 33.58 15.70
N GLU D 185 -18.08 33.77 15.35
CA GLU D 185 -18.41 34.50 14.13
C GLU D 185 -17.98 35.96 14.28
N GLY D 186 -17.49 36.53 13.18
CA GLY D 186 -16.75 37.77 13.26
C GLY D 186 -15.28 37.57 13.49
N GLN D 187 -14.74 36.42 13.11
CA GLN D 187 -13.36 36.05 13.34
C GLN D 187 -12.42 36.81 12.41
N THR D 188 -11.18 36.97 12.85
CA THR D 188 -10.13 37.60 12.07
C THR D 188 -9.00 36.62 11.83
N GLY D 189 -8.32 36.80 10.69
CA GLY D 189 -7.30 35.84 10.30
C GLY D 189 -6.13 35.76 11.26
N GLU D 190 -5.70 36.90 11.79
CA GLU D 190 -4.57 36.91 12.72
C GLU D 190 -4.92 36.28 14.06
N GLU D 191 -6.20 36.32 14.46
CA GLU D 191 -6.63 35.62 15.66
C GLU D 191 -6.55 34.11 15.47
N ILE D 192 -7.01 33.62 14.31
CA ILE D 192 -7.02 32.18 14.05
C ILE D 192 -5.60 31.64 13.93
N ARG D 193 -4.70 32.38 13.26
CA ARG D 193 -3.32 31.94 13.15
C ARG D 193 -2.67 31.83 14.53
N GLU D 194 -2.96 32.76 15.42
CA GLU D 194 -2.42 32.70 16.78
C GLU D 194 -2.91 31.46 17.51
N LEU D 195 -4.21 31.14 17.39
CA LEU D 195 -4.75 29.97 18.06
C LEU D 195 -4.16 28.69 17.48
N ALA D 196 -3.93 28.65 16.17
CA ALA D 196 -3.30 27.49 15.54
C ALA D 196 -1.89 27.29 16.08
N SER D 197 -1.11 28.37 16.18
CA SER D 197 0.25 28.27 16.69
C SER D 197 0.27 27.76 18.14
N GLN D 198 -0.71 28.19 18.93
CA GLN D 198 -0.83 27.70 20.31
C GLN D 198 -0.93 26.18 20.35
N VAL D 199 -1.87 25.63 19.58
CA VAL D 199 -2.14 24.19 19.66
C VAL D 199 -0.95 23.39 19.17
N VAL D 200 -0.33 23.81 18.07
CA VAL D 200 0.78 23.06 17.50
C VAL D 200 1.92 22.91 18.50
N ASP D 201 2.22 23.98 19.25
CA ASP D 201 3.29 23.90 20.24
C ASP D 201 2.82 22.88 21.27
N MET D 202 1.54 22.87 21.59
CA MET D 202 0.99 21.77 22.39
C MET D 202 1.21 20.36 21.80
N LEU D 203 1.10 20.27 20.47
CA LEU D 203 1.28 19.00 19.79
C LEU D 203 2.67 18.52 19.39
N ILE D 204 3.40 19.33 18.60
CA ILE D 204 4.74 18.94 18.20
C ILE D 204 5.70 19.00 19.37
N GLY D 205 5.57 20.01 20.23
CA GLY D 205 6.49 20.16 21.35
C GLY D 205 6.30 19.11 22.42
N GLY D 206 5.05 18.84 22.80
CA GLY D 206 4.75 17.91 23.87
C GLY D 206 4.61 18.58 25.22
N LEU D 207 4.94 17.85 26.30
CA LEU D 207 4.81 18.37 27.65
C LEU D 207 6.06 18.21 28.49
N ALA D 208 7.10 17.55 27.99
CA ALA D 208 8.25 17.20 28.82
C ALA D 208 9.12 18.41 29.12
N ASP D 209 9.68 19.03 28.09
CA ASP D 209 10.59 20.16 28.29
C ASP D 209 10.27 21.30 27.31
N ASP G 13 37.66 -7.10 29.77
CA ASP G 13 38.89 -7.73 30.23
C ASP G 13 39.79 -7.96 29.01
N VAL G 14 39.82 -9.20 28.51
CA VAL G 14 40.60 -9.49 27.32
C VAL G 14 40.02 -8.76 26.12
N LYS G 15 38.70 -8.58 26.06
CA LYS G 15 38.11 -7.73 25.04
C LYS G 15 38.63 -6.30 25.15
N GLY G 16 38.76 -5.80 26.39
CA GLY G 16 39.33 -4.48 26.59
C GLY G 16 40.76 -4.36 26.10
N ARG G 17 41.50 -5.48 26.13
CA ARG G 17 42.83 -5.48 25.52
C ARG G 17 42.77 -5.07 24.07
N ILE G 18 41.88 -5.71 23.30
CA ILE G 18 41.68 -5.31 21.91
C ILE G 18 41.06 -3.92 21.82
N LEU G 19 40.07 -3.65 22.67
CA LEU G 19 39.29 -2.42 22.53
C LEU G 19 40.12 -1.19 22.88
N ASP G 20 40.84 -1.24 24.02
CA ASP G 20 41.70 -0.12 24.38
C ASP G 20 42.82 0.07 23.35
N ALA G 21 43.42 -1.04 22.90
CA ALA G 21 44.44 -0.93 21.85
C ALA G 21 43.85 -0.42 20.55
N ALA G 22 42.62 -0.84 20.22
CA ALA G 22 41.96 -0.34 19.03
C ALA G 22 41.56 1.13 19.19
N ALA G 23 41.05 1.50 20.37
CA ALA G 23 40.56 2.87 20.57
C ALA G 23 41.66 3.89 20.37
N ASP G 24 42.80 3.70 21.04
CA ASP G 24 43.91 4.65 20.89
C ASP G 24 44.54 4.56 19.50
N ALA G 25 44.59 3.37 18.91
CA ALA G 25 45.02 3.27 17.52
C ALA G 25 44.00 3.93 16.60
N PHE G 26 42.71 3.85 16.94
CA PHE G 26 41.69 4.54 16.16
C PHE G 26 41.87 6.06 16.22
N MET G 27 42.16 6.59 17.42
CA MET G 27 42.27 8.03 17.60
C MET G 27 43.43 8.64 16.79
N ALA G 28 44.43 7.84 16.44
CA ALA G 28 45.61 8.38 15.77
C ALA G 28 45.36 8.54 14.27
N ARG G 29 45.12 7.44 13.57
CA ARG G 29 44.91 7.46 12.13
C ARG G 29 43.45 7.31 11.74
N GLY G 30 42.54 7.74 12.62
CA GLY G 30 41.12 7.64 12.30
C GLY G 30 40.67 6.20 12.19
N PHE G 31 39.79 5.94 11.22
CA PHE G 31 39.26 4.61 10.97
C PHE G 31 39.84 3.95 9.73
N ALA G 32 39.92 4.69 8.62
CA ALA G 32 40.28 4.10 7.33
C ALA G 32 41.72 3.59 7.33
N ASN G 33 42.66 4.42 7.78
CA ASN G 33 44.08 4.10 7.63
C ASN G 33 44.61 3.19 8.74
N THR G 34 43.75 2.74 9.65
CA THR G 34 44.12 1.70 10.62
C THR G 34 43.66 0.35 10.10
N THR G 35 44.50 -0.66 10.22
CA THR G 35 44.20 -1.99 9.71
C THR G 35 43.82 -2.92 10.86
N ILE G 36 43.39 -4.13 10.49
CA ILE G 36 43.03 -5.12 11.50
C ILE G 36 44.26 -5.58 12.27
N ASP G 37 45.33 -5.88 11.54
CA ASP G 37 46.55 -6.40 12.17
C ASP G 37 47.40 -5.32 12.83
N ASP G 38 47.16 -4.05 12.54
CA ASP G 38 47.71 -3.00 13.38
C ASP G 38 47.30 -3.23 14.83
N ILE G 39 46.00 -3.41 15.04
CA ILE G 39 45.46 -3.70 16.37
C ILE G 39 45.90 -5.07 16.87
N ALA G 40 46.24 -5.99 15.95
CA ALA G 40 46.66 -7.32 16.36
C ALA G 40 48.05 -7.30 16.99
N ASP G 41 48.95 -6.47 16.46
CA ASP G 41 50.29 -6.43 17.02
C ASP G 41 50.33 -5.68 18.34
N GLU G 42 49.46 -4.69 18.53
CA GLU G 42 49.37 -4.02 19.83
C GLU G 42 48.92 -5.00 20.90
N VAL G 43 47.92 -5.84 20.59
CA VAL G 43 47.43 -6.82 21.57
C VAL G 43 48.33 -8.05 21.65
N GLY G 44 49.36 -8.13 20.80
CA GLY G 44 50.28 -9.26 20.83
C GLY G 44 49.68 -10.59 20.39
N ALA G 45 48.81 -10.57 19.38
CA ALA G 45 48.32 -11.78 18.75
C ALA G 45 48.26 -11.52 17.24
N THR G 46 47.72 -12.46 16.48
CA THR G 46 47.47 -12.22 15.08
C THR G 46 45.97 -12.04 14.84
N LYS G 47 45.67 -11.58 13.62
CA LYS G 47 44.34 -11.12 13.24
C LYS G 47 43.27 -12.21 13.40
N GLY G 48 43.65 -13.47 13.63
CA GLY G 48 42.67 -14.51 13.89
C GLY G 48 42.00 -14.41 15.25
N LEU G 49 42.61 -13.72 16.21
CA LEU G 49 41.98 -13.54 17.51
C LEU G 49 41.01 -12.36 17.50
N ILE G 50 41.41 -11.26 16.85
CA ILE G 50 40.57 -10.07 16.83
C ILE G 50 39.24 -10.35 16.13
N TYR G 51 39.30 -10.98 14.95
CA TYR G 51 38.07 -11.32 14.24
C TYR G 51 37.24 -12.32 14.99
N TYR G 52 37.88 -13.16 15.81
CA TYR G 52 37.11 -14.10 16.63
C TYR G 52 36.25 -13.38 17.65
N HIS G 53 36.70 -12.22 18.14
CA HIS G 53 35.95 -11.46 19.12
C HIS G 53 35.02 -10.42 18.48
N PHE G 54 35.29 -10.02 17.25
CA PHE G 54 34.48 -9.02 16.55
C PHE G 54 34.43 -9.43 15.09
N ARG G 55 33.22 -9.67 14.57
CA ARG G 55 33.08 -10.24 13.23
C ARG G 55 33.11 -9.20 12.11
N SER G 56 33.68 -8.02 12.38
CA SER G 56 33.98 -7.05 11.33
C SER G 56 34.82 -5.94 11.94
N LYS G 57 35.47 -5.17 11.06
CA LYS G 57 36.21 -3.99 11.50
C LYS G 57 35.28 -2.92 12.05
N PHE G 58 34.20 -2.64 11.34
CA PHE G 58 33.23 -1.64 11.80
C PHE G 58 32.57 -2.10 13.09
N ASP G 59 32.39 -3.41 13.27
CA ASP G 59 31.78 -3.94 14.48
C ASP G 59 32.63 -3.66 15.72
N ILE G 60 33.93 -3.44 15.55
CA ILE G 60 34.76 -2.97 16.66
C ILE G 60 34.43 -1.52 17.00
N PHE G 61 34.33 -0.67 15.98
CA PHE G 61 34.04 0.75 16.15
C PHE G 61 32.76 0.90 16.97
N LEU G 62 31.77 0.04 16.70
CA LEU G 62 30.56 0.02 17.51
C LEU G 62 30.87 -0.19 18.98
N ALA G 63 31.65 -1.23 19.30
CA ALA G 63 31.92 -1.55 20.70
C ALA G 63 32.74 -0.47 21.39
N VAL G 64 33.68 0.15 20.69
CA VAL G 64 34.42 1.28 21.27
C VAL G 64 33.47 2.45 21.53
N TYR G 65 32.68 2.80 20.52
CA TYR G 65 31.77 3.94 20.60
C TYR G 65 30.54 3.60 21.43
N GLU G 66 30.27 2.32 21.68
CA GLU G 66 29.31 1.92 22.70
C GLU G 66 29.89 2.10 24.10
N ASP G 67 31.19 1.81 24.26
CA ASP G 67 31.80 1.89 25.59
C ASP G 67 32.03 3.34 26.02
N GLY G 68 32.58 4.16 25.12
CA GLY G 68 32.84 5.56 25.47
C GLY G 68 31.57 6.30 25.84
N MET G 69 30.47 6.01 25.13
CA MET G 69 29.19 6.60 25.48
C MET G 69 28.58 5.98 26.73
N ARG G 70 28.92 4.71 27.01
CA ARG G 70 28.51 4.10 28.26
C ARG G 70 29.46 4.40 29.41
N ARG G 71 30.55 5.13 29.14
CA ARG G 71 31.53 5.51 30.15
C ARG G 71 31.29 6.91 30.67
N VAL G 72 31.18 7.90 29.78
CA VAL G 72 30.90 9.27 30.21
C VAL G 72 29.56 9.33 30.92
N ARG G 73 28.62 8.49 30.51
CA ARG G 73 27.32 8.43 31.17
C ARG G 73 27.45 7.98 32.62
N GLU G 74 28.47 7.18 32.94
CA GLU G 74 28.63 6.73 34.32
C GLU G 74 29.27 7.80 35.22
N ARG G 75 29.94 8.78 34.64
CA ARG G 75 30.59 9.84 35.41
C ARG G 75 29.74 11.11 35.50
N VAL G 76 29.28 11.62 34.35
CA VAL G 76 28.58 12.90 34.33
C VAL G 76 27.20 12.78 34.96
N GLU G 77 26.49 11.68 34.71
CA GLU G 77 25.08 11.58 35.07
C GLU G 77 24.77 11.86 36.54
N PRO G 78 25.49 11.29 37.52
CA PRO G 78 25.15 11.60 38.93
C PRO G 78 25.33 13.05 39.30
N HIS G 79 26.13 13.81 38.54
CA HIS G 79 26.29 15.23 38.80
C HIS G 79 25.11 16.06 38.33
N SER G 80 24.06 15.44 37.80
CA SER G 80 22.90 16.17 37.30
C SER G 80 21.79 16.30 38.34
N THR G 81 21.62 15.31 39.21
CA THR G 81 20.71 15.44 40.34
C THR G 81 21.41 15.96 41.58
N ALA G 82 22.68 16.34 41.46
CA ALA G 82 23.40 16.91 42.59
C ALA G 82 22.76 18.23 43.01
N PRO G 83 22.78 18.55 44.30
CA PRO G 83 22.18 19.81 44.76
C PRO G 83 22.91 21.01 44.19
N GLY G 84 22.17 21.91 43.56
CA GLY G 84 22.77 23.10 42.99
C GLY G 84 21.82 23.78 42.03
N THR G 85 22.35 24.78 41.33
CA THR G 85 21.59 25.54 40.36
C THR G 85 21.97 25.09 38.95
N GLY G 86 21.45 25.79 37.94
CA GLY G 86 21.80 25.49 36.57
C GLY G 86 23.20 25.94 36.19
N HIS G 87 23.77 26.88 36.95
CA HIS G 87 25.16 27.25 36.75
C HIS G 87 26.11 26.33 37.51
N GLN G 88 25.64 25.76 38.61
CA GLN G 88 26.49 24.99 39.51
C GLN G 88 26.61 23.54 39.09
N ARG G 89 25.47 22.88 38.87
CA ARG G 89 25.48 21.51 38.35
C ARG G 89 26.15 21.44 36.99
N LEU G 90 26.00 22.48 36.17
CA LEU G 90 26.50 22.45 34.80
C LEU G 90 28.01 22.32 34.77
N GLU G 91 28.71 23.28 35.38
CA GLU G 91 30.17 23.27 35.37
C GLU G 91 30.71 22.03 36.07
N ALA G 92 30.09 21.62 37.17
CA ALA G 92 30.49 20.39 37.85
C ALA G 92 30.25 19.16 36.98
N MET G 93 29.30 19.22 36.04
CA MET G 93 29.19 18.18 35.03
C MET G 93 30.24 18.37 33.95
N SER G 94 30.37 19.62 33.46
CA SER G 94 31.29 19.94 32.40
C SER G 94 32.74 19.66 32.78
N ILE G 95 33.04 19.60 34.07
CA ILE G 95 34.35 19.12 34.51
C ILE G 95 34.45 17.61 34.30
N ALA G 96 33.49 16.87 34.86
CA ALA G 96 33.53 15.41 34.78
C ALA G 96 33.51 14.92 33.34
N HIS G 97 32.76 15.62 32.47
CA HIS G 97 32.87 15.36 31.04
C HIS G 97 34.29 15.59 30.57
N LEU G 98 34.77 16.82 30.68
CA LEU G 98 36.08 17.17 30.15
C LEU G 98 37.20 16.52 30.96
N GLU G 99 36.90 16.00 32.15
CA GLU G 99 37.84 15.08 32.79
C GLU G 99 38.06 13.85 31.93
N ASN G 100 36.98 13.15 31.56
CA ASN G 100 37.13 11.86 30.91
C ASN G 100 37.63 12.02 29.48
N LEU G 101 37.20 13.08 28.78
CA LEU G 101 37.76 13.37 27.47
C LEU G 101 39.26 13.59 27.59
N MET G 102 39.74 14.01 28.76
CA MET G 102 41.16 14.21 29.00
C MET G 102 41.86 12.99 29.58
N THR G 103 41.12 11.93 29.94
CA THR G 103 41.76 10.69 30.33
C THR G 103 41.63 9.57 29.29
N GLU G 104 40.60 9.60 28.45
CA GLU G 104 40.37 8.56 27.45
C GLU G 104 39.99 9.18 26.10
N LEU G 105 40.76 10.15 25.62
CA LEU G 105 40.39 10.81 24.37
C LEU G 105 40.40 9.85 23.19
N GLY G 106 41.07 8.70 23.33
CA GLY G 106 41.00 7.68 22.29
C GLY G 106 39.60 7.13 22.13
N TYR G 107 38.94 6.80 23.23
CA TYR G 107 37.54 6.43 23.19
C TYR G 107 36.67 7.62 22.78
N HIS G 108 37.09 8.83 23.11
CA HIS G 108 36.24 10.01 22.94
C HIS G 108 36.16 10.47 21.48
N HIS G 109 37.27 10.40 20.75
CA HIS G 109 37.34 11.05 19.44
C HIS G 109 36.28 10.52 18.47
N VAL G 110 35.86 9.28 18.63
CA VAL G 110 34.94 8.67 17.66
C VAL G 110 33.53 9.24 17.74
N VAL G 111 33.15 9.88 18.85
CA VAL G 111 31.75 10.26 19.05
C VAL G 111 31.32 11.38 18.12
N HIS G 112 32.25 12.14 17.54
CA HIS G 112 31.91 13.04 16.45
C HIS G 112 32.76 12.83 15.21
N GLN G 113 33.71 11.90 15.22
CA GLN G 113 34.45 11.55 14.03
C GLN G 113 33.62 10.70 13.07
N GLY G 114 32.46 10.21 13.49
CA GLY G 114 31.61 9.39 12.65
C GLY G 114 30.16 9.85 12.59
N VAL G 115 29.90 11.12 12.90
CA VAL G 115 28.54 11.62 12.88
C VAL G 115 28.11 12.00 11.46
N ARG G 116 28.96 12.72 10.74
CA ARG G 116 28.64 13.21 9.40
C ARG G 116 28.84 12.17 8.33
N HIS G 117 28.90 10.88 8.69
CA HIS G 117 29.28 9.83 7.77
C HIS G 117 28.35 8.62 7.85
N GLN G 118 27.15 8.79 8.41
CA GLN G 118 26.21 7.68 8.49
C GLN G 118 25.67 7.29 7.12
N ASP G 119 25.66 8.23 6.18
CA ASP G 119 25.08 8.01 4.86
C ASP G 119 26.11 7.67 3.79
N SER G 120 27.22 8.41 3.73
CA SER G 120 28.13 8.30 2.60
C SER G 120 28.84 6.95 2.52
N THR G 121 28.86 6.18 3.60
CA THR G 121 29.61 4.93 3.63
C THR G 121 28.68 3.72 3.45
N ALA G 122 29.27 2.63 2.98
CA ALA G 122 28.56 1.37 2.87
C ALA G 122 28.25 0.81 4.25
N LEU G 123 27.09 0.17 4.37
CA LEU G 123 26.65 -0.38 5.64
C LEU G 123 25.51 -1.38 5.48
N LYS G 124 25.62 -2.55 6.11
CA LYS G 124 24.45 -3.39 6.26
C LYS G 124 23.45 -2.68 7.16
N VAL G 125 22.19 -3.11 7.08
CA VAL G 125 21.15 -2.41 7.83
C VAL G 125 21.34 -2.56 9.33
N ARG G 126 22.04 -3.60 9.79
CA ARG G 126 22.10 -3.85 11.23
C ARG G 126 23.02 -2.87 11.94
N GLN G 127 24.22 -2.62 11.38
CA GLN G 127 25.07 -1.60 11.97
C GLN G 127 24.50 -0.19 11.73
N ARG G 128 23.95 0.04 10.54
CA ARG G 128 23.27 1.30 10.29
C ARG G 128 22.13 1.51 11.29
N ASP G 129 21.51 0.43 11.75
CA ASP G 129 20.61 0.51 12.90
C ASP G 129 21.39 0.68 14.20
N ALA G 130 22.49 -0.05 14.37
CA ALA G 130 23.26 0.02 15.60
C ALA G 130 24.01 1.34 15.72
N LEU G 131 24.54 1.85 14.59
CA LEU G 131 25.19 3.15 14.61
C LEU G 131 24.19 4.25 14.97
N THR G 132 23.03 4.24 14.33
CA THR G 132 22.01 5.24 14.64
C THR G 132 21.48 5.07 16.06
N ALA G 133 21.48 3.83 16.58
CA ALA G 133 21.13 3.62 17.98
C ALA G 133 22.13 4.34 18.90
N LEU G 134 23.42 4.30 18.54
CA LEU G 134 24.44 5.03 19.29
C LEU G 134 24.44 6.51 18.92
N ASN G 135 24.21 6.82 17.64
CA ASN G 135 24.06 8.22 17.25
C ASN G 135 22.91 8.90 18.00
N GLU G 136 21.89 8.12 18.35
CA GLU G 136 20.75 8.64 19.09
C GLU G 136 20.97 8.54 20.60
N LEU G 137 21.80 7.59 21.06
CA LEU G 137 22.19 7.60 22.46
C LEU G 137 23.10 8.77 22.79
N ARG G 138 23.76 9.34 21.77
CA ARG G 138 24.46 10.61 21.97
C ARG G 138 23.48 11.72 22.32
N ARG G 139 22.30 11.72 21.70
CA ARG G 139 21.29 12.70 22.04
C ARG G 139 20.76 12.66 23.47
N ASP G 140 20.69 11.45 24.05
CA ASP G 140 20.31 11.32 25.46
C ASP G 140 21.30 12.00 26.38
N TYR G 141 22.59 11.86 26.09
CA TYR G 141 23.59 12.64 26.80
C TYR G 141 23.52 14.11 26.38
N GLU G 142 23.44 14.36 25.07
CA GLU G 142 23.37 15.74 24.58
C GLU G 142 22.05 16.40 24.94
N ARG G 143 21.00 15.60 25.20
CA ARG G 143 19.74 16.12 25.71
C ARG G 143 19.90 16.60 27.15
N MET G 144 20.68 15.87 27.94
CA MET G 144 20.81 16.15 29.36
C MET G 144 21.18 17.60 29.63
N PHE G 145 22.19 18.10 28.94
CA PHE G 145 22.67 19.44 29.23
C PHE G 145 21.62 20.47 28.84
N ARG G 146 20.88 20.23 27.75
CA ARG G 146 19.80 21.13 27.38
C ARG G 146 18.76 21.22 28.50
N ARG G 147 18.51 20.12 29.21
CA ARG G 147 17.65 20.18 30.39
C ARG G 147 18.26 21.08 31.46
N VAL G 148 19.55 20.89 31.75
CA VAL G 148 20.19 21.65 32.83
C VAL G 148 20.44 23.10 32.42
N ILE G 149 20.61 23.37 31.13
CA ILE G 149 20.67 24.76 30.66
C ILE G 149 19.40 25.50 31.06
N ALA G 150 18.24 24.84 30.94
CA ALA G 150 16.97 25.51 31.19
C ALA G 150 16.86 26.00 32.62
N GLU G 151 17.30 25.17 33.59
CA GLU G 151 17.18 25.56 34.99
C GLU G 151 18.07 26.75 35.34
N GLY G 152 19.25 26.85 34.73
CA GLY G 152 20.07 28.03 34.95
C GLY G 152 19.49 29.28 34.32
N ILE G 153 18.72 29.11 33.24
CA ILE G 153 17.96 30.22 32.67
C ILE G 153 16.85 30.63 33.62
N ALA G 154 16.24 29.67 34.31
CA ALA G 154 15.12 29.96 35.21
C ALA G 154 15.54 30.86 36.36
N ASP G 155 16.44 30.37 37.21
CA ASP G 155 16.78 31.10 38.44
C ASP G 155 17.97 32.04 38.25
N GLY G 156 17.90 32.87 37.22
CA GLY G 156 18.91 33.90 36.98
C GLY G 156 20.36 33.44 36.95
N SER G 157 20.60 32.13 36.97
CA SER G 157 21.97 31.63 36.98
C SER G 157 22.65 31.91 35.65
N LEU G 158 22.05 31.41 34.56
CA LEU G 158 22.59 31.60 33.22
C LEU G 158 21.71 32.57 32.45
N ARG G 159 22.30 33.17 31.41
CA ARG G 159 21.63 34.24 30.67
C ARG G 159 20.37 33.73 29.96
N ARG G 160 19.44 34.65 29.72
CA ARG G 160 18.24 34.35 28.95
C ARG G 160 18.62 34.23 27.49
N VAL G 161 19.12 33.05 27.12
CA VAL G 161 19.62 32.79 25.77
C VAL G 161 18.95 31.51 25.27
N ASP G 162 19.06 31.28 23.97
CA ASP G 162 18.36 30.16 23.33
C ASP G 162 18.74 28.85 23.98
N GLU G 163 17.74 28.15 24.51
CA GLU G 163 17.99 26.92 25.26
C GLU G 163 18.64 25.85 24.39
N ALA G 164 18.24 25.77 23.11
CA ALA G 164 18.82 24.79 22.21
C ALA G 164 20.20 25.22 21.73
N LEU G 165 20.33 26.46 21.25
CA LEU G 165 21.60 26.94 20.74
C LEU G 165 22.67 27.03 21.83
N ALA G 166 22.27 27.14 23.10
CA ALA G 166 23.27 27.11 24.17
C ALA G 166 23.92 25.74 24.27
N THR G 167 23.11 24.68 24.31
CA THR G 167 23.65 23.34 24.45
C THR G 167 24.41 22.90 23.20
N ARG G 168 23.90 23.23 22.02
CA ARG G 168 24.61 22.90 20.79
C ARG G 168 25.95 23.61 20.71
N THR G 169 25.99 24.88 21.13
CA THR G 169 27.24 25.63 21.07
C THR G 169 28.19 25.20 22.18
N LEU G 170 27.66 24.99 23.39
CA LEU G 170 28.53 24.67 24.53
C LEU G 170 29.17 23.29 24.39
N LEU G 171 28.34 22.26 24.13
CA LEU G 171 28.87 20.90 24.04
C LEU G 171 29.82 20.76 22.85
N SER G 172 29.52 21.44 21.74
CA SER G 172 30.45 21.47 20.62
C SER G 172 31.77 22.11 21.03
N ASN G 173 31.71 23.12 21.89
CA ASN G 173 32.87 23.91 22.25
C ASN G 173 33.70 23.25 23.34
N LEU G 174 32.99 22.61 24.26
CA LEU G 174 33.60 21.91 25.41
C LEU G 174 34.09 20.55 24.91
N ASN G 175 33.69 20.14 23.73
CA ASN G 175 34.13 18.82 23.23
C ASN G 175 35.19 19.04 22.16
N ALA G 176 35.41 20.28 21.74
CA ALA G 176 36.42 20.61 20.71
C ALA G 176 37.74 20.99 21.36
N VAL G 177 38.10 20.34 22.46
CA VAL G 177 39.35 20.52 23.24
C VAL G 177 40.32 19.42 22.81
N ASP G 178 39.85 18.48 21.97
CA ASP G 178 40.66 17.34 21.45
C ASP G 178 41.53 17.83 20.29
N VAL G 179 41.25 19.00 19.75
CA VAL G 179 42.12 19.54 18.67
C VAL G 179 43.49 19.82 19.27
N TRP G 180 43.62 20.03 20.58
CA TRP G 180 44.96 20.36 21.05
C TRP G 180 45.41 19.56 22.26
N TYR G 181 44.54 18.78 22.88
CA TYR G 181 44.91 18.11 24.12
C TYR G 181 45.91 16.99 23.86
N ARG G 182 47.03 17.03 24.58
CA ARG G 182 48.04 15.99 24.55
C ARG G 182 47.73 14.98 25.66
N LYS G 183 48.67 14.11 26.00
CA LYS G 183 48.52 13.19 27.13
C LYS G 183 49.79 13.29 27.98
N ILE G 184 49.77 14.16 28.99
CA ILE G 184 50.91 14.31 29.88
C ILE G 184 51.00 13.07 30.76
N GLU G 185 51.94 12.18 30.44
CA GLU G 185 51.99 10.89 31.10
C GLU G 185 52.29 11.06 32.59
N GLY G 186 51.55 10.33 33.42
CA GLY G 186 51.64 10.49 34.86
C GLY G 186 50.68 11.50 35.43
N GLN G 187 49.74 12.03 34.65
CA GLN G 187 48.79 13.00 35.17
C GLN G 187 47.92 12.37 36.25
N THR G 188 47.64 13.14 37.29
CA THR G 188 46.72 12.74 38.34
C THR G 188 45.38 13.42 38.15
N GLY G 189 44.39 12.95 38.92
CA GLY G 189 43.09 13.59 38.88
C GLY G 189 43.14 15.06 39.25
N GLU G 190 44.04 15.42 40.17
CA GLU G 190 44.27 16.83 40.48
C GLU G 190 44.82 17.57 39.26
N GLU G 191 45.78 16.96 38.54
CA GLU G 191 46.25 17.54 37.29
C GLU G 191 45.15 17.58 36.25
N ILE G 192 44.17 16.68 36.35
CA ILE G 192 43.08 16.63 35.38
C ILE G 192 42.08 17.74 35.63
N ARG G 193 41.61 17.88 36.88
CA ARG G 193 40.59 18.87 37.17
C ARG G 193 41.06 20.28 36.84
N GLU G 194 42.29 20.62 37.23
CA GLU G 194 42.79 21.97 37.05
C GLU G 194 42.69 22.42 35.60
N LEU G 195 43.16 21.57 34.68
CA LEU G 195 43.04 21.89 33.26
C LEU G 195 41.58 21.94 32.83
N ALA G 196 40.78 20.99 33.30
CA ALA G 196 39.37 20.94 32.92
C ALA G 196 38.61 22.14 33.48
N SER G 197 38.78 22.42 34.77
CA SER G 197 38.10 23.57 35.37
C SER G 197 38.65 24.89 34.85
N GLN G 198 39.87 24.90 34.30
CA GLN G 198 40.41 26.14 33.75
C GLN G 198 39.64 26.57 32.51
N VAL G 199 39.20 25.61 31.70
CA VAL G 199 38.49 25.94 30.46
C VAL G 199 36.99 26.03 30.69
N VAL G 200 36.41 25.13 31.50
CA VAL G 200 34.95 25.19 31.71
C VAL G 200 34.56 26.50 32.39
N ASP G 201 35.41 27.02 33.27
CA ASP G 201 35.16 28.34 33.84
C ASP G 201 35.25 29.46 32.82
N MET G 202 36.14 29.33 31.84
CA MET G 202 36.13 30.41 30.82
C MET G 202 35.25 29.97 29.66
N LEU G 203 34.73 28.75 29.73
CA LEU G 203 33.79 28.28 28.71
C LEU G 203 32.40 28.80 29.09
N ILE G 204 31.99 28.56 30.34
CA ILE G 204 30.78 29.18 30.86
C ILE G 204 30.99 30.69 31.02
N GLY G 205 32.13 31.10 31.56
CA GLY G 205 32.39 32.50 31.84
C GLY G 205 32.41 33.40 30.63
N GLY G 206 33.37 33.20 29.74
CA GLY G 206 33.47 34.04 28.55
C GLY G 206 34.31 35.29 28.81
N LEU G 207 33.66 36.45 28.82
CA LEU G 207 34.34 37.72 29.06
C LEU G 207 33.49 38.61 29.95
N ALA G 208 34.15 39.44 30.74
CA ALA G 208 33.49 40.33 31.67
C ALA G 208 34.39 41.53 31.91
N ASP G 209 34.07 42.28 32.98
CA ASP G 209 34.81 43.44 33.50
C ASP G 209 35.88 44.00 32.56
N ASP H 13 37.41 29.31 -13.14
CA ASP H 13 37.90 28.50 -14.26
C ASP H 13 37.86 26.99 -13.97
N VAL H 14 38.19 26.19 -14.99
CA VAL H 14 38.09 24.74 -14.85
C VAL H 14 39.31 24.17 -14.13
N LYS H 15 40.48 24.78 -14.29
CA LYS H 15 41.69 24.27 -13.66
C LYS H 15 41.64 24.36 -12.14
N GLY H 16 40.70 25.11 -11.58
CA GLY H 16 40.53 25.17 -10.14
C GLY H 16 39.11 24.89 -9.70
N ARG H 17 38.22 24.59 -10.65
CA ARG H 17 36.83 24.30 -10.30
C ARG H 17 36.71 23.03 -9.49
N ILE H 18 37.65 22.09 -9.64
CA ILE H 18 37.63 20.87 -8.84
C ILE H 18 37.81 21.22 -7.37
N LEU H 19 38.65 22.22 -7.08
CA LEU H 19 39.00 22.55 -5.71
C LEU H 19 37.76 22.93 -4.90
N ASP H 20 36.84 23.68 -5.52
CA ASP H 20 35.60 24.04 -4.84
C ASP H 20 34.77 22.79 -4.52
N ALA H 21 34.62 21.90 -5.49
CA ALA H 21 33.83 20.69 -5.27
C ALA H 21 34.58 19.64 -4.47
N ALA H 22 35.91 19.57 -4.63
CA ALA H 22 36.69 18.62 -3.85
C ALA H 22 36.58 18.91 -2.35
N ALA H 23 36.66 20.18 -1.96
CA ALA H 23 36.50 20.53 -0.57
C ALA H 23 35.08 20.30 -0.09
N ASP H 24 34.10 20.50 -0.98
CA ASP H 24 32.69 20.28 -0.61
C ASP H 24 32.45 18.82 -0.22
N ALA H 25 32.88 17.89 -1.07
CA ALA H 25 32.75 16.47 -0.73
C ALA H 25 33.68 16.08 0.41
N PHE H 26 34.80 16.79 0.57
CA PHE H 26 35.72 16.48 1.66
C PHE H 26 35.05 16.73 3.01
N MET H 27 34.29 17.82 3.13
CA MET H 27 33.64 18.14 4.39
C MET H 27 32.59 17.10 4.76
N ALA H 28 31.89 16.54 3.76
CA ALA H 28 30.83 15.58 4.06
C ALA H 28 31.39 14.25 4.53
N ARG H 29 32.19 13.59 3.70
CA ARG H 29 32.70 12.26 4.00
C ARG H 29 34.10 12.28 4.60
N GLY H 30 35.03 12.95 3.96
CA GLY H 30 36.39 13.04 4.46
C GLY H 30 37.38 12.99 3.32
N PHE H 31 38.67 12.93 3.67
CA PHE H 31 39.72 12.89 2.66
C PHE H 31 39.82 11.51 2.03
N ALA H 32 40.03 10.48 2.86
CA ALA H 32 40.13 9.12 2.32
C ALA H 32 38.78 8.60 1.85
N ASN H 33 37.69 9.01 2.48
CA ASN H 33 36.38 8.46 2.16
C ASN H 33 35.97 8.76 0.73
N THR H 34 36.10 10.03 0.31
CA THR H 34 35.76 10.42 -1.05
C THR H 34 36.85 9.93 -2.00
N THR H 35 36.53 8.92 -2.79
CA THR H 35 37.49 8.40 -3.76
C THR H 35 37.75 9.41 -4.86
N ILE H 36 38.84 9.20 -5.60
CA ILE H 36 39.26 10.20 -6.58
C ILE H 36 38.35 10.19 -7.80
N ASP H 37 37.59 9.11 -8.01
CA ASP H 37 36.52 9.14 -9.01
C ASP H 37 35.43 10.12 -8.60
N ASP H 38 35.03 10.07 -7.33
CA ASP H 38 33.95 10.92 -6.84
C ASP H 38 34.33 12.39 -6.90
N ILE H 39 35.58 12.72 -6.55
CA ILE H 39 36.04 14.10 -6.61
C ILE H 39 35.95 14.63 -8.04
N ALA H 40 36.38 13.82 -9.01
CA ALA H 40 36.26 14.18 -10.41
C ALA H 40 34.83 14.10 -10.93
N ASP H 41 33.92 13.47 -10.18
CA ASP H 41 32.57 13.23 -10.68
C ASP H 41 31.61 14.37 -10.39
N GLU H 42 31.68 14.95 -9.18
CA GLU H 42 30.69 15.97 -8.81
C GLU H 42 30.85 17.24 -9.64
N VAL H 43 32.07 17.56 -10.10
CA VAL H 43 32.26 18.65 -11.04
C VAL H 43 31.63 18.31 -12.37
N GLY H 44 31.66 17.04 -12.74
CA GLY H 44 31.24 16.63 -14.06
C GLY H 44 32.36 16.41 -15.03
N ALA H 45 33.53 15.98 -14.57
CA ALA H 45 34.70 15.81 -15.41
C ALA H 45 35.22 14.38 -15.33
N THR H 46 36.20 14.09 -16.18
CA THR H 46 36.81 12.78 -16.18
C THR H 46 37.76 12.63 -14.99
N LYS H 47 38.17 11.39 -14.73
CA LYS H 47 39.13 11.09 -13.68
C LYS H 47 40.55 11.50 -14.07
N GLY H 48 40.82 11.68 -15.36
CA GLY H 48 42.15 12.04 -15.81
C GLY H 48 42.43 13.54 -15.83
N LEU H 49 41.37 14.35 -15.84
CA LEU H 49 41.55 15.80 -15.84
C LEU H 49 42.16 16.30 -14.54
N ILE H 50 42.02 15.53 -13.45
CA ILE H 50 42.70 15.88 -12.21
C ILE H 50 44.21 15.85 -12.41
N TYR H 51 44.72 14.83 -13.09
CA TYR H 51 46.15 14.63 -13.25
C TYR H 51 46.72 15.46 -14.39
N TYR H 52 45.98 16.44 -14.87
CA TYR H 52 46.42 17.35 -15.91
C TYR H 52 46.79 18.72 -15.35
N HIS H 53 46.20 19.12 -14.22
CA HIS H 53 46.62 20.29 -13.46
C HIS H 53 47.34 19.92 -12.18
N PHE H 54 46.86 18.88 -11.48
CA PHE H 54 47.44 18.48 -10.20
C PHE H 54 48.51 17.40 -10.42
N ARG H 55 49.19 17.07 -9.33
CA ARG H 55 50.29 16.12 -9.36
C ARG H 55 50.03 14.86 -8.54
N SER H 56 49.21 14.92 -7.51
CA SER H 56 48.89 13.74 -6.71
C SER H 56 47.63 14.04 -5.89
N LYS H 57 47.10 12.98 -5.27
CA LYS H 57 45.90 13.13 -4.45
C LYS H 57 46.20 13.95 -3.19
N PHE H 58 47.43 13.91 -2.70
CA PHE H 58 47.78 14.67 -1.51
C PHE H 58 47.69 16.18 -1.76
N ASP H 59 47.84 16.62 -3.00
CA ASP H 59 47.77 18.04 -3.31
C ASP H 59 46.34 18.58 -3.36
N ILE H 60 45.34 17.70 -3.46
CA ILE H 60 43.97 18.14 -3.23
C ILE H 60 43.79 18.63 -1.80
N PHE H 61 44.35 17.87 -0.85
CA PHE H 61 44.49 18.34 0.52
C PHE H 61 45.24 19.67 0.55
N LEU H 62 46.38 19.74 -0.15
CA LEU H 62 47.22 20.93 -0.12
C LEU H 62 46.51 22.14 -0.70
N ALA H 63 46.15 22.08 -1.98
CA ALA H 63 45.69 23.26 -2.71
C ALA H 63 44.32 23.76 -2.27
N VAL H 64 43.58 22.99 -1.48
CA VAL H 64 42.38 23.52 -0.84
C VAL H 64 42.74 24.29 0.42
N TYR H 65 43.60 23.69 1.26
CA TYR H 65 44.16 24.39 2.39
C TYR H 65 45.04 25.55 1.91
N GLU H 66 45.78 25.35 0.82
CA GLU H 66 46.64 26.40 0.28
C GLU H 66 45.84 27.57 -0.25
N ASP H 67 44.61 27.31 -0.70
CA ASP H 67 43.70 28.38 -1.11
C ASP H 67 42.74 28.80 -0.01
N GLY H 68 42.35 27.87 0.87
CA GLY H 68 41.45 28.22 1.95
C GLY H 68 42.08 29.18 2.95
N MET H 69 43.34 28.93 3.31
CA MET H 69 44.02 29.82 4.25
C MET H 69 44.30 31.19 3.66
N ARG H 70 44.19 31.35 2.34
CA ARG H 70 44.19 32.69 1.75
C ARG H 70 42.82 33.36 1.89
N ARG H 71 41.75 32.58 1.73
CA ARG H 71 40.40 33.13 1.85
C ARG H 71 40.16 33.69 3.24
N VAL H 72 40.42 32.89 4.27
CA VAL H 72 40.09 33.29 5.64
C VAL H 72 40.97 34.44 6.09
N ARG H 73 42.24 34.46 5.67
CA ARG H 73 43.19 35.43 6.17
C ARG H 73 42.75 36.86 5.85
N GLU H 74 42.27 37.10 4.63
CA GLU H 74 41.86 38.44 4.22
C GLU H 74 40.45 38.79 4.71
N ARG H 75 39.73 37.85 5.33
CA ARG H 75 38.38 38.09 5.82
C ARG H 75 38.33 38.55 7.27
N VAL H 76 39.46 38.52 7.98
CA VAL H 76 39.48 38.91 9.39
C VAL H 76 40.65 39.86 9.63
N GLU H 77 41.57 39.92 8.67
CA GLU H 77 42.61 40.93 8.72
C GLU H 77 42.07 42.36 8.78
N PRO H 78 41.02 42.74 8.03
CA PRO H 78 40.50 44.11 8.17
C PRO H 78 40.12 44.48 9.59
N HIS H 79 39.55 43.54 10.35
CA HIS H 79 39.09 43.82 11.70
C HIS H 79 40.20 43.74 12.74
N SER H 80 41.42 43.42 12.33
CA SER H 80 42.57 43.50 13.23
C SER H 80 42.91 44.93 13.60
N THR H 81 42.49 45.90 12.80
CA THR H 81 42.70 47.32 13.05
C THR H 81 41.35 48.02 13.21
N ALA H 82 40.33 47.26 13.60
CA ALA H 82 38.97 47.79 13.65
C ALA H 82 38.84 48.84 14.74
N PRO H 83 38.11 49.93 14.49
CA PRO H 83 37.82 50.89 15.56
C PRO H 83 36.93 50.29 16.63
N GLY H 84 37.46 50.10 17.82
CA GLY H 84 36.70 49.51 18.90
C GLY H 84 37.58 49.23 20.09
N THR H 85 36.94 48.78 21.15
CA THR H 85 37.64 48.46 22.40
C THR H 85 38.39 47.15 22.24
N GLY H 86 38.99 46.67 23.34
CA GLY H 86 39.65 45.38 23.29
C GLY H 86 38.61 44.28 23.31
N HIS H 87 37.45 44.54 23.90
CA HIS H 87 36.29 43.67 23.83
C HIS H 87 35.33 43.81 22.61
N GLN H 88 34.91 45.05 22.36
CA GLN H 88 34.15 45.36 21.16
C GLN H 88 34.71 45.05 19.78
N ARG H 89 36.01 45.31 19.58
CA ARG H 89 36.64 44.95 18.32
C ARG H 89 36.73 43.44 18.15
N LEU H 90 36.92 42.70 19.24
CA LEU H 90 36.91 41.24 19.16
C LEU H 90 35.54 40.74 18.74
N GLU H 91 34.48 41.35 19.28
CA GLU H 91 33.12 40.94 18.95
C GLU H 91 32.86 41.09 17.46
N ALA H 92 33.10 42.29 16.92
CA ALA H 92 32.87 42.54 15.50
C ALA H 92 33.84 41.77 14.60
N MET H 93 34.90 41.21 15.15
CA MET H 93 35.88 40.45 14.38
C MET H 93 35.71 38.94 14.52
N SER H 94 35.24 38.46 15.68
CA SER H 94 34.85 37.05 15.78
C SER H 94 33.57 36.80 15.01
N ILE H 95 32.70 37.81 14.91
CA ILE H 95 31.50 37.70 14.09
C ILE H 95 31.88 37.47 12.63
N ALA H 96 32.84 38.24 12.13
CA ALA H 96 33.21 38.18 10.72
C ALA H 96 33.85 36.85 10.37
N HIS H 97 34.67 36.30 11.28
CA HIS H 97 35.32 35.03 10.99
C HIS H 97 34.29 33.94 10.75
N LEU H 98 33.25 33.90 11.58
CA LEU H 98 32.21 32.88 11.43
C LEU H 98 31.51 33.02 10.09
N GLU H 99 31.16 34.25 9.68
CA GLU H 99 30.51 34.46 8.40
C GLU H 99 31.39 33.99 7.25
N ASN H 100 32.68 34.32 7.31
CA ASN H 100 33.65 33.72 6.40
C ASN H 100 33.56 32.21 6.40
N LEU H 101 33.37 31.62 7.57
CA LEU H 101 33.43 30.18 7.76
C LEU H 101 32.07 29.50 7.63
N MET H 102 31.00 30.29 7.45
CA MET H 102 29.66 29.77 7.22
C MET H 102 29.30 29.68 5.74
N THR H 103 30.22 30.06 4.85
CA THR H 103 29.96 29.97 3.41
C THR H 103 30.87 28.96 2.73
N GLU H 104 32.19 29.10 2.86
CA GLU H 104 33.13 28.12 2.31
C GLU H 104 33.39 27.03 3.36
N LEU H 105 32.36 26.20 3.56
CA LEU H 105 32.46 25.15 4.58
C LEU H 105 33.57 24.16 4.25
N GLY H 106 33.70 23.79 2.98
CA GLY H 106 34.77 22.89 2.59
C GLY H 106 36.14 23.53 2.77
N TYR H 107 36.26 24.81 2.43
CA TYR H 107 37.55 25.49 2.53
C TYR H 107 38.01 25.65 3.97
N HIS H 108 37.12 25.49 4.94
CA HIS H 108 37.51 25.46 6.35
C HIS H 108 37.76 24.05 6.87
N HIS H 109 36.77 23.16 6.74
CA HIS H 109 36.82 21.86 7.39
C HIS H 109 38.10 21.10 7.08
N VAL H 110 38.81 21.47 6.01
CA VAL H 110 40.06 20.82 5.68
C VAL H 110 41.21 21.31 6.55
N VAL H 111 41.12 22.54 7.08
CA VAL H 111 42.32 23.23 7.55
C VAL H 111 42.91 22.56 8.79
N HIS H 112 42.07 21.95 9.64
CA HIS H 112 42.59 21.38 10.88
C HIS H 112 42.29 19.90 11.04
N GLN H 113 41.49 19.29 10.16
CA GLN H 113 41.16 17.88 10.33
C GLN H 113 42.36 16.98 10.03
N GLY H 114 43.19 17.37 9.07
CA GLY H 114 44.32 16.54 8.67
C GLY H 114 45.65 16.95 9.27
N VAL H 115 45.60 17.74 10.34
CA VAL H 115 46.82 18.17 11.02
C VAL H 115 47.38 17.03 11.86
N THR H 121 51.56 9.41 7.73
CA THR H 121 51.43 9.36 6.28
C THR H 121 52.77 9.60 5.59
N ALA H 122 53.27 8.57 4.90
CA ALA H 122 54.49 8.72 4.12
C ALA H 122 54.28 9.75 3.02
N LEU H 123 55.34 10.52 2.74
CA LEU H 123 55.14 11.74 1.97
C LEU H 123 56.36 12.02 1.09
N LYS H 124 56.09 12.57 -0.09
CA LYS H 124 57.15 13.06 -0.96
C LYS H 124 57.71 14.38 -0.44
N VAL H 125 58.93 14.69 -0.84
CA VAL H 125 59.65 15.81 -0.23
C VAL H 125 59.01 17.15 -0.61
N ARG H 126 58.67 17.34 -1.88
CA ARG H 126 58.09 18.61 -2.30
C ARG H 126 56.71 18.82 -1.67
N GLN H 127 55.90 17.77 -1.62
CA GLN H 127 54.55 17.88 -1.08
C GLN H 127 54.52 17.96 0.44
N ARG H 128 55.60 17.56 1.11
CA ARG H 128 55.64 17.53 2.57
C ARG H 128 56.00 18.88 3.18
N ASP H 129 56.25 19.90 2.36
CA ASP H 129 56.63 21.21 2.85
C ASP H 129 55.46 22.19 2.92
N ALA H 130 54.65 22.27 1.86
CA ALA H 130 53.53 23.20 1.83
C ALA H 130 52.50 22.88 2.92
N LEU H 131 52.48 21.65 3.42
CA LEU H 131 51.61 21.31 4.53
C LEU H 131 52.00 22.07 5.79
N THR H 132 53.30 22.08 6.10
CA THR H 132 53.79 22.75 7.31
C THR H 132 54.19 24.19 7.06
N ALA H 133 54.59 24.54 5.83
CA ALA H 133 54.90 25.93 5.53
C ALA H 133 53.67 26.81 5.69
N LEU H 134 52.52 26.32 5.25
CA LEU H 134 51.26 27.02 5.50
C LEU H 134 50.71 26.77 6.89
N ASN H 135 51.23 25.77 7.60
CA ASN H 135 50.86 25.59 9.00
C ASN H 135 51.47 26.66 9.89
N GLU H 136 52.53 27.33 9.42
CA GLU H 136 52.99 28.53 10.11
C GLU H 136 52.02 29.68 9.92
N LEU H 137 51.38 29.76 8.75
CA LEU H 137 50.30 30.72 8.56
C LEU H 137 49.14 30.40 9.49
N ARG H 138 48.94 29.12 9.82
CA ARG H 138 48.03 28.76 10.89
C ARG H 138 48.48 29.33 12.23
N ARG H 139 49.78 29.17 12.55
CA ARG H 139 50.32 29.79 13.74
C ARG H 139 50.28 31.31 13.63
N ASP H 140 50.64 31.84 12.46
CA ASP H 140 50.59 33.28 12.24
C ASP H 140 49.16 33.82 12.32
N TYR H 141 48.16 32.96 12.13
CA TYR H 141 46.78 33.38 12.27
C TYR H 141 46.27 33.26 13.70
N GLU H 142 46.88 32.42 14.53
CA GLU H 142 46.48 32.41 15.94
C GLU H 142 47.04 33.62 16.68
N ARG H 143 48.16 34.17 16.23
CA ARG H 143 48.62 35.45 16.76
C ARG H 143 47.73 36.61 16.34
N MET H 144 46.87 36.39 15.34
CA MET H 144 45.90 37.41 14.94
C MET H 144 44.94 37.72 16.10
N PHE H 145 44.45 36.68 16.76
CA PHE H 145 43.54 36.85 17.89
C PHE H 145 44.27 36.99 19.22
N ARG H 146 45.54 36.55 19.28
CA ARG H 146 46.32 36.76 20.49
C ARG H 146 46.49 38.24 20.79
N ARG H 147 46.68 39.06 19.76
CA ARG H 147 46.89 40.49 19.97
C ARG H 147 45.66 41.15 20.60
N VAL H 148 44.47 40.76 20.16
CA VAL H 148 43.26 41.46 20.61
C VAL H 148 42.97 41.15 22.08
N ILE H 149 43.03 39.87 22.46
CA ILE H 149 42.84 39.52 23.86
C ILE H 149 43.94 40.15 24.72
N ALA H 150 45.19 40.08 24.27
CA ALA H 150 46.28 40.70 25.01
C ALA H 150 46.05 42.20 25.18
N GLU H 151 45.77 42.89 24.07
CA GLU H 151 45.44 44.31 24.17
C GLU H 151 44.14 44.52 24.94
N GLY H 152 43.15 43.68 24.71
CA GLY H 152 41.87 43.85 25.38
C GLY H 152 41.92 43.56 26.87
N ILE H 153 42.61 42.48 27.26
CA ILE H 153 42.76 42.19 28.68
C ILE H 153 43.53 43.30 29.37
N ALA H 154 44.41 43.98 28.62
CA ALA H 154 45.07 45.18 29.13
C ALA H 154 44.17 46.40 29.02
N ASP H 155 43.24 46.40 28.07
CA ASP H 155 42.34 47.53 27.87
C ASP H 155 41.28 47.63 28.95
N GLY H 156 41.15 46.62 29.82
CA GLY H 156 40.10 46.63 30.81
C GLY H 156 38.74 46.22 30.29
N SER H 157 38.70 45.41 29.24
CA SER H 157 37.44 44.94 28.66
C SER H 157 37.26 43.43 28.74
N LEU H 158 38.33 42.67 28.92
CA LEU H 158 38.28 41.21 29.03
C LEU H 158 38.78 40.80 30.41
N ARG H 159 38.09 39.82 31.01
CA ARG H 159 38.41 39.35 32.34
C ARG H 159 39.81 38.77 32.37
N ARG H 160 40.47 38.88 33.53
CA ARG H 160 41.83 38.40 33.70
C ARG H 160 41.81 36.87 33.61
N VAL H 161 42.25 36.36 32.46
CA VAL H 161 42.23 34.92 32.18
C VAL H 161 43.35 34.64 31.18
N ASP H 162 43.86 33.41 31.20
CA ASP H 162 45.06 33.05 30.45
C ASP H 162 44.90 33.41 28.97
N GLU H 163 45.79 34.27 28.48
CA GLU H 163 45.71 34.74 27.10
C GLU H 163 46.08 33.64 26.11
N ALA H 164 47.03 32.77 26.48
CA ALA H 164 47.44 31.69 25.59
C ALA H 164 46.29 30.74 25.31
N LEU H 165 45.62 30.28 26.37
CA LEU H 165 44.57 29.28 26.22
C LEU H 165 43.27 29.90 25.70
N ALA H 166 42.97 31.13 26.11
CA ALA H 166 41.72 31.76 25.68
C ALA H 166 41.66 31.90 24.17
N THR H 167 42.76 32.34 23.55
CA THR H 167 42.80 32.42 22.09
C THR H 167 42.65 31.03 21.48
N ARG H 168 43.36 30.04 22.03
CA ARG H 168 43.23 28.67 21.54
C ARG H 168 41.81 28.15 21.75
N THR H 169 41.23 28.37 22.94
CA THR H 169 39.89 27.86 23.17
C THR H 169 38.87 28.60 22.31
N LEU H 170 38.92 29.94 22.28
CA LEU H 170 37.94 30.67 21.49
C LEU H 170 38.05 30.35 20.01
N LEU H 171 39.28 30.28 19.48
CA LEU H 171 39.45 29.89 18.08
C LEU H 171 39.03 28.45 17.85
N SER H 172 39.46 27.54 18.72
CA SER H 172 38.97 26.17 18.61
C SER H 172 37.47 26.11 18.82
N ASN H 173 36.91 27.08 19.55
CA ASN H 173 35.46 27.12 19.77
C ASN H 173 34.75 27.71 18.55
N LEU H 174 35.17 28.92 18.15
CA LEU H 174 34.57 29.58 17.01
C LEU H 174 34.71 28.75 15.74
N ASN H 175 35.78 27.99 15.62
CA ASN H 175 35.98 27.10 14.49
C ASN H 175 35.37 25.72 14.72
N ALA H 176 34.57 25.55 15.78
CA ALA H 176 33.92 24.29 16.09
C ALA H 176 32.41 24.36 15.90
N VAL H 177 31.92 25.35 15.15
CA VAL H 177 30.50 25.38 14.84
C VAL H 177 30.15 24.33 13.79
N ASP H 178 31.14 23.87 13.02
CA ASP H 178 30.91 22.95 11.91
C ASP H 178 30.35 21.60 12.34
N VAL H 179 30.49 21.22 13.61
CA VAL H 179 30.02 19.91 14.04
C VAL H 179 28.49 19.83 13.95
N TRP H 180 27.80 20.94 14.18
CA TRP H 180 26.34 20.96 14.09
C TRP H 180 25.79 21.95 13.06
N TYR H 181 26.59 22.89 12.59
CA TYR H 181 26.09 23.90 11.66
C TYR H 181 25.68 23.27 10.33
N ARG H 182 24.53 23.69 9.82
CA ARG H 182 23.98 23.15 8.58
C ARG H 182 23.63 24.27 7.63
N LYS H 183 23.49 23.92 6.35
CA LYS H 183 23.29 24.86 5.26
C LYS H 183 21.82 25.02 4.89
N ILE H 184 20.92 24.89 5.86
CA ILE H 184 19.50 25.06 5.57
C ILE H 184 19.27 26.46 5.01
N GLU H 185 18.60 26.53 3.85
CA GLU H 185 18.64 27.74 3.04
C GLU H 185 17.79 28.84 3.66
N GLY H 186 18.44 29.69 4.46
CA GLY H 186 17.81 30.90 4.98
C GLY H 186 18.84 32.01 5.04
N GLN H 187 19.85 31.91 4.16
CA GLN H 187 20.99 32.82 4.19
C GLN H 187 20.74 34.11 3.41
N THR H 188 19.62 34.76 3.68
CA THR H 188 19.35 36.05 3.07
C THR H 188 20.29 37.10 3.64
N GLY H 189 20.49 38.18 2.86
CA GLY H 189 21.50 39.16 3.22
C GLY H 189 21.29 39.77 4.59
N GLU H 190 20.03 40.04 4.94
CA GLU H 190 19.74 40.53 6.28
C GLU H 190 19.89 39.43 7.32
N GLU H 191 19.54 38.19 6.96
CA GLU H 191 19.51 37.11 7.93
C GLU H 191 20.89 36.56 8.24
N ILE H 192 21.82 36.57 7.27
CA ILE H 192 23.16 36.05 7.53
C ILE H 192 23.87 36.87 8.60
N ARG H 193 23.52 38.15 8.74
CA ARG H 193 24.24 39.04 9.65
C ARG H 193 24.12 38.56 11.09
N GLU H 194 22.90 38.28 11.55
CA GLU H 194 22.68 37.94 12.95
C GLU H 194 22.76 36.44 13.22
N LEU H 195 22.54 35.62 12.19
CA LEU H 195 22.57 34.17 12.40
C LEU H 195 23.87 33.71 13.06
N ALA H 196 25.00 34.33 12.69
CA ALA H 196 26.25 34.07 13.37
C ALA H 196 26.32 34.78 14.72
N SER H 197 25.65 35.93 14.85
CA SER H 197 25.72 36.72 16.07
C SER H 197 25.06 36.04 17.26
N GLN H 198 24.21 35.03 17.02
CA GLN H 198 23.53 34.35 18.12
C GLN H 198 24.53 33.62 19.01
N VAL H 199 25.46 32.89 18.41
CA VAL H 199 26.39 32.07 19.18
C VAL H 199 27.50 32.92 19.78
N VAL H 200 27.95 33.95 19.06
CA VAL H 200 29.05 34.78 19.53
C VAL H 200 28.68 35.46 20.84
N ASP H 201 27.43 35.93 20.96
CA ASP H 201 26.99 36.59 22.17
C ASP H 201 27.09 35.67 23.39
N MET H 202 26.87 34.37 23.20
CA MET H 202 27.07 33.39 24.26
C MET H 202 28.43 32.71 24.16
N LEU H 203 29.32 33.20 23.29
CA LEU H 203 30.68 32.68 23.17
C LEU H 203 31.70 33.63 23.75
N ILE H 204 31.73 34.87 23.25
CA ILE H 204 32.53 35.91 23.89
C ILE H 204 31.95 36.27 25.26
N GLY H 205 30.64 36.51 25.30
CA GLY H 205 30.00 36.90 26.54
C GLY H 205 30.00 35.79 27.58
N GLY H 206 29.86 34.55 27.12
CA GLY H 206 29.72 33.45 28.06
C GLY H 206 28.37 33.52 28.74
N LEU H 207 28.35 33.22 30.04
CA LEU H 207 27.11 33.13 30.80
C LEU H 207 27.22 34.03 32.04
N ALA H 208 26.25 34.94 32.17
CA ALA H 208 26.11 35.83 33.33
C ALA H 208 27.33 36.72 33.54
N ASP H 209 27.63 37.54 32.54
CA ASP H 209 28.70 38.53 32.65
C ASP H 209 28.28 39.89 32.10
N ASP I 13 18.76 -33.97 18.40
CA ASP I 13 18.20 -32.63 18.39
C ASP I 13 19.28 -31.56 18.24
N VAL I 14 20.54 -31.98 18.36
CA VAL I 14 21.65 -31.03 18.32
C VAL I 14 22.16 -30.82 16.90
N LYS I 15 22.39 -31.90 16.14
CA LYS I 15 22.76 -31.73 14.74
C LYS I 15 21.60 -31.18 13.93
N GLY I 16 20.38 -31.57 14.29
CA GLY I 16 19.21 -30.97 13.67
C GLY I 16 19.09 -29.49 13.97
N ARG I 17 19.38 -29.10 15.22
CA ARG I 17 19.34 -27.70 15.59
C ARG I 17 20.29 -26.88 14.72
N ILE I 18 21.45 -27.44 14.38
CA ILE I 18 22.34 -26.77 13.44
C ILE I 18 21.69 -26.69 12.07
N LEU I 19 21.12 -27.81 11.61
CA LEU I 19 20.48 -27.82 10.29
C LEU I 19 19.19 -27.00 10.28
N ASP I 20 18.40 -27.10 11.35
CA ASP I 20 17.21 -26.23 11.44
C ASP I 20 17.61 -24.76 11.42
N ALA I 21 18.71 -24.41 12.08
CA ALA I 21 19.23 -23.05 11.98
C ALA I 21 19.84 -22.81 10.61
N ALA I 22 20.56 -23.79 10.07
CA ALA I 22 21.23 -23.61 8.78
C ALA I 22 20.22 -23.48 7.64
N ALA I 23 19.21 -24.35 7.63
CA ALA I 23 18.32 -24.43 6.46
C ALA I 23 17.65 -23.10 6.16
N ASP I 24 17.10 -22.45 7.18
CA ASP I 24 16.49 -21.13 6.99
C ASP I 24 17.52 -20.07 6.61
N ALA I 25 18.80 -20.31 6.92
CA ALA I 25 19.83 -19.32 6.61
C ALA I 25 20.09 -19.23 5.12
N PHE I 26 20.29 -20.37 4.44
CA PHE I 26 20.58 -20.31 3.01
C PHE I 26 19.39 -19.80 2.21
N MET I 27 18.17 -19.97 2.71
CA MET I 27 17.03 -19.38 2.02
C MET I 27 17.07 -17.86 2.08
N ALA I 28 17.40 -17.31 3.25
CA ALA I 28 17.25 -15.88 3.47
C ALA I 28 18.21 -15.08 2.61
N ARG I 29 19.52 -15.27 2.80
CA ARG I 29 20.52 -14.43 2.16
C ARG I 29 21.36 -15.16 1.12
N GLY I 30 21.08 -16.42 0.86
CA GLY I 30 21.85 -17.22 -0.08
C GLY I 30 22.75 -18.21 0.65
N PHE I 31 23.49 -18.98 -0.14
CA PHE I 31 24.37 -19.99 0.44
C PHE I 31 25.69 -19.39 0.89
N ALA I 32 26.32 -18.58 0.03
CA ALA I 32 27.60 -17.98 0.37
C ALA I 32 27.47 -16.93 1.47
N ASN I 33 26.38 -16.17 1.46
CA ASN I 33 26.23 -15.05 2.38
C ASN I 33 25.98 -15.49 3.82
N THR I 34 25.74 -16.78 4.07
CA THR I 34 25.72 -17.31 5.42
C THR I 34 27.07 -17.92 5.75
N THR I 35 27.67 -17.49 6.84
CA THR I 35 28.95 -18.01 7.29
C THR I 35 28.73 -19.14 8.30
N ILE I 36 29.83 -19.86 8.58
CA ILE I 36 29.81 -20.79 9.70
C ILE I 36 29.60 -20.05 11.01
N ASP I 37 30.16 -18.85 11.11
CA ASP I 37 29.88 -18.01 12.28
C ASP I 37 28.40 -17.69 12.38
N ASP I 38 27.74 -17.45 11.23
CA ASP I 38 26.31 -17.16 11.24
C ASP I 38 25.51 -18.32 11.81
N ILE I 39 25.85 -19.54 11.42
CA ILE I 39 25.17 -20.72 11.97
C ILE I 39 25.49 -20.88 13.45
N ALA I 40 26.76 -20.67 13.82
CA ALA I 40 27.17 -20.82 15.22
C ALA I 40 26.45 -19.81 16.11
N ASP I 41 26.32 -18.57 15.65
CA ASP I 41 25.59 -17.57 16.42
C ASP I 41 24.13 -17.95 16.58
N GLU I 42 23.48 -18.37 15.48
CA GLU I 42 22.06 -18.67 15.53
C GLU I 42 21.78 -19.96 16.30
N VAL I 43 22.69 -20.94 16.24
CA VAL I 43 22.54 -22.16 17.03
C VAL I 43 22.95 -21.97 18.48
N GLY I 44 23.45 -20.79 18.83
CA GLY I 44 23.93 -20.53 20.18
C GLY I 44 25.16 -21.34 20.54
N ALA I 45 26.17 -21.30 19.68
CA ALA I 45 27.41 -22.03 19.90
C ALA I 45 28.54 -21.30 19.19
N THR I 46 29.68 -21.97 19.08
CA THR I 46 30.87 -21.40 18.45
C THR I 46 31.22 -22.21 17.20
N LYS I 47 32.15 -21.65 16.41
CA LYS I 47 32.54 -22.25 15.15
C LYS I 47 33.07 -23.67 15.31
N GLY I 48 33.62 -23.99 16.49
CA GLY I 48 34.16 -25.33 16.70
C GLY I 48 33.09 -26.41 16.68
N LEU I 49 31.90 -26.09 17.17
CA LEU I 49 30.81 -27.07 17.18
C LEU I 49 30.42 -27.51 15.77
N ILE I 50 30.32 -26.57 14.84
CA ILE I 50 29.86 -26.89 13.50
C ILE I 50 30.79 -27.88 12.83
N TYR I 51 32.09 -27.68 12.99
CA TYR I 51 33.03 -28.55 12.24
C TYR I 51 33.14 -29.94 12.87
N TYR I 52 32.96 -30.04 14.17
CA TYR I 52 33.06 -31.39 14.72
C TYR I 52 31.96 -32.27 14.15
N HIS I 53 30.76 -31.71 13.94
CA HIS I 53 29.65 -32.50 13.43
C HIS I 53 29.70 -32.62 11.92
N PHE I 54 29.98 -31.51 11.22
CA PHE I 54 29.96 -31.47 9.77
C PHE I 54 31.35 -31.13 9.26
N ARG I 55 31.89 -31.99 8.39
CA ARG I 55 33.30 -31.88 8.01
C ARG I 55 33.57 -30.65 7.15
N SER I 56 32.54 -30.06 6.55
CA SER I 56 32.70 -28.83 5.78
C SER I 56 31.35 -28.13 5.68
N LYS I 57 31.37 -26.92 5.11
CA LYS I 57 30.15 -26.15 4.99
C LYS I 57 29.24 -26.71 3.90
N PHE I 58 29.82 -27.40 2.90
CA PHE I 58 28.98 -28.05 1.90
C PHE I 58 28.29 -29.28 2.46
N ASP I 59 28.92 -29.97 3.42
CA ASP I 59 28.25 -31.10 4.05
C ASP I 59 27.01 -30.66 4.83
N ILE I 60 26.89 -29.37 5.13
CA ILE I 60 25.63 -28.82 5.64
C ILE I 60 24.56 -28.86 4.54
N PHE I 61 24.89 -28.27 3.40
CA PHE I 61 23.97 -28.22 2.26
C PHE I 61 23.49 -29.62 1.90
N LEU I 62 24.43 -30.58 1.87
CA LEU I 62 24.07 -31.96 1.60
C LEU I 62 23.17 -32.53 2.69
N ALA I 63 23.47 -32.24 3.96
CA ALA I 63 22.74 -32.85 5.06
C ALA I 63 21.28 -32.41 5.08
N VAL I 64 21.03 -31.11 4.88
CA VAL I 64 19.65 -30.63 4.82
C VAL I 64 18.95 -31.14 3.56
N TYR I 65 19.69 -31.28 2.46
CA TYR I 65 19.12 -31.85 1.24
C TYR I 65 18.75 -33.32 1.47
N GLU I 66 19.62 -34.08 2.14
CA GLU I 66 19.38 -35.49 2.40
C GLU I 66 18.18 -35.73 3.29
N ASP I 67 17.83 -34.77 4.15
CA ASP I 67 16.69 -34.91 5.03
C ASP I 67 15.51 -34.05 4.61
N GLY I 68 15.76 -32.89 3.99
CA GLY I 68 14.66 -32.06 3.52
C GLY I 68 13.88 -32.71 2.39
N MET I 69 14.58 -33.40 1.49
CA MET I 69 13.91 -34.08 0.39
C MET I 69 13.32 -35.43 0.81
N ARG I 70 13.90 -36.10 1.80
CA ARG I 70 13.22 -37.27 2.34
C ARG I 70 11.97 -36.87 3.12
N ARG I 71 11.83 -35.58 3.44
CA ARG I 71 10.68 -35.04 4.15
C ARG I 71 9.53 -34.65 3.23
N VAL I 72 9.78 -34.53 1.93
CA VAL I 72 8.74 -34.13 0.99
C VAL I 72 8.24 -35.35 0.23
N ARG I 73 9.15 -36.30 -0.02
CA ARG I 73 8.75 -37.56 -0.66
C ARG I 73 7.81 -38.35 0.23
N GLU I 74 7.97 -38.25 1.54
CA GLU I 74 7.17 -39.02 2.48
C GLU I 74 5.81 -38.39 2.77
N ARG I 75 5.52 -37.22 2.20
CA ARG I 75 4.20 -36.59 2.36
C ARG I 75 3.34 -36.73 1.11
N VAL I 76 3.91 -36.60 -0.08
CA VAL I 76 3.11 -36.64 -1.29
C VAL I 76 3.03 -38.03 -1.91
N GLU I 77 3.95 -38.94 -1.56
CA GLU I 77 3.93 -40.28 -2.14
C GLU I 77 2.64 -41.03 -1.85
N PRO I 78 2.09 -41.03 -0.63
CA PRO I 78 0.81 -41.72 -0.42
C PRO I 78 -0.33 -41.17 -1.24
N HIS I 79 -0.22 -39.92 -1.72
CA HIS I 79 -1.21 -39.35 -2.61
C HIS I 79 -0.99 -39.75 -4.07
N SER I 80 -0.17 -40.77 -4.31
CA SER I 80 0.07 -41.31 -5.66
C SER I 80 -0.61 -42.65 -5.89
N THR I 81 -0.74 -43.46 -4.86
CA THR I 81 -1.52 -44.70 -4.93
C THR I 81 -2.93 -44.51 -4.41
N ALA I 82 -3.29 -43.30 -3.99
CA ALA I 82 -4.60 -43.05 -3.41
C ALA I 82 -5.69 -43.21 -4.48
N PRO I 83 -6.89 -43.64 -4.07
CA PRO I 83 -7.99 -43.78 -5.04
C PRO I 83 -8.31 -42.46 -5.71
N GLY I 84 -8.60 -42.50 -7.01
CA GLY I 84 -8.98 -41.30 -7.73
C GLY I 84 -8.32 -41.17 -9.09
N THR I 85 -8.88 -40.32 -9.95
CA THR I 85 -8.37 -40.12 -11.29
C THR I 85 -7.27 -39.05 -11.25
N GLY I 86 -6.93 -38.50 -12.42
CA GLY I 86 -5.90 -37.49 -12.56
C GLY I 86 -6.02 -36.33 -11.60
N HIS I 87 -7.09 -35.53 -11.73
CA HIS I 87 -7.34 -34.47 -10.77
C HIS I 87 -7.40 -35.00 -9.35
N GLN I 88 -8.13 -36.11 -9.15
CA GLN I 88 -8.52 -36.53 -7.81
C GLN I 88 -7.31 -36.82 -6.92
N ARG I 89 -6.26 -37.41 -7.48
CA ARG I 89 -5.06 -37.73 -6.70
C ARG I 89 -3.86 -36.85 -7.00
N LEU I 90 -3.88 -36.06 -8.06
CA LEU I 90 -2.81 -35.09 -8.26
C LEU I 90 -3.07 -33.81 -7.48
N GLU I 91 -4.34 -33.42 -7.33
CA GLU I 91 -4.66 -32.31 -6.45
C GLU I 91 -4.39 -32.67 -4.99
N ALA I 92 -4.70 -33.92 -4.60
CA ALA I 92 -4.32 -34.39 -3.26
C ALA I 92 -2.82 -34.49 -3.11
N MET I 93 -2.08 -34.66 -4.21
CA MET I 93 -0.63 -34.50 -4.20
C MET I 93 -0.25 -33.05 -4.03
N SER I 94 -0.61 -32.24 -5.03
CA SER I 94 -0.08 -30.89 -5.18
C SER I 94 -0.43 -29.99 -4.00
N ILE I 95 -1.53 -30.27 -3.30
CA ILE I 95 -1.83 -29.54 -2.09
C ILE I 95 -0.80 -29.85 -1.02
N ALA I 96 -0.36 -31.10 -0.93
CA ALA I 96 0.65 -31.49 0.06
C ALA I 96 2.03 -30.99 -0.32
N HIS I 97 2.32 -30.84 -1.62
CA HIS I 97 3.59 -30.25 -2.03
C HIS I 97 3.64 -28.78 -1.66
N LEU I 98 2.50 -28.09 -1.79
CA LEU I 98 2.40 -26.72 -1.29
C LEU I 98 2.29 -26.68 0.23
N GLU I 99 1.63 -27.66 0.83
CA GLU I 99 1.61 -27.75 2.29
C GLU I 99 3.03 -27.91 2.83
N ASN I 100 3.81 -28.80 2.22
CA ASN I 100 5.17 -29.08 2.70
C ASN I 100 6.08 -27.88 2.48
N LEU I 101 5.87 -27.14 1.39
CA LEU I 101 6.66 -25.94 1.16
C LEU I 101 6.52 -24.96 2.32
N MET I 102 5.15 -24.70 2.54
CA MET I 102 4.69 -23.73 3.52
C MET I 102 5.16 -24.09 4.93
N THR I 103 5.12 -25.38 5.28
CA THR I 103 5.42 -25.80 6.64
C THR I 103 6.86 -25.52 7.02
N GLU I 104 7.81 -26.07 6.26
CA GLU I 104 9.20 -25.70 6.59
C GLU I 104 9.87 -25.29 5.28
N LEU I 105 9.70 -24.03 4.93
CA LEU I 105 10.25 -23.46 3.67
C LEU I 105 11.76 -23.64 3.62
N GLY I 106 12.48 -23.48 4.74
CA GLY I 106 13.94 -23.63 4.74
C GLY I 106 14.39 -24.91 4.07
N TYR I 107 14.01 -26.06 4.64
CA TYR I 107 14.40 -27.36 4.06
C TYR I 107 13.98 -27.40 2.59
N HIS I 108 12.69 -27.19 2.36
CA HIS I 108 12.06 -27.26 1.02
C HIS I 108 12.61 -26.22 0.02
N HIS I 109 13.18 -25.11 0.46
CA HIS I 109 13.68 -24.15 -0.55
C HIS I 109 15.01 -24.66 -1.09
N VAL I 110 15.73 -25.38 -0.25
CA VAL I 110 17.09 -25.89 -0.59
C VAL I 110 17.00 -26.93 -1.70
N VAL I 111 15.83 -27.50 -1.94
CA VAL I 111 15.75 -28.66 -2.81
C VAL I 111 15.55 -28.19 -4.25
N HIS I 112 15.66 -26.89 -4.49
CA HIS I 112 15.85 -26.37 -5.85
C HIS I 112 16.88 -25.27 -5.85
N GLN I 113 17.99 -25.47 -5.13
CA GLN I 113 19.09 -24.52 -5.05
C GLN I 113 20.34 -24.99 -5.78
N GLY I 114 20.47 -26.29 -6.06
CA GLY I 114 21.68 -26.85 -6.62
C GLY I 114 22.19 -26.21 -7.90
N SER I 120 29.32 -25.47 -9.48
CA SER I 120 30.08 -26.06 -10.57
C SER I 120 31.53 -26.32 -10.15
N THR I 121 31.85 -25.98 -8.92
CA THR I 121 33.20 -26.14 -8.39
C THR I 121 33.56 -27.62 -8.34
N ALA I 122 34.87 -27.89 -8.30
CA ALA I 122 35.34 -29.26 -8.10
C ALA I 122 35.01 -29.70 -6.68
N LEU I 123 34.30 -30.82 -6.56
CA LEU I 123 33.80 -31.29 -5.27
C LEU I 123 34.77 -32.28 -4.64
N LYS I 124 34.40 -32.77 -3.45
CA LYS I 124 35.03 -33.96 -2.90
C LYS I 124 34.40 -35.20 -3.52
N VAL I 125 34.91 -36.37 -3.15
CA VAL I 125 34.42 -37.61 -3.75
C VAL I 125 33.27 -38.21 -2.94
N ARG I 126 33.26 -38.00 -1.61
CA ARG I 126 32.13 -38.50 -0.82
C ARG I 126 30.86 -37.71 -1.09
N GLN I 127 30.99 -36.45 -1.53
CA GLN I 127 29.85 -35.54 -1.62
C GLN I 127 29.41 -35.24 -3.04
N ARG I 128 30.29 -35.39 -4.03
CA ARG I 128 29.83 -35.40 -5.41
C ARG I 128 29.29 -36.77 -5.80
N ASP I 129 29.44 -37.76 -4.93
CA ASP I 129 28.69 -39.00 -5.03
C ASP I 129 27.35 -38.93 -4.32
N ALA I 130 27.28 -38.21 -3.20
CA ALA I 130 26.02 -38.05 -2.48
C ALA I 130 25.12 -37.02 -3.15
N LEU I 131 25.70 -36.00 -3.79
CA LEU I 131 24.90 -35.03 -4.51
C LEU I 131 24.17 -35.69 -5.67
N THR I 132 24.88 -36.51 -6.46
CA THR I 132 24.24 -37.24 -7.54
C THR I 132 23.23 -38.24 -7.00
N ALA I 133 23.55 -38.88 -5.88
CA ALA I 133 22.60 -39.80 -5.25
C ALA I 133 21.34 -39.09 -4.81
N LEU I 134 21.45 -37.81 -4.42
CA LEU I 134 20.29 -37.02 -3.99
C LEU I 134 19.56 -36.39 -5.17
N ASN I 135 20.30 -35.79 -6.11
CA ASN I 135 19.68 -35.24 -7.31
C ASN I 135 18.93 -36.32 -8.08
N GLU I 136 19.29 -37.58 -7.91
CA GLU I 136 18.54 -38.67 -8.50
C GLU I 136 17.14 -38.76 -7.90
N LEU I 137 17.02 -38.61 -6.57
CA LEU I 137 15.69 -38.62 -5.96
C LEU I 137 14.88 -37.40 -6.36
N ARG I 138 15.54 -36.25 -6.55
CA ARG I 138 14.81 -35.10 -7.07
C ARG I 138 14.31 -35.37 -8.48
N ARG I 139 15.13 -36.02 -9.30
CA ARG I 139 14.66 -36.46 -10.61
C ARG I 139 13.55 -37.49 -10.49
N ASP I 140 13.68 -38.43 -9.55
CA ASP I 140 12.63 -39.42 -9.33
C ASP I 140 11.42 -38.83 -8.62
N TYR I 141 11.57 -37.71 -7.90
CA TYR I 141 10.42 -36.98 -7.42
C TYR I 141 9.60 -36.41 -8.57
N GLU I 142 10.27 -35.71 -9.50
CA GLU I 142 9.57 -35.15 -10.65
C GLU I 142 9.13 -36.21 -11.64
N ARG I 143 9.60 -37.45 -11.50
CA ARG I 143 9.07 -38.54 -12.30
C ARG I 143 7.72 -39.01 -11.77
N MET I 144 7.49 -38.88 -10.46
CA MET I 144 6.18 -39.22 -9.89
C MET I 144 5.09 -38.26 -10.36
N PHE I 145 5.45 -37.02 -10.71
CA PHE I 145 4.46 -36.06 -11.18
C PHE I 145 4.23 -36.14 -12.68
N ARG I 146 5.15 -36.76 -13.43
CA ARG I 146 4.84 -37.12 -14.82
C ARG I 146 3.95 -38.36 -14.87
N ARG I 147 4.04 -39.22 -13.86
CA ARG I 147 3.26 -40.45 -13.85
C ARG I 147 1.76 -40.16 -13.80
N VAL I 148 1.34 -39.24 -12.95
CA VAL I 148 -0.09 -38.98 -12.74
C VAL I 148 -0.62 -37.87 -13.64
N ILE I 149 0.24 -36.97 -14.13
CA ILE I 149 -0.17 -36.10 -15.23
C ILE I 149 -0.49 -36.94 -16.46
N ALA I 150 0.38 -37.91 -16.78
CA ALA I 150 0.13 -38.79 -17.90
C ALA I 150 -1.01 -39.76 -17.62
N GLU I 151 -1.22 -40.13 -16.35
CA GLU I 151 -2.37 -40.96 -16.01
C GLU I 151 -3.67 -40.19 -16.16
N GLY I 152 -3.66 -38.89 -15.87
CA GLY I 152 -4.87 -38.10 -16.01
C GLY I 152 -5.32 -37.96 -17.46
N ILE I 153 -4.40 -37.66 -18.36
CA ILE I 153 -4.76 -37.54 -19.78
C ILE I 153 -5.19 -38.90 -20.34
N ALA I 154 -4.73 -39.99 -19.74
CA ALA I 154 -5.13 -41.32 -20.18
C ALA I 154 -6.63 -41.52 -19.97
N ASP I 155 -7.17 -41.05 -18.85
CA ASP I 155 -8.58 -41.17 -18.54
C ASP I 155 -9.31 -39.83 -18.56
N GLY I 156 -8.78 -38.86 -19.32
CA GLY I 156 -9.49 -37.64 -19.63
C GLY I 156 -9.74 -36.69 -18.48
N SER I 157 -9.14 -36.91 -17.31
CA SER I 157 -9.28 -35.95 -16.22
C SER I 157 -8.42 -34.72 -16.44
N LEU I 158 -7.39 -34.81 -17.27
CA LEU I 158 -6.56 -33.68 -17.65
C LEU I 158 -6.62 -33.50 -19.15
N ARG I 159 -6.66 -32.25 -19.61
CA ARG I 159 -6.66 -32.01 -21.04
C ARG I 159 -5.30 -32.38 -21.64
N ARG I 160 -5.32 -32.69 -22.93
CA ARG I 160 -4.15 -33.25 -23.62
C ARG I 160 -3.16 -32.13 -23.95
N VAL I 161 -2.43 -31.70 -22.92
CA VAL I 161 -1.25 -30.86 -23.10
C VAL I 161 -0.03 -31.77 -23.02
N ASP I 162 1.10 -31.28 -23.52
CA ASP I 162 2.34 -32.05 -23.54
C ASP I 162 2.64 -32.58 -22.14
N GLU I 163 2.83 -33.89 -22.05
CA GLU I 163 3.08 -34.55 -20.78
C GLU I 163 4.42 -34.17 -20.19
N ALA I 164 5.29 -33.52 -20.96
CA ALA I 164 6.57 -33.02 -20.47
C ALA I 164 6.44 -31.59 -19.93
N LEU I 165 5.89 -30.69 -20.73
CA LEU I 165 5.78 -29.29 -20.31
C LEU I 165 4.95 -29.18 -19.05
N ALA I 166 3.77 -29.81 -19.02
CA ALA I 166 2.93 -29.77 -17.83
C ALA I 166 3.64 -30.38 -16.63
N THR I 167 4.54 -31.35 -16.86
CA THR I 167 5.29 -31.95 -15.77
C THR I 167 6.30 -30.95 -15.19
N ARG I 168 7.08 -30.30 -16.06
CA ARG I 168 8.05 -29.32 -15.57
C ARG I 168 7.37 -28.05 -15.08
N THR I 169 6.37 -27.58 -15.82
CA THR I 169 5.72 -26.31 -15.52
C THR I 169 5.06 -26.36 -14.14
N LEU I 170 4.11 -27.29 -13.96
CA LEU I 170 3.36 -27.35 -12.70
C LEU I 170 4.30 -27.52 -11.51
N LEU I 171 5.38 -28.28 -11.69
CA LEU I 171 6.29 -28.57 -10.60
C LEU I 171 7.07 -27.33 -10.18
N SER I 172 7.66 -26.61 -11.15
CA SER I 172 8.31 -25.35 -10.84
C SER I 172 7.30 -24.30 -10.39
N ASN I 173 6.05 -24.40 -10.86
CA ASN I 173 5.03 -23.43 -10.50
C ASN I 173 4.62 -23.57 -9.04
N LEU I 174 4.52 -24.80 -8.54
CA LEU I 174 4.30 -24.99 -7.11
C LEU I 174 5.47 -24.54 -6.26
N ASN I 175 6.65 -24.34 -6.85
CA ASN I 175 7.82 -23.91 -6.12
C ASN I 175 7.91 -22.39 -6.01
N ALA I 176 7.46 -21.67 -7.04
CA ALA I 176 7.53 -20.22 -7.05
C ALA I 176 6.55 -19.63 -6.04
N VAL I 177 5.81 -20.49 -5.35
CA VAL I 177 4.95 -20.03 -4.25
C VAL I 177 5.81 -19.45 -3.12
N ASP I 178 7.04 -19.96 -2.95
CA ASP I 178 7.92 -19.40 -1.94
C ASP I 178 8.41 -18.00 -2.29
N VAL I 179 8.15 -17.52 -3.50
CA VAL I 179 8.52 -16.16 -3.87
C VAL I 179 7.74 -15.15 -3.05
N TRP I 180 6.43 -15.37 -2.91
CA TRP I 180 5.67 -14.42 -2.06
C TRP I 180 5.60 -14.95 -0.64
N TYR I 181 4.87 -16.05 -0.44
CA TYR I 181 4.60 -16.65 0.89
C TYR I 181 5.85 -16.70 1.75
N ARG I 182 5.77 -16.11 2.94
CA ARG I 182 6.89 -16.11 3.93
C ARG I 182 6.42 -16.84 5.18
N LYS I 183 6.11 -16.12 6.26
CA LYS I 183 5.65 -16.87 7.46
C LYS I 183 4.75 -15.99 8.33
N ILE I 184 3.70 -16.59 8.88
CA ILE I 184 2.75 -15.98 9.80
C ILE I 184 2.99 -16.46 11.23
N GLU I 185 3.54 -17.68 11.36
CA GLU I 185 3.88 -18.28 12.66
C GLU I 185 2.66 -18.46 13.57
N GLY I 186 1.48 -18.10 13.08
CA GLY I 186 0.26 -18.31 13.83
C GLY I 186 -0.69 -19.25 13.13
N GLN I 187 -0.41 -19.52 11.85
CA GLN I 187 -1.33 -20.29 11.02
C GLN I 187 -1.44 -21.73 11.50
N THR I 188 -2.60 -22.33 11.23
CA THR I 188 -2.91 -23.70 11.63
C THR I 188 -2.69 -24.63 10.44
N GLY I 189 -2.66 -25.94 10.73
CA GLY I 189 -2.57 -26.92 9.66
C GLY I 189 -3.78 -26.89 8.75
N GLU I 190 -4.98 -26.81 9.34
CA GLU I 190 -6.18 -26.65 8.53
C GLU I 190 -6.21 -25.29 7.84
N GLU I 191 -5.73 -24.26 8.53
CA GLU I 191 -5.64 -22.94 7.91
C GLU I 191 -4.68 -22.95 6.72
N ILE I 192 -3.55 -23.66 6.86
CA ILE I 192 -2.58 -23.76 5.77
C ILE I 192 -3.09 -24.65 4.62
N ARG I 193 -3.70 -25.79 4.95
CA ARG I 193 -4.26 -26.66 3.92
C ARG I 193 -5.35 -25.95 3.11
N GLU I 194 -5.94 -24.89 3.66
CA GLU I 194 -6.91 -24.10 2.91
C GLU I 194 -6.17 -23.23 1.89
N LEU I 195 -5.13 -22.52 2.33
CA LEU I 195 -4.41 -21.62 1.42
C LEU I 195 -3.78 -22.39 0.27
N ALA I 196 -3.20 -23.56 0.56
CA ALA I 196 -2.69 -24.41 -0.51
C ALA I 196 -3.83 -24.85 -1.43
N SER I 197 -4.99 -25.17 -0.87
CA SER I 197 -6.13 -25.58 -1.68
C SER I 197 -6.58 -24.48 -2.62
N GLN I 198 -6.35 -23.21 -2.26
CA GLN I 198 -6.73 -22.10 -3.13
C GLN I 198 -5.81 -22.04 -4.35
N VAL I 199 -4.50 -21.93 -4.11
CA VAL I 199 -3.55 -21.71 -5.19
C VAL I 199 -3.48 -22.88 -6.16
N VAL I 200 -3.64 -24.11 -5.68
CA VAL I 200 -3.61 -25.26 -6.58
C VAL I 200 -4.77 -25.20 -7.57
N ASP I 201 -5.90 -24.64 -7.15
CA ASP I 201 -7.03 -24.44 -8.08
C ASP I 201 -6.54 -23.42 -9.09
N MET I 202 -5.79 -22.40 -8.64
CA MET I 202 -5.21 -21.45 -9.57
C MET I 202 -4.30 -22.11 -10.63
N LEU I 203 -3.50 -23.07 -10.16
CA LEU I 203 -2.59 -23.76 -11.05
C LEU I 203 -3.13 -24.89 -11.93
N ILE I 204 -3.84 -25.84 -11.32
CA ILE I 204 -4.44 -26.93 -12.08
C ILE I 204 -5.55 -26.41 -12.99
N GLY I 205 -6.47 -25.63 -12.42
CA GLY I 205 -7.66 -25.19 -13.12
C GLY I 205 -7.50 -23.99 -14.02
N GLY I 206 -6.29 -23.44 -14.13
CA GLY I 206 -6.05 -22.35 -15.03
C GLY I 206 -6.84 -21.10 -14.66
N LEU I 207 -7.22 -20.34 -15.68
CA LEU I 207 -7.89 -19.07 -15.47
C LEU I 207 -9.14 -18.96 -16.34
N ALA I 208 -9.13 -19.62 -17.50
CA ALA I 208 -10.22 -19.53 -18.44
C ALA I 208 -11.55 -20.03 -17.93
N ASP J 13 27.96 1.57 -25.93
CA ASP J 13 28.01 0.24 -26.52
C ASP J 13 28.94 -0.68 -25.75
N VAL J 14 30.12 -0.19 -25.41
CA VAL J 14 31.07 -0.99 -24.65
C VAL J 14 30.53 -1.29 -23.25
N LYS J 15 29.90 -0.30 -22.62
CA LYS J 15 29.25 -0.55 -21.34
C LYS J 15 28.09 -1.54 -21.49
N GLY J 16 27.43 -1.52 -22.65
CA GLY J 16 26.43 -2.53 -22.93
C GLY J 16 27.02 -3.92 -23.02
N ARG J 17 28.23 -4.03 -23.60
CA ARG J 17 28.93 -5.31 -23.62
C ARG J 17 29.26 -5.79 -22.21
N ILE J 18 29.46 -4.85 -21.28
CA ILE J 18 29.69 -5.23 -19.89
C ILE J 18 28.41 -5.76 -19.26
N LEU J 19 27.27 -5.12 -19.55
CA LEU J 19 26.00 -5.58 -19.00
C LEU J 19 25.65 -6.97 -19.49
N ASP J 20 25.88 -7.23 -20.78
CA ASP J 20 25.60 -8.56 -21.33
C ASP J 20 26.48 -9.61 -20.68
N ALA J 21 27.79 -9.32 -20.56
CA ALA J 21 28.70 -10.26 -19.92
C ALA J 21 28.36 -10.45 -18.46
N ALA J 22 28.03 -9.36 -17.76
CA ALA J 22 27.64 -9.46 -16.35
C ALA J 22 26.37 -10.27 -16.19
N ALA J 23 25.35 -9.98 -17.00
CA ALA J 23 24.06 -10.66 -16.86
C ALA J 23 24.21 -12.16 -17.10
N ASP J 24 24.93 -12.54 -18.15
CA ASP J 24 25.17 -13.96 -18.41
C ASP J 24 26.01 -14.58 -17.30
N ALA J 25 27.05 -13.88 -16.85
CA ALA J 25 27.85 -14.38 -15.73
C ALA J 25 27.05 -14.40 -14.44
N PHE J 26 26.21 -13.38 -14.22
CA PHE J 26 25.38 -13.36 -13.01
C PHE J 26 24.42 -14.53 -12.99
N MET J 27 23.77 -14.81 -14.12
CA MET J 27 22.84 -15.93 -14.19
C MET J 27 23.56 -17.25 -14.01
N ALA J 28 24.73 -17.41 -14.66
CA ALA J 28 25.39 -18.70 -14.71
C ALA J 28 25.77 -19.20 -13.33
N ARG J 29 26.29 -18.31 -12.47
CA ARG J 29 26.80 -18.72 -11.17
C ARG J 29 26.37 -17.79 -10.05
N GLY J 30 25.27 -17.05 -10.22
CA GLY J 30 24.78 -16.21 -9.15
C GLY J 30 25.52 -14.89 -9.06
N PHE J 31 25.37 -14.23 -7.90
CA PHE J 31 26.04 -12.97 -7.62
C PHE J 31 27.40 -13.16 -6.95
N ALA J 32 27.43 -13.93 -5.85
CA ALA J 32 28.65 -14.06 -5.07
C ALA J 32 29.77 -14.73 -5.86
N ASN J 33 29.43 -15.78 -6.62
CA ASN J 33 30.45 -16.51 -7.35
C ASN J 33 31.04 -15.70 -8.51
N THR J 34 30.30 -14.70 -9.01
CA THR J 34 30.83 -13.84 -10.06
C THR J 34 31.87 -12.88 -9.47
N THR J 35 33.02 -12.77 -10.15
CA THR J 35 34.04 -11.81 -9.76
C THR J 35 34.17 -10.76 -10.86
N ILE J 36 34.83 -9.65 -10.51
CA ILE J 36 34.99 -8.54 -11.45
C ILE J 36 35.85 -8.98 -12.64
N ASP J 37 36.97 -9.63 -12.36
CA ASP J 37 37.81 -10.08 -13.47
C ASP J 37 37.23 -11.27 -14.22
N ASP J 38 36.17 -11.90 -13.68
CA ASP J 38 35.40 -12.84 -14.49
C ASP J 38 34.66 -12.13 -15.61
N ILE J 39 34.01 -11.01 -15.28
CA ILE J 39 33.36 -10.19 -16.30
C ILE J 39 34.38 -9.54 -17.22
N ALA J 40 35.61 -9.32 -16.73
CA ALA J 40 36.68 -8.90 -17.62
C ALA J 40 37.06 -10.01 -18.58
N ASP J 41 36.98 -11.26 -18.14
CA ASP J 41 37.28 -12.39 -19.03
C ASP J 41 36.29 -12.47 -20.18
N GLU J 42 35.01 -12.59 -19.84
CA GLU J 42 33.96 -12.82 -20.87
C GLU J 42 33.78 -11.62 -21.78
N VAL J 43 34.62 -10.59 -21.69
CA VAL J 43 34.42 -9.43 -22.60
C VAL J 43 35.79 -9.05 -23.18
N GLY J 44 36.82 -9.70 -22.63
CA GLY J 44 38.20 -9.53 -23.05
C GLY J 44 38.84 -8.21 -22.68
N ALA J 45 38.97 -7.95 -21.38
CA ALA J 45 39.70 -6.79 -20.90
C ALA J 45 40.25 -7.13 -19.51
N THR J 46 40.78 -6.12 -18.83
CA THR J 46 41.25 -6.30 -17.47
C THR J 46 40.26 -5.67 -16.48
N LYS J 47 40.53 -5.89 -15.20
CA LYS J 47 39.60 -5.49 -14.14
C LYS J 47 39.34 -3.98 -14.15
N GLY J 48 40.28 -3.20 -14.67
CA GLY J 48 40.10 -1.75 -14.66
C GLY J 48 38.93 -1.27 -15.49
N LEU J 49 38.73 -1.87 -16.67
CA LEU J 49 37.65 -1.42 -17.55
C LEU J 49 36.29 -1.62 -16.91
N ILE J 50 36.12 -2.71 -16.15
CA ILE J 50 34.87 -2.89 -15.42
C ILE J 50 34.67 -1.75 -14.43
N TYR J 51 35.76 -1.38 -13.74
CA TYR J 51 35.71 -0.29 -12.78
C TYR J 51 35.76 1.09 -13.43
N TYR J 52 36.21 1.19 -14.68
CA TYR J 52 36.23 2.47 -15.35
C TYR J 52 34.82 2.95 -15.69
N HIS J 53 33.88 2.02 -15.90
CA HIS J 53 32.53 2.39 -16.29
C HIS J 53 31.54 2.35 -15.14
N PHE J 54 31.91 1.79 -13.99
CA PHE J 54 30.99 1.67 -12.87
C PHE J 54 31.71 1.93 -11.56
N ARG J 55 30.95 2.37 -10.56
CA ARG J 55 31.53 2.70 -9.26
C ARG J 55 32.01 1.45 -8.53
N SER J 56 31.25 0.36 -8.60
CA SER J 56 31.56 -0.83 -7.81
C SER J 56 30.92 -2.04 -8.47
N LYS J 57 30.96 -3.18 -7.77
CA LYS J 57 30.38 -4.41 -8.29
C LYS J 57 28.87 -4.36 -8.27
N PHE J 58 28.29 -4.00 -7.12
CA PHE J 58 26.84 -3.93 -7.00
C PHE J 58 26.26 -2.86 -7.94
N ASP J 59 27.04 -1.82 -8.22
CA ASP J 59 26.56 -0.76 -9.11
C ASP J 59 26.47 -1.19 -10.57
N ILE J 60 27.06 -2.33 -10.94
CA ILE J 60 26.77 -2.90 -12.26
C ILE J 60 25.55 -3.80 -12.19
N PHE J 61 25.28 -4.40 -11.02
CA PHE J 61 24.11 -5.24 -10.85
C PHE J 61 22.83 -4.42 -10.92
N LEU J 62 22.91 -3.12 -10.69
CA LEU J 62 21.74 -2.24 -10.84
C LEU J 62 21.57 -1.79 -12.29
N ALA J 63 22.67 -1.50 -12.98
CA ALA J 63 22.59 -1.06 -14.37
C ALA J 63 21.91 -2.11 -15.23
N VAL J 64 22.18 -3.39 -14.97
CA VAL J 64 21.42 -4.46 -15.59
C VAL J 64 19.96 -4.38 -15.14
N TYR J 65 19.74 -4.15 -13.85
CA TYR J 65 18.39 -4.21 -13.28
C TYR J 65 17.51 -3.10 -13.84
N GLU J 66 17.96 -1.85 -13.80
CA GLU J 66 17.14 -0.78 -14.34
C GLU J 66 17.11 -0.78 -15.86
N ASP J 67 17.98 -1.55 -16.50
CA ASP J 67 17.84 -1.82 -17.93
C ASP J 67 17.03 -3.09 -18.17
N GLY J 68 17.07 -4.03 -17.22
CA GLY J 68 16.26 -5.24 -17.37
C GLY J 68 14.77 -4.96 -17.31
N MET J 69 14.35 -4.11 -16.38
CA MET J 69 12.95 -3.73 -16.30
C MET J 69 12.55 -2.70 -17.34
N ARG J 70 13.52 -2.07 -18.01
CA ARG J 70 13.19 -1.22 -19.14
C ARG J 70 12.81 -2.03 -20.36
N ARG J 71 13.46 -3.19 -20.55
CA ARG J 71 13.17 -4.02 -21.73
C ARG J 71 11.83 -4.73 -21.60
N VAL J 72 11.48 -5.19 -20.40
CA VAL J 72 10.27 -6.00 -20.25
C VAL J 72 9.03 -5.12 -20.16
N ARG J 73 9.13 -3.91 -19.59
CA ARG J 73 7.96 -3.04 -19.55
C ARG J 73 7.64 -2.50 -20.94
N GLU J 74 8.67 -2.09 -21.68
CA GLU J 74 8.50 -1.60 -23.04
C GLU J 74 7.98 -2.66 -23.99
N ARG J 75 7.79 -3.89 -23.52
CA ARG J 75 7.36 -5.01 -24.32
C ARG J 75 5.98 -5.54 -23.93
N VAL J 76 5.48 -5.19 -22.74
CA VAL J 76 4.23 -5.74 -22.22
C VAL J 76 3.22 -4.62 -22.01
N GLU J 77 3.70 -3.40 -21.74
CA GLU J 77 2.82 -2.24 -21.71
C GLU J 77 2.00 -2.07 -22.98
N PRO J 78 2.54 -2.24 -24.20
CA PRO J 78 1.69 -2.13 -25.39
C PRO J 78 0.60 -3.18 -25.48
N HIS J 79 0.68 -4.28 -24.74
CA HIS J 79 -0.37 -5.29 -24.75
C HIS J 79 -1.36 -5.13 -23.61
N SER J 80 -1.17 -4.15 -22.73
CA SER J 80 -2.19 -3.81 -21.74
C SER J 80 -3.13 -2.73 -22.26
N THR J 81 -2.62 -1.82 -23.08
CA THR J 81 -3.44 -0.82 -23.78
C THR J 81 -3.87 -1.33 -25.15
N ALA J 82 -4.49 -2.50 -25.19
CA ALA J 82 -4.79 -3.20 -26.41
C ALA J 82 -6.27 -3.66 -26.39
N PRO J 83 -6.84 -3.89 -27.58
CA PRO J 83 -8.21 -4.45 -27.61
C PRO J 83 -8.27 -5.88 -27.14
N GLY J 84 -9.44 -6.49 -27.20
CA GLY J 84 -9.62 -7.86 -26.75
C GLY J 84 -10.00 -7.94 -25.28
N THR J 85 -10.51 -9.12 -24.90
CA THR J 85 -10.98 -9.33 -23.55
C THR J 85 -9.79 -9.52 -22.61
N GLY J 86 -10.09 -9.65 -21.31
CA GLY J 86 -9.03 -9.85 -20.33
C GLY J 86 -8.25 -11.12 -20.56
N HIS J 87 -8.94 -12.20 -20.95
CA HIS J 87 -8.25 -13.43 -21.32
C HIS J 87 -7.37 -13.20 -22.53
N GLN J 88 -7.86 -12.45 -23.51
CA GLN J 88 -7.07 -12.08 -24.68
C GLN J 88 -5.90 -11.19 -24.31
N ARG J 89 -5.90 -10.59 -23.12
CA ARG J 89 -4.89 -9.63 -22.73
C ARG J 89 -3.81 -10.24 -21.85
N LEU J 90 -4.17 -11.07 -20.87
CA LEU J 90 -3.14 -11.87 -20.20
C LEU J 90 -2.39 -12.74 -21.20
N GLU J 91 -3.13 -13.44 -22.07
CA GLU J 91 -2.49 -14.20 -23.13
C GLU J 91 -1.65 -13.29 -24.02
N ALA J 92 -2.12 -12.07 -24.26
CA ALA J 92 -1.35 -11.12 -25.05
C ALA J 92 -0.06 -10.72 -24.34
N MET J 93 -0.14 -10.46 -23.03
CA MET J 93 1.04 -10.01 -22.28
C MET J 93 1.89 -11.16 -21.76
N SER J 94 1.26 -12.22 -21.25
CA SER J 94 2.03 -13.33 -20.67
C SER J 94 2.94 -13.97 -21.72
N ILE J 95 2.47 -14.05 -22.96
CA ILE J 95 3.35 -14.47 -24.05
C ILE J 95 4.48 -13.47 -24.24
N ALA J 96 4.15 -12.18 -24.25
CA ALA J 96 5.17 -11.16 -24.45
C ALA J 96 6.17 -11.13 -23.31
N HIS J 97 5.72 -11.39 -22.07
CA HIS J 97 6.65 -11.47 -20.95
C HIS J 97 7.57 -12.68 -21.08
N LEU J 98 7.00 -13.84 -21.45
CA LEU J 98 7.82 -15.00 -21.72
C LEU J 98 8.64 -14.81 -22.99
N GLU J 99 8.18 -13.96 -23.90
CA GLU J 99 8.98 -13.63 -25.08
C GLU J 99 10.22 -12.82 -24.74
N ASN J 100 10.37 -12.39 -23.48
CA ASN J 100 11.55 -11.67 -23.03
C ASN J 100 12.38 -12.44 -22.00
N LEU J 101 11.75 -13.29 -21.18
CA LEU J 101 12.50 -14.28 -20.43
C LEU J 101 13.33 -15.16 -21.36
N MET J 102 12.74 -15.57 -22.49
CA MET J 102 13.46 -16.46 -23.40
C MET J 102 14.52 -15.70 -24.19
N THR J 103 14.22 -14.48 -24.63
CA THR J 103 15.13 -13.76 -25.53
C THR J 103 16.45 -13.42 -24.82
N GLU J 104 16.37 -12.90 -23.59
CA GLU J 104 17.58 -12.71 -22.79
C GLU J 104 17.21 -12.94 -21.32
N LEU J 105 17.47 -14.15 -20.84
CA LEU J 105 17.22 -14.50 -19.45
C LEU J 105 18.38 -14.15 -18.53
N GLY J 106 19.48 -13.64 -19.09
CA GLY J 106 20.51 -13.07 -18.25
C GLY J 106 20.04 -11.84 -17.49
N TYR J 107 19.41 -10.91 -18.22
CA TYR J 107 18.79 -9.75 -17.57
C TYR J 107 17.65 -10.18 -16.65
N HIS J 108 16.82 -11.12 -17.11
CA HIS J 108 15.64 -11.50 -16.35
C HIS J 108 15.96 -12.34 -15.12
N HIS J 109 17.13 -12.98 -15.08
CA HIS J 109 17.51 -13.70 -13.87
C HIS J 109 17.95 -12.75 -12.77
N VAL J 110 18.32 -11.52 -13.12
CA VAL J 110 18.75 -10.54 -12.13
C VAL J 110 17.58 -10.12 -11.25
N VAL J 111 16.38 -10.04 -11.79
CA VAL J 111 15.25 -9.41 -11.11
C VAL J 111 14.60 -10.38 -10.13
N HIS J 112 15.23 -11.53 -9.90
CA HIS J 112 14.74 -12.50 -8.94
C HIS J 112 15.56 -12.51 -7.65
N GLN J 113 16.88 -12.70 -7.74
CA GLN J 113 17.73 -12.76 -6.56
C GLN J 113 18.17 -11.35 -6.14
N GLY J 114 17.19 -10.49 -5.92
CA GLY J 114 17.45 -9.10 -5.61
C GLY J 114 17.29 -8.69 -4.17
N VAL J 115 16.21 -9.15 -3.52
CA VAL J 115 15.83 -8.67 -2.19
C VAL J 115 16.09 -9.71 -1.11
N ARG J 116 16.58 -10.90 -1.49
CA ARG J 116 16.82 -11.95 -0.50
C ARG J 116 17.80 -11.48 0.57
N HIS J 117 18.94 -10.94 0.15
CA HIS J 117 19.98 -10.46 1.05
C HIS J 117 20.11 -8.95 1.01
N GLN J 118 19.03 -8.24 0.71
CA GLN J 118 19.09 -6.79 0.62
C GLN J 118 19.46 -6.16 1.95
N ASP J 119 18.86 -6.65 3.04
CA ASP J 119 19.18 -6.13 4.36
C ASP J 119 20.45 -6.76 4.94
N SER J 120 20.80 -7.97 4.51
CA SER J 120 21.93 -8.70 5.06
C SER J 120 23.21 -8.50 4.25
N THR J 121 23.31 -7.41 3.47
CA THR J 121 24.50 -7.11 2.72
C THR J 121 24.84 -5.63 2.89
N ALA J 122 26.13 -5.31 2.72
CA ALA J 122 26.61 -3.95 2.92
C ALA J 122 26.27 -3.11 1.69
N LEU J 123 25.34 -2.17 1.85
CA LEU J 123 24.90 -1.31 0.76
C LEU J 123 25.00 0.15 1.19
N LYS J 124 25.51 1.00 0.29
CA LYS J 124 25.56 2.43 0.55
C LYS J 124 24.15 3.01 0.53
N VAL J 125 24.01 4.19 1.16
CA VAL J 125 22.71 4.85 1.15
C VAL J 125 22.32 5.29 -0.25
N ARG J 126 23.29 5.47 -1.15
CA ARG J 126 23.01 5.75 -2.55
C ARG J 126 22.84 4.48 -3.38
N GLN J 127 23.13 3.31 -2.81
CA GLN J 127 22.97 2.03 -3.48
C GLN J 127 21.69 1.31 -3.05
N ARG J 128 21.50 1.16 -1.73
CA ARG J 128 20.31 0.47 -1.24
C ARG J 128 19.03 1.25 -1.56
N ASP J 129 19.09 2.58 -1.51
CA ASP J 129 17.89 3.38 -1.76
C ASP J 129 17.44 3.25 -3.20
N ALA J 130 18.38 3.26 -4.15
CA ALA J 130 18.03 3.03 -5.55
C ALA J 130 17.62 1.59 -5.82
N LEU J 131 17.92 0.67 -4.90
CA LEU J 131 17.51 -0.72 -5.07
C LEU J 131 16.00 -0.86 -4.87
N THR J 132 15.49 -0.45 -3.70
CA THR J 132 14.05 -0.48 -3.47
C THR J 132 13.32 0.56 -4.32
N ALA J 133 14.02 1.54 -4.88
CA ALA J 133 13.42 2.38 -5.90
C ALA J 133 13.26 1.63 -7.22
N LEU J 134 14.07 0.59 -7.44
CA LEU J 134 13.85 -0.35 -8.53
C LEU J 134 12.93 -1.48 -8.15
N ASN J 135 12.96 -1.91 -6.88
CA ASN J 135 11.95 -2.85 -6.39
C ASN J 135 10.56 -2.24 -6.40
N GLU J 136 10.47 -0.90 -6.34
CA GLU J 136 9.18 -0.24 -6.56
C GLU J 136 8.79 -0.26 -8.04
N LEU J 137 9.78 -0.23 -8.93
CA LEU J 137 9.51 -0.40 -10.35
C LEU J 137 8.93 -1.77 -10.65
N ARG J 138 9.19 -2.76 -9.79
CA ARG J 138 8.55 -4.06 -9.92
C ARG J 138 7.04 -3.93 -9.85
N ARG J 139 6.54 -3.20 -8.84
CA ARG J 139 5.09 -3.08 -8.66
C ARG J 139 4.44 -2.37 -9.83
N ASP J 140 5.07 -1.33 -10.37
CA ASP J 140 4.48 -0.61 -11.49
C ASP J 140 4.33 -1.49 -12.72
N TYR J 141 5.04 -2.61 -12.77
CA TYR J 141 4.81 -3.68 -13.74
C TYR J 141 4.00 -4.82 -13.14
N GLU J 142 4.24 -5.15 -11.88
CA GLU J 142 3.51 -6.22 -11.22
C GLU J 142 2.05 -5.81 -10.93
N ARG J 143 1.77 -4.52 -10.86
CA ARG J 143 0.38 -4.07 -10.76
C ARG J 143 -0.30 -3.99 -12.12
N MET J 144 0.47 -4.03 -13.21
CA MET J 144 -0.15 -4.04 -14.54
C MET J 144 -1.04 -5.26 -14.73
N PHE J 145 -0.58 -6.43 -14.27
CA PHE J 145 -1.36 -7.65 -14.44
C PHE J 145 -2.48 -7.77 -13.42
N ARG J 146 -2.37 -7.11 -12.27
CA ARG J 146 -3.54 -6.91 -11.43
C ARG J 146 -4.49 -5.90 -12.06
N ARG J 147 -3.93 -4.91 -12.77
CA ARG J 147 -4.71 -3.92 -13.51
C ARG J 147 -5.36 -4.48 -14.76
N VAL J 148 -5.05 -5.71 -15.15
CA VAL J 148 -5.69 -6.32 -16.32
C VAL J 148 -6.32 -7.66 -16.01
N ILE J 149 -5.91 -8.37 -14.95
CA ILE J 149 -6.71 -9.48 -14.47
C ILE J 149 -8.07 -8.98 -14.02
N ALA J 150 -8.10 -7.87 -13.28
CA ALA J 150 -9.35 -7.32 -12.78
C ALA J 150 -10.26 -6.87 -13.92
N GLU J 151 -9.69 -6.31 -14.99
CA GLU J 151 -10.51 -5.93 -16.12
C GLU J 151 -11.18 -7.15 -16.75
N GLY J 152 -10.46 -8.27 -16.81
CA GLY J 152 -11.00 -9.52 -17.30
C GLY J 152 -11.57 -10.43 -16.25
N ILE J 153 -11.44 -10.09 -14.96
CA ILE J 153 -11.99 -10.96 -13.92
C ILE J 153 -13.51 -10.81 -13.89
N ALA J 154 -14.02 -9.65 -14.30
CA ALA J 154 -15.45 -9.38 -14.32
C ALA J 154 -16.01 -9.13 -15.72
N ASP J 155 -15.15 -8.97 -16.72
CA ASP J 155 -15.64 -8.81 -18.10
C ASP J 155 -16.37 -10.06 -18.56
N GLY J 156 -15.91 -11.23 -18.11
CA GLY J 156 -16.59 -12.48 -18.41
C GLY J 156 -15.66 -13.58 -18.88
N SER J 157 -14.37 -13.27 -18.98
CA SER J 157 -13.41 -14.23 -19.51
C SER J 157 -12.95 -15.22 -18.44
N LEU J 158 -12.32 -14.71 -17.40
CA LEU J 158 -11.73 -15.55 -16.37
C LEU J 158 -12.73 -15.87 -15.27
N ARG J 159 -12.57 -17.04 -14.67
CA ARG J 159 -13.43 -17.43 -13.57
C ARG J 159 -13.16 -16.56 -12.35
N ARG J 160 -14.19 -16.41 -11.51
CA ARG J 160 -14.07 -15.59 -10.30
C ARG J 160 -13.03 -16.21 -9.38
N VAL J 161 -11.91 -15.51 -9.18
CA VAL J 161 -10.85 -15.96 -8.29
C VAL J 161 -10.17 -14.71 -7.73
N ASP J 162 -9.38 -14.91 -6.68
CA ASP J 162 -8.86 -13.80 -5.89
C ASP J 162 -8.11 -12.81 -6.78
N GLU J 163 -8.42 -11.52 -6.58
CA GLU J 163 -7.85 -10.47 -7.44
C GLU J 163 -6.33 -10.38 -7.27
N ALA J 164 -5.84 -10.53 -6.03
CA ALA J 164 -4.42 -10.40 -5.76
C ALA J 164 -3.69 -11.73 -5.87
N LEU J 165 -4.29 -12.81 -5.37
CA LEU J 165 -3.63 -14.11 -5.41
C LEU J 165 -3.42 -14.58 -6.83
N ALA J 166 -4.37 -14.29 -7.73
CA ALA J 166 -4.20 -14.64 -9.13
C ALA J 166 -3.01 -13.91 -9.74
N THR J 167 -2.84 -12.63 -9.41
CA THR J 167 -1.70 -11.88 -9.90
C THR J 167 -0.41 -12.31 -9.22
N ARG J 168 -0.48 -12.66 -7.92
CA ARG J 168 0.71 -13.17 -7.25
C ARG J 168 1.24 -14.43 -7.92
N THR J 169 0.35 -15.41 -8.16
CA THR J 169 0.77 -16.69 -8.71
C THR J 169 1.24 -16.55 -10.14
N LEU J 170 0.36 -16.11 -11.05
CA LEU J 170 0.66 -16.18 -12.48
C LEU J 170 1.90 -15.36 -12.84
N LEU J 171 2.19 -14.30 -12.08
CA LEU J 171 3.43 -13.58 -12.27
C LEU J 171 4.62 -14.42 -11.81
N SER J 172 4.59 -14.89 -10.57
CA SER J 172 5.63 -15.82 -10.13
C SER J 172 5.62 -17.08 -10.96
N ASN J 173 4.47 -17.45 -11.51
CA ASN J 173 4.34 -18.59 -12.41
C ASN J 173 4.67 -18.28 -13.86
N LEU J 174 4.85 -17.00 -14.20
CA LEU J 174 5.43 -16.64 -15.49
C LEU J 174 6.95 -16.61 -15.44
N ASN J 175 7.55 -16.96 -14.32
CA ASN J 175 8.99 -16.85 -14.14
C ASN J 175 9.67 -18.15 -13.75
N ALA J 176 8.94 -19.14 -13.24
CA ALA J 176 9.52 -20.45 -13.02
C ALA J 176 9.88 -21.15 -14.33
N VAL J 177 9.63 -20.50 -15.47
CA VAL J 177 10.06 -21.03 -16.75
C VAL J 177 11.58 -21.07 -16.82
N ASP J 178 12.26 -20.10 -16.19
CA ASP J 178 13.71 -20.08 -16.18
C ASP J 178 14.32 -21.21 -15.35
N VAL J 179 13.51 -21.87 -14.51
CA VAL J 179 14.03 -22.98 -13.72
C VAL J 179 14.49 -24.11 -14.62
N TRP J 180 13.88 -24.26 -15.80
CA TRP J 180 14.26 -25.30 -16.75
C TRP J 180 14.70 -24.77 -18.11
N TYR J 181 14.28 -23.56 -18.49
CA TYR J 181 14.60 -23.05 -19.82
C TYR J 181 16.09 -22.80 -19.97
N ARG J 182 16.64 -23.20 -21.11
CA ARG J 182 18.01 -22.92 -21.48
C ARG J 182 18.04 -22.43 -22.92
N LYS J 183 18.74 -21.32 -23.16
CA LYS J 183 18.76 -20.72 -24.49
C LYS J 183 19.44 -21.65 -25.49
N ILE J 184 18.96 -21.62 -26.74
CA ILE J 184 19.45 -22.47 -27.81
C ILE J 184 20.00 -21.57 -28.92
N GLU J 185 21.13 -21.96 -29.48
CA GLU J 185 21.76 -21.19 -30.55
C GLU J 185 20.82 -20.99 -31.73
N GLY J 186 20.74 -19.75 -32.20
CA GLY J 186 19.97 -19.43 -33.40
C GLY J 186 18.51 -19.80 -33.33
N GLN J 187 17.87 -19.58 -32.18
CA GLN J 187 16.46 -19.89 -32.03
C GLN J 187 15.64 -18.99 -32.95
N THR J 188 14.80 -19.60 -33.78
CA THR J 188 13.98 -18.84 -34.70
C THR J 188 12.87 -18.11 -33.96
N GLY J 189 12.44 -16.99 -34.52
CA GLY J 189 11.41 -16.19 -33.87
C GLY J 189 10.11 -16.94 -33.69
N GLU J 190 9.71 -17.72 -34.71
CA GLU J 190 8.50 -18.54 -34.60
C GLU J 190 8.67 -19.68 -33.61
N GLU J 191 9.90 -20.12 -33.35
CA GLU J 191 10.13 -21.16 -32.37
C GLU J 191 10.00 -20.65 -30.94
N ILE J 192 10.48 -19.43 -30.70
CA ILE J 192 10.37 -18.84 -29.37
C ILE J 192 8.90 -18.53 -29.05
N ARG J 193 8.19 -17.94 -30.01
CA ARG J 193 6.76 -17.68 -29.81
C ARG J 193 5.99 -18.99 -29.62
N GLU J 194 6.38 -20.02 -30.36
CA GLU J 194 5.79 -21.35 -30.18
C GLU J 194 5.88 -21.80 -28.72
N LEU J 195 7.09 -21.85 -28.17
CA LEU J 195 7.28 -22.32 -26.81
C LEU J 195 6.71 -21.33 -25.78
N ALA J 196 6.74 -20.04 -26.10
CA ALA J 196 6.21 -19.04 -25.17
C ALA J 196 4.72 -19.25 -24.95
N SER J 197 3.95 -19.41 -26.04
CA SER J 197 2.51 -19.59 -25.90
C SER J 197 2.13 -21.00 -25.49
N GLN J 198 3.03 -21.98 -25.64
CA GLN J 198 2.75 -23.32 -25.17
C GLN J 198 2.60 -23.34 -23.65
N VAL J 199 3.47 -22.62 -22.93
CA VAL J 199 3.34 -22.54 -21.48
C VAL J 199 2.34 -21.47 -21.06
N VAL J 200 2.10 -20.45 -21.88
CA VAL J 200 1.05 -19.50 -21.57
C VAL J 200 -0.31 -20.18 -21.61
N ASP J 201 -0.58 -20.95 -22.67
CA ASP J 201 -1.78 -21.77 -22.70
C ASP J 201 -1.82 -22.70 -21.50
N MET J 202 -0.65 -23.24 -21.11
CA MET J 202 -0.55 -23.98 -19.87
C MET J 202 -0.88 -23.10 -18.66
N LEU J 203 -0.46 -21.83 -18.70
CA LEU J 203 -0.63 -20.96 -17.54
C LEU J 203 -2.07 -20.47 -17.41
N ILE J 204 -2.58 -19.76 -18.42
CA ILE J 204 -3.95 -19.28 -18.36
C ILE J 204 -4.95 -20.43 -18.41
N GLY J 205 -4.70 -21.41 -19.28
CA GLY J 205 -5.66 -22.50 -19.45
C GLY J 205 -5.58 -23.56 -18.38
N GLY J 206 -4.40 -23.79 -17.81
CA GLY J 206 -4.26 -24.83 -16.82
C GLY J 206 -4.39 -26.21 -17.44
N LEU J 207 -4.76 -27.17 -16.59
CA LEU J 207 -4.98 -28.55 -17.02
C LEU J 207 -6.47 -28.83 -17.20
N ALA J 208 -7.26 -28.70 -16.13
CA ALA J 208 -8.72 -28.71 -16.16
C ALA J 208 -9.32 -29.66 -17.19
N ASP J 209 -10.28 -29.17 -17.97
CA ASP J 209 -10.86 -29.91 -19.08
C ASP J 209 -11.31 -28.95 -20.18
#